data_7QYT
# 
_entry.id   7QYT 
# 
_audit_conform.dict_name       mmcif_pdbx.dic 
_audit_conform.dict_version    5.384 
_audit_conform.dict_location   http://mmcif.pdb.org/dictionaries/ascii/mmcif_pdbx.dic 
# 
loop_
_database_2.database_id 
_database_2.database_code 
_database_2.pdbx_database_accession 
_database_2.pdbx_DOI 
PDB   7QYT         pdb_00007qyt 10.2210/pdb7qyt/pdb 
WWPDB D_1292120654 ?            ?                   
# 
loop_
_pdbx_audit_revision_history.ordinal 
_pdbx_audit_revision_history.data_content_type 
_pdbx_audit_revision_history.major_revision 
_pdbx_audit_revision_history.minor_revision 
_pdbx_audit_revision_history.revision_date 
1 'Structure model' 1 0 2022-09-28 
2 'Structure model' 1 1 2024-01-31 
# 
_pdbx_audit_revision_details.ordinal             1 
_pdbx_audit_revision_details.revision_ordinal    1 
_pdbx_audit_revision_details.data_content_type   'Structure model' 
_pdbx_audit_revision_details.provider            repository 
_pdbx_audit_revision_details.type                'Initial release' 
_pdbx_audit_revision_details.description         ? 
_pdbx_audit_revision_details.details             ? 
# 
loop_
_pdbx_audit_revision_group.ordinal 
_pdbx_audit_revision_group.revision_ordinal 
_pdbx_audit_revision_group.data_content_type 
_pdbx_audit_revision_group.group 
1 2 'Structure model' 'Data collection'        
2 2 'Structure model' 'Refinement description' 
# 
loop_
_pdbx_audit_revision_category.ordinal 
_pdbx_audit_revision_category.revision_ordinal 
_pdbx_audit_revision_category.data_content_type 
_pdbx_audit_revision_category.category 
1 2 'Structure model' chem_comp_atom                
2 2 'Structure model' chem_comp_bond                
3 2 'Structure model' pdbx_initial_refinement_model 
# 
_pdbx_database_status.status_code                     REL 
_pdbx_database_status.status_code_sf                  REL 
_pdbx_database_status.status_code_mr                  ? 
_pdbx_database_status.entry_id                        7QYT 
_pdbx_database_status.recvd_initial_deposition_date   2022-01-29 
_pdbx_database_status.SG_entry                        N 
_pdbx_database_status.deposit_site                    PDBE 
_pdbx_database_status.process_site                    PDBE 
_pdbx_database_status.status_code_cs                  ? 
_pdbx_database_status.status_code_nmr_data            ? 
_pdbx_database_status.methods_development_category    ? 
_pdbx_database_status.pdb_format_compatible           Y 
# 
loop_
_pdbx_database_related.db_name 
_pdbx_database_related.details 
_pdbx_database_related.db_id 
_pdbx_database_related.content_type 
PDB '7QXL contains the same protein complexed with a similar ligand.' 7QXL unspecified 
PDB '7QYE contains the same protein complexed with a similar ligand.' 7QYE unspecified 
PDB '7QYO contains the same protein complexed with a similar ligand.' 7QYO unspecified 
# 
_pdbx_contact_author.id                 2 
_pdbx_contact_author.email              graziano.lolli@unitn.it 
_pdbx_contact_author.name_first         Graziano 
_pdbx_contact_author.name_last          Lolli 
_pdbx_contact_author.name_mi            ? 
_pdbx_contact_author.role               'principal investigator/group leader' 
_pdbx_contact_author.identifier_ORCID   0000-0002-8536-5599 
# 
loop_
_audit_author.name 
_audit_author.pdbx_ordinal 
_audit_author.identifier_ORCID 
'Dalle Vedove, A.' 1 ? 
'Cazzanelli, G.'   2 ? 
'Caflisch, A.'     3 ? 
'Lolli, G.'        4 ? 
# 
_citation.abstract                  ? 
_citation.abstract_id_CAS           ? 
_citation.book_id_ISBN              ? 
_citation.book_publisher            ? 
_citation.book_publisher_city       ? 
_citation.book_title                ? 
_citation.coordinate_linkage        ? 
_citation.country                   US 
_citation.database_id_Medline       ? 
_citation.details                   ? 
_citation.id                        primary 
_citation.journal_abbrev            'Acs Med.Chem.Lett.' 
_citation.journal_id_ASTM           ? 
_citation.journal_id_CSD            ? 
_citation.journal_id_ISSN           1948-5875 
_citation.journal_full              ? 
_citation.journal_issue             ? 
_citation.journal_volume            13 
_citation.language                  ? 
_citation.page_first                1434 
_citation.page_last                 1443 
_citation.title                     'Identification of a BAZ2A-Bromodomain Hit Compound by Fragment Growing.' 
_citation.year                      2022 
_citation.database_id_CSD           ? 
_citation.pdbx_database_id_DOI      10.1021/acsmedchemlett.2c00173 
_citation.pdbx_database_id_PubMed   36105334 
_citation.pdbx_database_id_patent   ? 
_citation.unpublished_flag          ? 
# 
loop_
_citation_author.citation_id 
_citation_author.name 
_citation_author.ordinal 
_citation_author.identifier_ORCID 
primary 'Dalle Vedove, A.'   1 ?                   
primary 'Cazzanelli, G.'     2 ?                   
primary 'Batiste, L.'        3 ?                   
primary 'Marchand, J.R.'     4 0000-0002-8002-9457 
primary 'Spiliotopoulos, D.' 5 ?                   
primary 'Corsi, J.'          6 ?                   
primary 
;D'Agostino, V.G.
;
7 ?                   
primary 'Caflisch, A.'       8 0000-0002-2317-6792 
primary 'Lolli, G.'          9 0000-0002-8536-5599 
# 
loop_
_entity.id 
_entity.type 
_entity.src_method 
_entity.pdbx_description 
_entity.formula_weight 
_entity.pdbx_number_of_molecules 
_entity.pdbx_ec 
_entity.pdbx_mutation 
_entity.pdbx_fragment 
_entity.details 
1 polymer     man 'Bromodomain adjacent to zinc finger domain protein 2A'                           12363.872 1 ? 
'First two residues SM derive from the expression tag; double mutant E1845H/L1848S.' 'Bromodomain (residues 1796-1899)' ? 
2 non-polymer syn '3-methyl-1-(2-piperazin-1-yl-1,3-thiazol-4-yl)-2,5,6,7-tetrahydroisoindol-4-one' 316.421   2 ? ? ? ? 
3 water       nat water                                                                             18.015    7 ? ? ? ? 
# 
_entity_name_com.entity_id   1 
_entity_name_com.name        'Transcription termination factor I-interacting protein 5,Tip5,hWALp3' 
# 
_entity_poly.entity_id                      1 
_entity_poly.type                           'polypeptide(L)' 
_entity_poly.nstd_linkage                   no 
_entity_poly.nstd_monomer                   no 
_entity_poly.pdbx_seq_one_letter_code       
;SMHSDLTFCEIILMEMESHDAAWPFLEPVNPRLVSGYRRIIKNPMDFSTMRHRLSRGGYTSSEEFAADALLVFDNCQTFN
EDDSEVGKAGHIMRRFFESRWEEFY
;
_entity_poly.pdbx_seq_one_letter_code_can   
;SMHSDLTFCEIILMEMESHDAAWPFLEPVNPRLVSGYRRIIKNPMDFSTMRHRLSRGGYTSSEEFAADALLVFDNCQTFN
EDDSEVGKAGHIMRRFFESRWEEFY
;
_entity_poly.pdbx_strand_id                 A 
_entity_poly.pdbx_target_identifier         ? 
# 
loop_
_pdbx_entity_nonpoly.entity_id 
_pdbx_entity_nonpoly.name 
_pdbx_entity_nonpoly.comp_id 
2 '3-methyl-1-(2-piperazin-1-yl-1,3-thiazol-4-yl)-2,5,6,7-tetrahydroisoindol-4-one' GJI 
3 water                                                                             HOH 
# 
loop_
_entity_poly_seq.entity_id 
_entity_poly_seq.num 
_entity_poly_seq.mon_id 
_entity_poly_seq.hetero 
1 1   SER n 
1 2   MET n 
1 3   HIS n 
1 4   SER n 
1 5   ASP n 
1 6   LEU n 
1 7   THR n 
1 8   PHE n 
1 9   CYS n 
1 10  GLU n 
1 11  ILE n 
1 12  ILE n 
1 13  LEU n 
1 14  MET n 
1 15  GLU n 
1 16  MET n 
1 17  GLU n 
1 18  SER n 
1 19  HIS n 
1 20  ASP n 
1 21  ALA n 
1 22  ALA n 
1 23  TRP n 
1 24  PRO n 
1 25  PHE n 
1 26  LEU n 
1 27  GLU n 
1 28  PRO n 
1 29  VAL n 
1 30  ASN n 
1 31  PRO n 
1 32  ARG n 
1 33  LEU n 
1 34  VAL n 
1 35  SER n 
1 36  GLY n 
1 37  TYR n 
1 38  ARG n 
1 39  ARG n 
1 40  ILE n 
1 41  ILE n 
1 42  LYS n 
1 43  ASN n 
1 44  PRO n 
1 45  MET n 
1 46  ASP n 
1 47  PHE n 
1 48  SER n 
1 49  THR n 
1 50  MET n 
1 51  ARG n 
1 52  HIS n 
1 53  ARG n 
1 54  LEU n 
1 55  SER n 
1 56  ARG n 
1 57  GLY n 
1 58  GLY n 
1 59  TYR n 
1 60  THR n 
1 61  SER n 
1 62  SER n 
1 63  GLU n 
1 64  GLU n 
1 65  PHE n 
1 66  ALA n 
1 67  ALA n 
1 68  ASP n 
1 69  ALA n 
1 70  LEU n 
1 71  LEU n 
1 72  VAL n 
1 73  PHE n 
1 74  ASP n 
1 75  ASN n 
1 76  CYS n 
1 77  GLN n 
1 78  THR n 
1 79  PHE n 
1 80  ASN n 
1 81  GLU n 
1 82  ASP n 
1 83  ASP n 
1 84  SER n 
1 85  GLU n 
1 86  VAL n 
1 87  GLY n 
1 88  LYS n 
1 89  ALA n 
1 90  GLY n 
1 91  HIS n 
1 92  ILE n 
1 93  MET n 
1 94  ARG n 
1 95  ARG n 
1 96  PHE n 
1 97  PHE n 
1 98  GLU n 
1 99  SER n 
1 100 ARG n 
1 101 TRP n 
1 102 GLU n 
1 103 GLU n 
1 104 PHE n 
1 105 TYR n 
# 
_entity_src_gen.entity_id                          1 
_entity_src_gen.pdbx_src_id                        1 
_entity_src_gen.pdbx_alt_source_flag               sample 
_entity_src_gen.pdbx_seq_type                      'Biological sequence' 
_entity_src_gen.pdbx_beg_seq_num                   1 
_entity_src_gen.pdbx_end_seq_num                   105 
_entity_src_gen.gene_src_common_name               human 
_entity_src_gen.gene_src_genus                     ? 
_entity_src_gen.pdbx_gene_src_gene                 'BAZ2A, KIAA0314, TIP5' 
_entity_src_gen.gene_src_species                   ? 
_entity_src_gen.gene_src_strain                    ? 
_entity_src_gen.gene_src_tissue                    ? 
_entity_src_gen.gene_src_tissue_fraction           ? 
_entity_src_gen.gene_src_details                   ? 
_entity_src_gen.pdbx_gene_src_fragment             ? 
_entity_src_gen.pdbx_gene_src_scientific_name      'Homo sapiens' 
_entity_src_gen.pdbx_gene_src_ncbi_taxonomy_id     9606 
_entity_src_gen.pdbx_gene_src_variant              ? 
_entity_src_gen.pdbx_gene_src_cell_line            ? 
_entity_src_gen.pdbx_gene_src_atcc                 ? 
_entity_src_gen.pdbx_gene_src_organ                ? 
_entity_src_gen.pdbx_gene_src_organelle            ? 
_entity_src_gen.pdbx_gene_src_cell                 ? 
_entity_src_gen.pdbx_gene_src_cellular_location    ? 
_entity_src_gen.host_org_common_name               ? 
_entity_src_gen.pdbx_host_org_scientific_name      'Escherichia coli' 
_entity_src_gen.pdbx_host_org_ncbi_taxonomy_id     562 
_entity_src_gen.host_org_genus                     ? 
_entity_src_gen.pdbx_host_org_gene                 ? 
_entity_src_gen.pdbx_host_org_organ                ? 
_entity_src_gen.host_org_species                   ? 
_entity_src_gen.pdbx_host_org_tissue               ? 
_entity_src_gen.pdbx_host_org_tissue_fraction      ? 
_entity_src_gen.pdbx_host_org_strain               ? 
_entity_src_gen.pdbx_host_org_variant              ? 
_entity_src_gen.pdbx_host_org_cell_line            ? 
_entity_src_gen.pdbx_host_org_atcc                 ? 
_entity_src_gen.pdbx_host_org_culture_collection   ? 
_entity_src_gen.pdbx_host_org_cell                 ? 
_entity_src_gen.pdbx_host_org_organelle            ? 
_entity_src_gen.pdbx_host_org_cellular_location    ? 
_entity_src_gen.pdbx_host_org_vector_type          ? 
_entity_src_gen.pdbx_host_org_vector               ? 
_entity_src_gen.host_org_details                   ? 
_entity_src_gen.expression_system_id               ? 
_entity_src_gen.plasmid_name                       ? 
_entity_src_gen.plasmid_details                    ? 
_entity_src_gen.pdbx_description                   ? 
# 
loop_
_chem_comp.id 
_chem_comp.type 
_chem_comp.mon_nstd_flag 
_chem_comp.name 
_chem_comp.pdbx_synonyms 
_chem_comp.formula 
_chem_comp.formula_weight 
ALA 'L-peptide linking' y ALANINE                                                                           ? 'C3 H7 N O2'     
89.093  
ARG 'L-peptide linking' y ARGININE                                                                          ? 'C6 H15 N4 O2 1' 
175.209 
ASN 'L-peptide linking' y ASPARAGINE                                                                        ? 'C4 H8 N2 O3'    
132.118 
ASP 'L-peptide linking' y 'ASPARTIC ACID'                                                                   ? 'C4 H7 N O4'     
133.103 
CYS 'L-peptide linking' y CYSTEINE                                                                          ? 'C3 H7 N O2 S'   
121.158 
GJI non-polymer         . '3-methyl-1-(2-piperazin-1-yl-1,3-thiazol-4-yl)-2,5,6,7-tetrahydroisoindol-4-one' ? 'C16 H20 N4 O S' 
316.421 
GLN 'L-peptide linking' y GLUTAMINE                                                                         ? 'C5 H10 N2 O3'   
146.144 
GLU 'L-peptide linking' y 'GLUTAMIC ACID'                                                                   ? 'C5 H9 N O4'     
147.129 
GLY 'peptide linking'   y GLYCINE                                                                           ? 'C2 H5 N O2'     
75.067  
HIS 'L-peptide linking' y HISTIDINE                                                                         ? 'C6 H10 N3 O2 1' 
156.162 
HOH non-polymer         . WATER                                                                             ? 'H2 O'           
18.015  
ILE 'L-peptide linking' y ISOLEUCINE                                                                        ? 'C6 H13 N O2'    
131.173 
LEU 'L-peptide linking' y LEUCINE                                                                           ? 'C6 H13 N O2'    
131.173 
LYS 'L-peptide linking' y LYSINE                                                                            ? 'C6 H15 N2 O2 1' 
147.195 
MET 'L-peptide linking' y METHIONINE                                                                        ? 'C5 H11 N O2 S'  
149.211 
PHE 'L-peptide linking' y PHENYLALANINE                                                                     ? 'C9 H11 N O2'    
165.189 
PRO 'L-peptide linking' y PROLINE                                                                           ? 'C5 H9 N O2'     
115.130 
SER 'L-peptide linking' y SERINE                                                                            ? 'C3 H7 N O3'     
105.093 
THR 'L-peptide linking' y THREONINE                                                                         ? 'C4 H9 N O3'     
119.119 
TRP 'L-peptide linking' y TRYPTOPHAN                                                                        ? 'C11 H12 N2 O2'  
204.225 
TYR 'L-peptide linking' y TYROSINE                                                                          ? 'C9 H11 N O3'    
181.189 
VAL 'L-peptide linking' y VALINE                                                                            ? 'C5 H11 N O2'    
117.146 
# 
loop_
_pdbx_poly_seq_scheme.asym_id 
_pdbx_poly_seq_scheme.entity_id 
_pdbx_poly_seq_scheme.seq_id 
_pdbx_poly_seq_scheme.mon_id 
_pdbx_poly_seq_scheme.ndb_seq_num 
_pdbx_poly_seq_scheme.pdb_seq_num 
_pdbx_poly_seq_scheme.auth_seq_num 
_pdbx_poly_seq_scheme.pdb_mon_id 
_pdbx_poly_seq_scheme.auth_mon_id 
_pdbx_poly_seq_scheme.pdb_strand_id 
_pdbx_poly_seq_scheme.pdb_ins_code 
_pdbx_poly_seq_scheme.hetero 
A 1 1   SER 1   1794 ?    ?   ?   A . n 
A 1 2   MET 2   1795 ?    ?   ?   A . n 
A 1 3   HIS 3   1796 ?    ?   ?   A . n 
A 1 4   SER 4   1797 1797 SER SER A . n 
A 1 5   ASP 5   1798 1798 ASP ASP A . n 
A 1 6   LEU 6   1799 1799 LEU LEU A . n 
A 1 7   THR 7   1800 1800 THR THR A . n 
A 1 8   PHE 8   1801 1801 PHE PHE A . n 
A 1 9   CYS 9   1802 1802 CYS CYS A . n 
A 1 10  GLU 10  1803 1803 GLU GLU A . n 
A 1 11  ILE 11  1804 1804 ILE ILE A . n 
A 1 12  ILE 12  1805 1805 ILE ILE A . n 
A 1 13  LEU 13  1806 1806 LEU LEU A . n 
A 1 14  MET 14  1807 1807 MET MET A . n 
A 1 15  GLU 15  1808 1808 GLU GLU A . n 
A 1 16  MET 16  1809 1809 MET MET A . n 
A 1 17  GLU 17  1810 1810 GLU GLU A . n 
A 1 18  SER 18  1811 1811 SER SER A . n 
A 1 19  HIS 19  1812 1812 HIS HIS A . n 
A 1 20  ASP 20  1813 1813 ASP ASP A . n 
A 1 21  ALA 21  1814 1814 ALA ALA A . n 
A 1 22  ALA 22  1815 1815 ALA ALA A . n 
A 1 23  TRP 23  1816 1816 TRP TRP A . n 
A 1 24  PRO 24  1817 1817 PRO PRO A . n 
A 1 25  PHE 25  1818 1818 PHE PHE A . n 
A 1 26  LEU 26  1819 1819 LEU LEU A . n 
A 1 27  GLU 27  1820 1820 GLU GLU A . n 
A 1 28  PRO 28  1821 1821 PRO PRO A . n 
A 1 29  VAL 29  1822 1822 VAL VAL A . n 
A 1 30  ASN 30  1823 1823 ASN ASN A . n 
A 1 31  PRO 31  1824 1824 PRO PRO A . n 
A 1 32  ARG 32  1825 1825 ARG ARG A . n 
A 1 33  LEU 33  1826 1826 LEU LEU A . n 
A 1 34  VAL 34  1827 1827 VAL VAL A . n 
A 1 35  SER 35  1828 1828 SER SER A . n 
A 1 36  GLY 36  1829 1829 GLY GLY A . n 
A 1 37  TYR 37  1830 1830 TYR TYR A . n 
A 1 38  ARG 38  1831 1831 ARG ARG A . n 
A 1 39  ARG 39  1832 1832 ARG ARG A . n 
A 1 40  ILE 40  1833 1833 ILE ILE A . n 
A 1 41  ILE 41  1834 1834 ILE ILE A . n 
A 1 42  LYS 42  1835 1835 LYS LYS A . n 
A 1 43  ASN 43  1836 1836 ASN ASN A . n 
A 1 44  PRO 44  1837 1837 PRO PRO A . n 
A 1 45  MET 45  1838 1838 MET MET A . n 
A 1 46  ASP 46  1839 1839 ASP ASP A . n 
A 1 47  PHE 47  1840 1840 PHE PHE A . n 
A 1 48  SER 48  1841 1841 SER SER A . n 
A 1 49  THR 49  1842 1842 THR THR A . n 
A 1 50  MET 50  1843 1843 MET MET A . n 
A 1 51  ARG 51  1844 1844 ARG ARG A . n 
A 1 52  HIS 52  1845 1845 HIS HIS A . n 
A 1 53  ARG 53  1846 1846 ARG ARG A . n 
A 1 54  LEU 54  1847 1847 LEU LEU A . n 
A 1 55  SER 55  1848 1848 SER SER A . n 
A 1 56  ARG 56  1849 1849 ARG ARG A . n 
A 1 57  GLY 57  1850 1850 GLY GLY A . n 
A 1 58  GLY 58  1851 1851 GLY GLY A . n 
A 1 59  TYR 59  1852 1852 TYR TYR A . n 
A 1 60  THR 60  1853 1853 THR THR A . n 
A 1 61  SER 61  1854 1854 SER SER A . n 
A 1 62  SER 62  1855 1855 SER SER A . n 
A 1 63  GLU 63  1856 1856 GLU GLU A . n 
A 1 64  GLU 64  1857 1857 GLU GLU A . n 
A 1 65  PHE 65  1858 1858 PHE PHE A . n 
A 1 66  ALA 66  1859 1859 ALA ALA A . n 
A 1 67  ALA 67  1860 1860 ALA ALA A . n 
A 1 68  ASP 68  1861 1861 ASP ASP A . n 
A 1 69  ALA 69  1862 1862 ALA ALA A . n 
A 1 70  LEU 70  1863 1863 LEU LEU A . n 
A 1 71  LEU 71  1864 1864 LEU LEU A . n 
A 1 72  VAL 72  1865 1865 VAL VAL A . n 
A 1 73  PHE 73  1866 1866 PHE PHE A . n 
A 1 74  ASP 74  1867 1867 ASP ASP A . n 
A 1 75  ASN 75  1868 1868 ASN ASN A . n 
A 1 76  CYS 76  1869 1869 CYS CYS A . n 
A 1 77  GLN 77  1870 1870 GLN GLN A . n 
A 1 78  THR 78  1871 1871 THR THR A . n 
A 1 79  PHE 79  1872 1872 PHE PHE A . n 
A 1 80  ASN 80  1873 1873 ASN ASN A . n 
A 1 81  GLU 81  1874 1874 GLU GLU A . n 
A 1 82  ASP 82  1875 1875 ASP ASP A . n 
A 1 83  ASP 83  1876 1876 ASP ASP A . n 
A 1 84  SER 84  1877 1877 SER SER A . n 
A 1 85  GLU 85  1878 1878 GLU GLU A . n 
A 1 86  VAL 86  1879 1879 VAL VAL A . n 
A 1 87  GLY 87  1880 1880 GLY GLY A . n 
A 1 88  LYS 88  1881 1881 LYS LYS A . n 
A 1 89  ALA 89  1882 1882 ALA ALA A . n 
A 1 90  GLY 90  1883 1883 GLY GLY A . n 
A 1 91  HIS 91  1884 1884 HIS HIS A . n 
A 1 92  ILE 92  1885 1885 ILE ILE A . n 
A 1 93  MET 93  1886 1886 MET MET A . n 
A 1 94  ARG 94  1887 1887 ARG ARG A . n 
A 1 95  ARG 95  1888 1888 ARG ARG A . n 
A 1 96  PHE 96  1889 1889 PHE PHE A . n 
A 1 97  PHE 97  1890 1890 PHE PHE A . n 
A 1 98  GLU 98  1891 1891 GLU GLU A . n 
A 1 99  SER 99  1892 1892 SER SER A . n 
A 1 100 ARG 100 1893 1893 ARG ARG A . n 
A 1 101 TRP 101 1894 1894 TRP TRP A . n 
A 1 102 GLU 102 1895 1895 GLU GLU A . n 
A 1 103 GLU 103 1896 1896 GLU GLU A . n 
A 1 104 PHE 104 1897 1897 PHE PHE A . n 
A 1 105 TYR 105 1898 1898 TYR TYR A . n 
# 
loop_
_pdbx_nonpoly_scheme.asym_id 
_pdbx_nonpoly_scheme.entity_id 
_pdbx_nonpoly_scheme.mon_id 
_pdbx_nonpoly_scheme.ndb_seq_num 
_pdbx_nonpoly_scheme.pdb_seq_num 
_pdbx_nonpoly_scheme.auth_seq_num 
_pdbx_nonpoly_scheme.pdb_mon_id 
_pdbx_nonpoly_scheme.auth_mon_id 
_pdbx_nonpoly_scheme.pdb_strand_id 
_pdbx_nonpoly_scheme.pdb_ins_code 
B 2 GJI 1 1901 1901 GJI 416 A . 
C 2 GJI 1 1902 2001 GJI 416 A . 
D 3 HOH 1 2001 5    HOH HOH A . 
D 3 HOH 2 2002 1    HOH HOH A . 
D 3 HOH 3 2003 6    HOH HOH A . 
D 3 HOH 4 2004 3    HOH HOH A . 
D 3 HOH 5 2005 7    HOH HOH A . 
D 3 HOH 6 2006 2    HOH HOH A . 
D 3 HOH 7 2007 4    HOH HOH A . 
# 
loop_
_software.citation_id 
_software.classification 
_software.compiler_name 
_software.compiler_version 
_software.contact_author 
_software.contact_author_email 
_software.date 
_software.description 
_software.dependencies 
_software.hardware 
_software.language 
_software.location 
_software.mods 
_software.name 
_software.os 
_software.os_version 
_software.type 
_software.version 
_software.pdbx_ordinal 
? refinement        ? ? ? ? ? ? ? ? ? ? ? PHENIX      ? ? ? 1.11.1 1 
? 'data reduction'  ? ? ? ? ? ? ? ? ? ? ? XDS         ? ? ? .      2 
? 'data scaling'    ? ? ? ? ? ? ? ? ? ? ? Aimless     ? ? ? 0.7.4  3 
? phasing           ? ? ? ? ? ? ? ? ? ? ? PHASER      ? ? ? .      4 
? 'data extraction' ? ? ? ? ? ? ? ? ? ? ? PDB_EXTRACT ? ? ? 3.27   5 
# 
_cell.angle_alpha                  90.000 
_cell.angle_alpha_esd              ? 
_cell.angle_beta                   90.000 
_cell.angle_beta_esd               ? 
_cell.angle_gamma                  120.000 
_cell.angle_gamma_esd              ? 
_cell.entry_id                     7QYT 
_cell.details                      ? 
_cell.formula_units_Z              ? 
_cell.length_a                     93.996 
_cell.length_a_esd                 ? 
_cell.length_b                     93.996 
_cell.length_b_esd                 ? 
_cell.length_c                     33.075 
_cell.length_c_esd                 ? 
_cell.volume                       ? 
_cell.volume_esd                   ? 
_cell.Z_PDB                        6 
_cell.reciprocal_angle_alpha       ? 
_cell.reciprocal_angle_beta        ? 
_cell.reciprocal_angle_gamma       ? 
_cell.reciprocal_angle_alpha_esd   ? 
_cell.reciprocal_angle_beta_esd    ? 
_cell.reciprocal_angle_gamma_esd   ? 
_cell.reciprocal_length_a          ? 
_cell.reciprocal_length_b          ? 
_cell.reciprocal_length_c          ? 
_cell.reciprocal_length_a_esd      ? 
_cell.reciprocal_length_b_esd      ? 
_cell.reciprocal_length_c_esd      ? 
_cell.pdbx_unique_axis             ? 
# 
_symmetry.entry_id                         7QYT 
_symmetry.cell_setting                     ? 
_symmetry.Int_Tables_number                152 
_symmetry.space_group_name_Hall            ? 
_symmetry.space_group_name_H-M             'P 31 2 1' 
_symmetry.pdbx_full_space_group_name_H-M   ? 
# 
_exptl.absorpt_coefficient_mu     ? 
_exptl.absorpt_correction_T_max   ? 
_exptl.absorpt_correction_T_min   ? 
_exptl.absorpt_correction_type    ? 
_exptl.absorpt_process_details    ? 
_exptl.entry_id                   7QYT 
_exptl.crystals_number            1 
_exptl.details                    ? 
_exptl.method                     'X-RAY DIFFRACTION' 
_exptl.method_details             ? 
# 
_exptl_crystal.colour                      ? 
_exptl_crystal.density_diffrn              ? 
_exptl_crystal.density_Matthews            3.41 
_exptl_crystal.density_method              ? 
_exptl_crystal.density_percent_sol         63.95 
_exptl_crystal.description                 ? 
_exptl_crystal.F_000                       ? 
_exptl_crystal.id                          1 
_exptl_crystal.preparation                 ? 
_exptl_crystal.size_max                    ? 
_exptl_crystal.size_mid                    ? 
_exptl_crystal.size_min                    ? 
_exptl_crystal.size_rad                    ? 
_exptl_crystal.colour_lustre               ? 
_exptl_crystal.colour_modifier             ? 
_exptl_crystal.colour_primary              ? 
_exptl_crystal.density_meas                ? 
_exptl_crystal.density_meas_esd            ? 
_exptl_crystal.density_meas_gt             ? 
_exptl_crystal.density_meas_lt             ? 
_exptl_crystal.density_meas_temp           ? 
_exptl_crystal.density_meas_temp_esd       ? 
_exptl_crystal.density_meas_temp_gt        ? 
_exptl_crystal.density_meas_temp_lt        ? 
_exptl_crystal.pdbx_crystal_image_url      ? 
_exptl_crystal.pdbx_crystal_image_format   ? 
_exptl_crystal.pdbx_mosaicity              0.390 
_exptl_crystal.pdbx_mosaicity_esd          ? 
# 
_exptl_crystal_grow.apparatus       ? 
_exptl_crystal_grow.atmosphere      ? 
_exptl_crystal_grow.crystal_id      1 
_exptl_crystal_grow.details         ? 
_exptl_crystal_grow.method          'VAPOR DIFFUSION, SITTING DROP' 
_exptl_crystal_grow.method_ref      ? 
_exptl_crystal_grow.pH              7.5 
_exptl_crystal_grow.pressure        ? 
_exptl_crystal_grow.pressure_esd    ? 
_exptl_crystal_grow.seeding         ? 
_exptl_crystal_grow.seeding_ref     ? 
_exptl_crystal_grow.temp            277 
_exptl_crystal_grow.temp_details    ? 
_exptl_crystal_grow.temp_esd        ? 
_exptl_crystal_grow.time            ? 
_exptl_crystal_grow.pdbx_details    '20% PEG3350, 0.2 M MgCl2' 
_exptl_crystal_grow.pdbx_pH_range   ? 
# 
_diffrn.ambient_environment              ? 
_diffrn.ambient_temp                     100 
_diffrn.ambient_temp_details             ? 
_diffrn.ambient_temp_esd                 ? 
_diffrn.crystal_id                       1 
_diffrn.crystal_support                  ? 
_diffrn.crystal_treatment                ? 
_diffrn.details                          ? 
_diffrn.id                               1 
_diffrn.ambient_pressure                 ? 
_diffrn.ambient_pressure_esd             ? 
_diffrn.ambient_pressure_gt              ? 
_diffrn.ambient_pressure_lt              ? 
_diffrn.ambient_temp_gt                  ? 
_diffrn.ambient_temp_lt                  ? 
_diffrn.pdbx_serial_crystal_experiment   N 
# 
_diffrn_detector.details                      ? 
_diffrn_detector.detector                     PIXEL 
_diffrn_detector.diffrn_id                    1 
_diffrn_detector.type                         'DECTRIS PILATUS 6M' 
_diffrn_detector.area_resol_mean              ? 
_diffrn_detector.dtime                        ? 
_diffrn_detector.pdbx_frames_total            ? 
_diffrn_detector.pdbx_collection_time_total   ? 
_diffrn_detector.pdbx_collection_date         2020-02-20 
_diffrn_detector.pdbx_frequency               ? 
# 
_diffrn_radiation.collimation                      ? 
_diffrn_radiation.diffrn_id                        1 
_diffrn_radiation.filter_edge                      ? 
_diffrn_radiation.inhomogeneity                    ? 
_diffrn_radiation.monochromator                    ? 
_diffrn_radiation.polarisn_norm                    ? 
_diffrn_radiation.polarisn_ratio                   ? 
_diffrn_radiation.probe                            ? 
_diffrn_radiation.type                             ? 
_diffrn_radiation.xray_symbol                      ? 
_diffrn_radiation.wavelength_id                    1 
_diffrn_radiation.pdbx_monochromatic_or_laue_m_l   M 
_diffrn_radiation.pdbx_wavelength_list             ? 
_diffrn_radiation.pdbx_wavelength                  ? 
_diffrn_radiation.pdbx_diffrn_protocol             'SINGLE WAVELENGTH' 
_diffrn_radiation.pdbx_analyzer                    ? 
_diffrn_radiation.pdbx_scattering_type             x-ray 
# 
_diffrn_radiation_wavelength.id           1 
_diffrn_radiation_wavelength.wavelength   0.9429 
_diffrn_radiation_wavelength.wt           1.0 
# 
_diffrn_source.current                     ? 
_diffrn_source.details                     ? 
_diffrn_source.diffrn_id                   1 
_diffrn_source.power                       ? 
_diffrn_source.size                        ? 
_diffrn_source.source                      SYNCHROTRON 
_diffrn_source.target                      ? 
_diffrn_source.type                        'ELETTRA BEAMLINE 11.2C' 
_diffrn_source.voltage                     ? 
_diffrn_source.take-off_angle              ? 
_diffrn_source.pdbx_wavelength_list        0.9429 
_diffrn_source.pdbx_wavelength             ? 
_diffrn_source.pdbx_synchrotron_beamline   11.2C 
_diffrn_source.pdbx_synchrotron_site       ELETTRA 
# 
_reflns.B_iso_Wilson_estimate                          ? 
_reflns.entry_id                                       7QYT 
_reflns.data_reduction_details                         ? 
_reflns.data_reduction_method                          ? 
_reflns.d_resolution_high                              2.600 
_reflns.d_resolution_low                               47.000 
_reflns.details                                        ? 
_reflns.limit_h_max                                    ? 
_reflns.limit_h_min                                    ? 
_reflns.limit_k_max                                    ? 
_reflns.limit_k_min                                    ? 
_reflns.limit_l_max                                    ? 
_reflns.limit_l_min                                    ? 
_reflns.number_all                                     ? 
_reflns.number_obs                                     5355 
_reflns.observed_criterion                             ? 
_reflns.observed_criterion_F_max                       ? 
_reflns.observed_criterion_F_min                       ? 
_reflns.observed_criterion_I_max                       ? 
_reflns.observed_criterion_I_min                       ? 
_reflns.observed_criterion_sigma_F                     ? 
_reflns.observed_criterion_sigma_I                     ? 
_reflns.percent_possible_obs                           100.000 
_reflns.R_free_details                                 ? 
_reflns.Rmerge_F_all                                   ? 
_reflns.Rmerge_F_obs                                   ? 
_reflns.Friedel_coverage                               ? 
_reflns.number_gt                                      ? 
_reflns.threshold_expression                           ? 
_reflns.pdbx_redundancy                                19.300 
_reflns.pdbx_Rmerge_I_obs                              0.198 
_reflns.pdbx_Rmerge_I_all                              ? 
_reflns.pdbx_Rsym_value                                ? 
_reflns.pdbx_netI_over_av_sigmaI                       ? 
_reflns.pdbx_netI_over_sigmaI                          16.500 
_reflns.pdbx_res_netI_over_av_sigmaI_2                 ? 
_reflns.pdbx_res_netI_over_sigmaI_2                    ? 
_reflns.pdbx_chi_squared                               ? 
_reflns.pdbx_scaling_rejects                           ? 
_reflns.pdbx_d_res_high_opt                            ? 
_reflns.pdbx_d_res_low_opt                             ? 
_reflns.pdbx_d_res_opt_method                          ? 
_reflns.phase_calculation_details                      ? 
_reflns.pdbx_Rrim_I_all                                0.203 
_reflns.pdbx_Rpim_I_all                                0.046 
_reflns.pdbx_d_opt                                     ? 
_reflns.pdbx_number_measured_all                       103184 
_reflns.pdbx_diffrn_id                                 1 
_reflns.pdbx_ordinal                                   1 
_reflns.pdbx_CC_half                                   0.999 
_reflns.pdbx_CC_star                                   ? 
_reflns.pdbx_R_split                                   ? 
_reflns.pdbx_aniso_diffraction_limit_axis_1_ortho[1]   ? 
_reflns.pdbx_aniso_diffraction_limit_axis_1_ortho[2]   ? 
_reflns.pdbx_aniso_diffraction_limit_axis_1_ortho[3]   ? 
_reflns.pdbx_aniso_diffraction_limit_axis_2_ortho[1]   ? 
_reflns.pdbx_aniso_diffraction_limit_axis_2_ortho[2]   ? 
_reflns.pdbx_aniso_diffraction_limit_axis_2_ortho[3]   ? 
_reflns.pdbx_aniso_diffraction_limit_axis_3_ortho[1]   ? 
_reflns.pdbx_aniso_diffraction_limit_axis_3_ortho[2]   ? 
_reflns.pdbx_aniso_diffraction_limit_axis_3_ortho[3]   ? 
_reflns.pdbx_aniso_diffraction_limit_1                 ? 
_reflns.pdbx_aniso_diffraction_limit_2                 ? 
_reflns.pdbx_aniso_diffraction_limit_3                 ? 
_reflns.pdbx_aniso_B_tensor_eigenvector_1_ortho[1]     ? 
_reflns.pdbx_aniso_B_tensor_eigenvector_1_ortho[2]     ? 
_reflns.pdbx_aniso_B_tensor_eigenvector_1_ortho[3]     ? 
_reflns.pdbx_aniso_B_tensor_eigenvector_2_ortho[1]     ? 
_reflns.pdbx_aniso_B_tensor_eigenvector_2_ortho[2]     ? 
_reflns.pdbx_aniso_B_tensor_eigenvector_2_ortho[3]     ? 
_reflns.pdbx_aniso_B_tensor_eigenvector_3_ortho[1]     ? 
_reflns.pdbx_aniso_B_tensor_eigenvector_3_ortho[2]     ? 
_reflns.pdbx_aniso_B_tensor_eigenvector_3_ortho[3]     ? 
_reflns.pdbx_aniso_B_tensor_eigenvalue_1               ? 
_reflns.pdbx_aniso_B_tensor_eigenvalue_2               ? 
_reflns.pdbx_aniso_B_tensor_eigenvalue_3               ? 
_reflns.pdbx_orthogonalization_convention              ? 
_reflns.pdbx_percent_possible_ellipsoidal              ? 
_reflns.pdbx_percent_possible_spherical                ? 
_reflns.pdbx_percent_possible_ellipsoidal_anomalous    ? 
_reflns.pdbx_percent_possible_spherical_anomalous      ? 
_reflns.pdbx_redundancy_anomalous                      ? 
_reflns.pdbx_CC_half_anomalous                         ? 
_reflns.pdbx_absDiff_over_sigma_anomalous              ? 
_reflns.pdbx_percent_possible_anomalous                ? 
_reflns.pdbx_observed_signal_threshold                 ? 
_reflns.pdbx_signal_type                               ? 
_reflns.pdbx_signal_details                            ? 
_reflns.pdbx_signal_software_id                        ? 
# 
loop_
_reflns_shell.d_res_high 
_reflns_shell.d_res_low 
_reflns_shell.meanI_over_sigI_all 
_reflns_shell.meanI_over_sigI_obs 
_reflns_shell.number_measured_all 
_reflns_shell.number_measured_obs 
_reflns_shell.number_possible 
_reflns_shell.number_unique_all 
_reflns_shell.number_unique_obs 
_reflns_shell.percent_possible_all 
_reflns_shell.percent_possible_obs 
_reflns_shell.Rmerge_F_all 
_reflns_shell.Rmerge_F_obs 
_reflns_shell.Rmerge_I_all 
_reflns_shell.Rmerge_I_obs 
_reflns_shell.meanI_over_sigI_gt 
_reflns_shell.meanI_over_uI_all 
_reflns_shell.meanI_over_uI_gt 
_reflns_shell.number_measured_gt 
_reflns_shell.number_unique_gt 
_reflns_shell.percent_possible_gt 
_reflns_shell.Rmerge_F_gt 
_reflns_shell.Rmerge_I_gt 
_reflns_shell.pdbx_redundancy 
_reflns_shell.pdbx_Rsym_value 
_reflns_shell.pdbx_chi_squared 
_reflns_shell.pdbx_netI_over_sigmaI_all 
_reflns_shell.pdbx_netI_over_sigmaI_obs 
_reflns_shell.pdbx_Rrim_I_all 
_reflns_shell.pdbx_Rpim_I_all 
_reflns_shell.pdbx_rejects 
_reflns_shell.pdbx_ordinal 
_reflns_shell.pdbx_diffrn_id 
_reflns_shell.pdbx_CC_half 
_reflns_shell.pdbx_CC_star 
_reflns_shell.pdbx_R_split 
_reflns_shell.pdbx_percent_possible_ellipsoidal 
_reflns_shell.pdbx_percent_possible_spherical 
_reflns_shell.pdbx_percent_possible_ellipsoidal_anomalous 
_reflns_shell.pdbx_percent_possible_spherical_anomalous 
_reflns_shell.pdbx_redundancy_anomalous 
_reflns_shell.pdbx_CC_half_anomalous 
_reflns_shell.pdbx_absDiff_over_sigma_anomalous 
_reflns_shell.pdbx_percent_possible_anomalous 
2.600 2.720  ? ? 12942 ? ? ? 643 100.000 ? ? ? ? 1.923 ? ? ? ? ? ? ? ? 20.100 ? ? ? 1.900  1.973 0.438 ? 1 1 0.791 ? ? ? ? ? ? ? ? 
? ? 
9.010 47.000 ? ? 2360  ? ? ? 149 99.300  ? ? ? ? 0.030 ? ? ? ? ? ? ? ? 15.800 ? ? ? 74.000 0.032 0.008 ? 2 1 1.000 ? ? ? ? ? ? ? ? 
? ? 
# 
_refine.aniso_B[1][1]                            ? 
_refine.aniso_B[1][2]                            ? 
_refine.aniso_B[1][3]                            ? 
_refine.aniso_B[2][2]                            ? 
_refine.aniso_B[2][3]                            ? 
_refine.aniso_B[3][3]                            ? 
_refine.B_iso_max                                106.850 
_refine.B_iso_mean                               64.4360 
_refine.B_iso_min                                41.740 
_refine.correlation_coeff_Fo_to_Fc               ? 
_refine.correlation_coeff_Fo_to_Fc_free          ? 
_refine.details                                  ? 
_refine.diff_density_max                         ? 
_refine.diff_density_max_esd                     ? 
_refine.diff_density_min                         ? 
_refine.diff_density_min_esd                     ? 
_refine.diff_density_rms                         ? 
_refine.diff_density_rms_esd                     ? 
_refine.entry_id                                 7QYT 
_refine.pdbx_refine_id                           'X-RAY DIFFRACTION' 
_refine.ls_abs_structure_details                 ? 
_refine.ls_abs_structure_Flack                   ? 
_refine.ls_abs_structure_Flack_esd               ? 
_refine.ls_abs_structure_Rogers                  ? 
_refine.ls_abs_structure_Rogers_esd              ? 
_refine.ls_d_res_high                            2.6000 
_refine.ls_d_res_low                             46.9980 
_refine.ls_extinction_coef                       ? 
_refine.ls_extinction_coef_esd                   ? 
_refine.ls_extinction_expression                 ? 
_refine.ls_extinction_method                     ? 
_refine.ls_goodness_of_fit_all                   ? 
_refine.ls_goodness_of_fit_all_esd               ? 
_refine.ls_goodness_of_fit_obs                   ? 
_refine.ls_goodness_of_fit_obs_esd               ? 
_refine.ls_hydrogen_treatment                    ? 
_refine.ls_matrix_type                           ? 
_refine.ls_number_constraints                    ? 
_refine.ls_number_parameters                     ? 
_refine.ls_number_reflns_all                     ? 
_refine.ls_number_reflns_obs                     5334 
_refine.ls_number_reflns_R_free                  253 
_refine.ls_number_reflns_R_work                  5081 
_refine.ls_number_restraints                     ? 
_refine.ls_percent_reflns_obs                    99.8100 
_refine.ls_percent_reflns_R_free                 4.7400 
_refine.ls_R_factor_all                          ? 
_refine.ls_R_factor_obs                          0.2207 
_refine.ls_R_factor_R_free                       0.2568 
_refine.ls_R_factor_R_free_error                 ? 
_refine.ls_R_factor_R_free_error_details         ? 
_refine.ls_R_factor_R_work                       0.2187 
_refine.ls_R_Fsqd_factor_obs                     ? 
_refine.ls_R_I_factor_obs                        ? 
_refine.ls_redundancy_reflns_all                 ? 
_refine.ls_redundancy_reflns_obs                 ? 
_refine.ls_restrained_S_all                      ? 
_refine.ls_restrained_S_obs                      ? 
_refine.ls_shift_over_esd_max                    ? 
_refine.ls_shift_over_esd_mean                   ? 
_refine.ls_structure_factor_coef                 ? 
_refine.ls_weighting_details                     ? 
_refine.ls_weighting_scheme                      ? 
_refine.ls_wR_factor_all                         ? 
_refine.ls_wR_factor_obs                         ? 
_refine.ls_wR_factor_R_free                      ? 
_refine.ls_wR_factor_R_work                      ? 
_refine.occupancy_max                            ? 
_refine.occupancy_min                            ? 
_refine.solvent_model_details                    'FLAT BULK SOLVENT MODEL' 
_refine.solvent_model_param_bsol                 ? 
_refine.solvent_model_param_ksol                 ? 
_refine.pdbx_R_complete                          ? 
_refine.ls_R_factor_gt                           ? 
_refine.ls_goodness_of_fit_gt                    ? 
_refine.ls_goodness_of_fit_ref                   ? 
_refine.ls_shift_over_su_max                     ? 
_refine.ls_shift_over_su_max_lt                  ? 
_refine.ls_shift_over_su_mean                    ? 
_refine.ls_shift_over_su_mean_lt                 ? 
_refine.pdbx_ls_sigma_I                          ? 
_refine.pdbx_ls_sigma_F                          1.340 
_refine.pdbx_ls_sigma_Fsqd                       ? 
_refine.pdbx_data_cutoff_high_absF               ? 
_refine.pdbx_data_cutoff_high_rms_absF           ? 
_refine.pdbx_data_cutoff_low_absF                ? 
_refine.pdbx_isotropic_thermal_model             ? 
_refine.pdbx_ls_cross_valid_method               'FREE R-VALUE' 
_refine.pdbx_method_to_determine_struct          'MOLECULAR REPLACEMENT' 
_refine.pdbx_starting_model                      5MGJ 
_refine.pdbx_stereochemistry_target_values       ML 
_refine.pdbx_R_Free_selection_details            ? 
_refine.pdbx_stereochem_target_val_spec_case     ? 
_refine.pdbx_overall_ESU_R                       ? 
_refine.pdbx_overall_ESU_R_Free                  ? 
_refine.pdbx_solvent_vdw_probe_radii             1.1100 
_refine.pdbx_solvent_ion_probe_radii             ? 
_refine.pdbx_solvent_shrinkage_radii             0.9000 
_refine.pdbx_real_space_R                        ? 
_refine.pdbx_density_correlation                 ? 
_refine.pdbx_pd_number_of_powder_patterns        ? 
_refine.pdbx_pd_number_of_points                 ? 
_refine.pdbx_pd_meas_number_of_points            ? 
_refine.pdbx_pd_proc_ls_prof_R_factor            ? 
_refine.pdbx_pd_proc_ls_prof_wR_factor           ? 
_refine.pdbx_pd_Marquardt_correlation_coeff      ? 
_refine.pdbx_pd_Fsqrd_R_factor                   ? 
_refine.pdbx_pd_ls_matrix_band_width             ? 
_refine.pdbx_overall_phase_error                 23.5800 
_refine.pdbx_overall_SU_R_free_Cruickshank_DPI   ? 
_refine.pdbx_overall_SU_R_free_Blow_DPI          ? 
_refine.pdbx_overall_SU_R_Blow_DPI               ? 
_refine.pdbx_TLS_residual_ADP_flag               ? 
_refine.pdbx_diffrn_id                           1 
_refine.overall_SU_B                             ? 
_refine.overall_SU_ML                            0.2500 
_refine.overall_SU_R_Cruickshank_DPI             ? 
_refine.overall_SU_R_free                        ? 
_refine.overall_FOM_free_R_set                   ? 
_refine.overall_FOM_work_R_set                   ? 
_refine.pdbx_average_fsc_overall                 ? 
_refine.pdbx_average_fsc_work                    ? 
_refine.pdbx_average_fsc_free                    ? 
# 
_refine_hist.pdbx_refine_id                   'X-RAY DIFFRACTION' 
_refine_hist.cycle_id                         final 
_refine_hist.details                          ? 
_refine_hist.d_res_high                       2.6000 
_refine_hist.d_res_low                        46.9980 
_refine_hist.number_atoms_solvent             7 
_refine_hist.number_atoms_total               893 
_refine_hist.number_reflns_all                ? 
_refine_hist.number_reflns_obs                ? 
_refine_hist.number_reflns_R_free             ? 
_refine_hist.number_reflns_R_work             ? 
_refine_hist.R_factor_all                     ? 
_refine_hist.R_factor_obs                     ? 
_refine_hist.R_factor_R_free                  ? 
_refine_hist.R_factor_R_work                  ? 
_refine_hist.pdbx_number_residues_total       102 
_refine_hist.pdbx_B_iso_mean_ligand           65.58 
_refine_hist.pdbx_B_iso_mean_solvent          52.81 
_refine_hist.pdbx_number_atoms_protein        842 
_refine_hist.pdbx_number_atoms_nucleic_acid   0 
_refine_hist.pdbx_number_atoms_ligand         44 
_refine_hist.pdbx_number_atoms_lipid          ? 
_refine_hist.pdbx_number_atoms_carb           ? 
_refine_hist.pdbx_pseudo_atom_details         ? 
# 
loop_
_refine_ls_restr.pdbx_refine_id 
_refine_ls_restr.criterion 
_refine_ls_restr.dev_ideal 
_refine_ls_restr.dev_ideal_target 
_refine_ls_restr.number 
_refine_ls_restr.rejects 
_refine_ls_restr.type 
_refine_ls_restr.weight 
_refine_ls_restr.pdbx_restraint_function 
'X-RAY DIFFRACTION' ? 0.003  ? 914  ? f_bond_d           ? ? 
'X-RAY DIFFRACTION' ? 0.756  ? 1236 ? f_angle_d          ? ? 
'X-RAY DIFFRACTION' ? 0.038  ? 117  ? f_chiral_restr     ? ? 
'X-RAY DIFFRACTION' ? 0.003  ? 162  ? f_plane_restr      ? ? 
'X-RAY DIFFRACTION' ? 11.765 ? 539  ? f_dihedral_angle_d ? ? 
# 
loop_
_refine_ls_shell.pdbx_refine_id 
_refine_ls_shell.d_res_high 
_refine_ls_shell.d_res_low 
_refine_ls_shell.number_reflns_all 
_refine_ls_shell.number_reflns_obs 
_refine_ls_shell.number_reflns_R_free 
_refine_ls_shell.number_reflns_R_work 
_refine_ls_shell.percent_reflns_obs 
_refine_ls_shell.percent_reflns_R_free 
_refine_ls_shell.R_factor_all 
_refine_ls_shell.R_factor_obs 
_refine_ls_shell.R_factor_R_free 
_refine_ls_shell.R_factor_R_free_error 
_refine_ls_shell.R_factor_R_work 
_refine_ls_shell.redundancy_reflns_all 
_refine_ls_shell.redundancy_reflns_obs 
_refine_ls_shell.wR_factor_all 
_refine_ls_shell.wR_factor_obs 
_refine_ls_shell.wR_factor_R_free 
_refine_ls_shell.wR_factor_R_work 
_refine_ls_shell.pdbx_R_complete 
_refine_ls_shell.pdbx_total_number_of_bins_used 
_refine_ls_shell.pdbx_phase_error 
_refine_ls_shell.pdbx_fsc_work 
_refine_ls_shell.pdbx_fsc_free 
'X-RAY DIFFRACTION' 2.6004 3.2762 . . 116 2515 100.0000 . . . 0.2883 0.0000 0.2984 . . . . . . . . . . . 
'X-RAY DIFFRACTION' 3.2762 46.998 . . 137 2566 100.0000 . . . 0.2475 0.0000 0.1917 . . . . . . . . . . . 
# 
_struct.entry_id                     7QYT 
_struct.title                        'BAZ2A bromodomain in complex with acetylpyrrole derivative compound 80' 
_struct.pdbx_model_details           ? 
_struct.pdbx_formula_weight          ? 
_struct.pdbx_formula_weight_method   ? 
_struct.pdbx_model_type_details      ? 
_struct.pdbx_CASP_flag               N 
# 
_struct_keywords.entry_id        7QYT 
_struct_keywords.text            'four helical bundle, transcription' 
_struct_keywords.pdbx_keywords   TRANSCRIPTION 
# 
loop_
_struct_asym.id 
_struct_asym.pdbx_blank_PDB_chainid_flag 
_struct_asym.pdbx_modified 
_struct_asym.entity_id 
_struct_asym.details 
A N N 1 ? 
B N N 2 ? 
C N N 2 ? 
D N N 3 ? 
# 
_struct_ref.id                         1 
_struct_ref.db_name                    UNP 
_struct_ref.db_code                    BAZ2A_HUMAN 
_struct_ref.pdbx_db_accession          Q9UIF9 
_struct_ref.pdbx_db_isoform            ? 
_struct_ref.entity_id                  1 
_struct_ref.pdbx_seq_one_letter_code   
;HSDLTFCEIILMEMESHDAAWPFLEPVNPRLVSGYRRIIKNPMDFSTMRERLLRGGYTSSEEFAADALLVFDNCQTFNED
DSEVGKAGHIMRRFFESRWEEFY
;
_struct_ref.pdbx_align_begin           1796 
# 
_struct_ref_seq.align_id                      1 
_struct_ref_seq.ref_id                        1 
_struct_ref_seq.pdbx_PDB_id_code              7QYT 
_struct_ref_seq.pdbx_strand_id                A 
_struct_ref_seq.seq_align_beg                 3 
_struct_ref_seq.pdbx_seq_align_beg_ins_code   ? 
_struct_ref_seq.seq_align_end                 105 
_struct_ref_seq.pdbx_seq_align_end_ins_code   ? 
_struct_ref_seq.pdbx_db_accession             Q9UIF9 
_struct_ref_seq.db_align_beg                  1796 
_struct_ref_seq.pdbx_db_align_beg_ins_code    ? 
_struct_ref_seq.db_align_end                  1898 
_struct_ref_seq.pdbx_db_align_end_ins_code    ? 
_struct_ref_seq.pdbx_auth_seq_align_beg       1796 
_struct_ref_seq.pdbx_auth_seq_align_end       1898 
# 
loop_
_struct_ref_seq_dif.align_id 
_struct_ref_seq_dif.pdbx_pdb_id_code 
_struct_ref_seq_dif.mon_id 
_struct_ref_seq_dif.pdbx_pdb_strand_id 
_struct_ref_seq_dif.seq_num 
_struct_ref_seq_dif.pdbx_pdb_ins_code 
_struct_ref_seq_dif.pdbx_seq_db_name 
_struct_ref_seq_dif.pdbx_seq_db_accession_code 
_struct_ref_seq_dif.db_mon_id 
_struct_ref_seq_dif.pdbx_seq_db_seq_num 
_struct_ref_seq_dif.details 
_struct_ref_seq_dif.pdbx_auth_seq_num 
_struct_ref_seq_dif.pdbx_ordinal 
1 7QYT SER A 1  ? UNP Q9UIF9 ?   ?    'expression tag'      1794 1 
1 7QYT MET A 2  ? UNP Q9UIF9 ?   ?    'expression tag'      1795 2 
1 7QYT HIS A 52 ? UNP Q9UIF9 GLU 1845 'engineered mutation' 1845 3 
1 7QYT SER A 55 ? UNP Q9UIF9 LEU 1848 'engineered mutation' 1848 4 
# 
_pdbx_struct_assembly.id                   1 
_pdbx_struct_assembly.details              author_and_software_defined_assembly 
_pdbx_struct_assembly.method_details       PISA 
_pdbx_struct_assembly.oligomeric_details   monomeric 
_pdbx_struct_assembly.oligomeric_count     1 
# 
loop_
_pdbx_struct_assembly_prop.biol_id 
_pdbx_struct_assembly_prop.type 
_pdbx_struct_assembly_prop.value 
_pdbx_struct_assembly_prop.details 
1 'ABSA (A^2)' 0    ? 
1 MORE         0    ? 
1 'SSA (A^2)'  6450 ? 
# 
_pdbx_struct_assembly_gen.assembly_id       1 
_pdbx_struct_assembly_gen.oper_expression   1 
_pdbx_struct_assembly_gen.asym_id_list      A,B,C,D 
# 
_pdbx_struct_assembly_auth_evidence.id                     1 
_pdbx_struct_assembly_auth_evidence.assembly_id            1 
_pdbx_struct_assembly_auth_evidence.experimental_support   'gel filtration' 
_pdbx_struct_assembly_auth_evidence.details                ? 
# 
_pdbx_struct_oper_list.id                   1 
_pdbx_struct_oper_list.type                 'identity operation' 
_pdbx_struct_oper_list.name                 1_555 
_pdbx_struct_oper_list.symmetry_operation   x,y,z 
_pdbx_struct_oper_list.matrix[1][1]         1.0000000000 
_pdbx_struct_oper_list.matrix[1][2]         0.0000000000 
_pdbx_struct_oper_list.matrix[1][3]         0.0000000000 
_pdbx_struct_oper_list.vector[1]            0.0000000000 
_pdbx_struct_oper_list.matrix[2][1]         0.0000000000 
_pdbx_struct_oper_list.matrix[2][2]         1.0000000000 
_pdbx_struct_oper_list.matrix[2][3]         0.0000000000 
_pdbx_struct_oper_list.vector[2]            0.0000000000 
_pdbx_struct_oper_list.matrix[3][1]         0.0000000000 
_pdbx_struct_oper_list.matrix[3][2]         0.0000000000 
_pdbx_struct_oper_list.matrix[3][3]         1.0000000000 
_pdbx_struct_oper_list.vector[3]            0.0000000000 
# 
loop_
_struct_conf.conf_type_id 
_struct_conf.id 
_struct_conf.pdbx_PDB_helix_id 
_struct_conf.beg_label_comp_id 
_struct_conf.beg_label_asym_id 
_struct_conf.beg_label_seq_id 
_struct_conf.pdbx_beg_PDB_ins_code 
_struct_conf.end_label_comp_id 
_struct_conf.end_label_asym_id 
_struct_conf.end_label_seq_id 
_struct_conf.pdbx_end_PDB_ins_code 
_struct_conf.beg_auth_comp_id 
_struct_conf.beg_auth_asym_id 
_struct_conf.beg_auth_seq_id 
_struct_conf.end_auth_comp_id 
_struct_conf.end_auth_asym_id 
_struct_conf.end_auth_seq_id 
_struct_conf.pdbx_PDB_helix_class 
_struct_conf.details 
_struct_conf.pdbx_PDB_helix_length 
HELX_P HELX_P1 AA1 LEU A 6  ? SER A 18  ? LEU A 1799 SER A 1811 1 ? 13 
HELX_P HELX_P2 AA2 HIS A 19 ? LEU A 26  ? HIS A 1812 LEU A 1819 5 ? 8  
HELX_P HELX_P3 AA3 GLY A 36 ? ILE A 41  ? GLY A 1829 ILE A 1834 1 ? 6  
HELX_P HELX_P4 AA4 ASP A 46 ? GLY A 57  ? ASP A 1839 GLY A 1850 1 ? 12 
HELX_P HELX_P5 AA5 SER A 61 ? ASN A 80  ? SER A 1854 ASN A 1873 1 ? 20 
HELX_P HELX_P6 AA6 SER A 84 ? TYR A 105 ? SER A 1877 TYR A 1898 1 ? 22 
# 
_struct_conf_type.id          HELX_P 
_struct_conf_type.criteria    ? 
_struct_conf_type.reference   ? 
# 
loop_
_pdbx_refine_tls.id 
_pdbx_refine_tls.pdbx_refine_id 
_pdbx_refine_tls.details 
_pdbx_refine_tls.method 
_pdbx_refine_tls.origin_x 
_pdbx_refine_tls.origin_y 
_pdbx_refine_tls.origin_z 
_pdbx_refine_tls.T[1][1] 
_pdbx_refine_tls.T[1][1]_esd 
_pdbx_refine_tls.T[1][2] 
_pdbx_refine_tls.T[1][2]_esd 
_pdbx_refine_tls.T[1][3] 
_pdbx_refine_tls.T[1][3]_esd 
_pdbx_refine_tls.T[2][2] 
_pdbx_refine_tls.T[2][2]_esd 
_pdbx_refine_tls.T[2][3] 
_pdbx_refine_tls.T[2][3]_esd 
_pdbx_refine_tls.T[3][3] 
_pdbx_refine_tls.T[3][3]_esd 
_pdbx_refine_tls.L[1][1] 
_pdbx_refine_tls.L[1][1]_esd 
_pdbx_refine_tls.L[1][2] 
_pdbx_refine_tls.L[1][2]_esd 
_pdbx_refine_tls.L[1][3] 
_pdbx_refine_tls.L[1][3]_esd 
_pdbx_refine_tls.L[2][2] 
_pdbx_refine_tls.L[2][2]_esd 
_pdbx_refine_tls.L[2][3] 
_pdbx_refine_tls.L[2][3]_esd 
_pdbx_refine_tls.L[3][3] 
_pdbx_refine_tls.L[3][3]_esd 
_pdbx_refine_tls.S[1][1] 
_pdbx_refine_tls.S[1][1]_esd 
_pdbx_refine_tls.S[1][2] 
_pdbx_refine_tls.S[1][2]_esd 
_pdbx_refine_tls.S[1][3] 
_pdbx_refine_tls.S[1][3]_esd 
_pdbx_refine_tls.S[2][1] 
_pdbx_refine_tls.S[2][1]_esd 
_pdbx_refine_tls.S[2][2] 
_pdbx_refine_tls.S[2][2]_esd 
_pdbx_refine_tls.S[2][3] 
_pdbx_refine_tls.S[2][3]_esd 
_pdbx_refine_tls.S[3][1] 
_pdbx_refine_tls.S[3][1]_esd 
_pdbx_refine_tls.S[3][2] 
_pdbx_refine_tls.S[3][2]_esd 
_pdbx_refine_tls.S[3][3] 
_pdbx_refine_tls.S[3][3]_esd 
1 'X-RAY DIFFRACTION' ? refined -6.7423 -3.8477 -3.6330 0.6564 ? -0.2303 ? 0.0412 ? 0.8840 ? 0.0371  ? 0.7279 ? 1.7639 ? 0.6151  ? -0.9442 ? 0.8396 ? 0.4969  ? 1.5560 ? 0.0562  ? 0.4747  ? 0.1975  ? -0.3410 ? 0.1088  ? 0.5785  ? -0.2613 ? -0.7077 ? 0.0271  ? 
2 'X-RAY DIFFRACTION' ? refined 5.4531  -3.0132 13.5489 0.6992 ? -0.1212 ? 0.0654 ? 0.7146 ? -0.0505 ? 0.6057 ? 0.1485 ? -0.2433 ? 0.0249  ? 0.3638 ? -0.0831 ? 0.5942 ? 0.3340  ? 0.2356  ? -0.6401 ? 0.5426  ? 0.4171  ? -0.4078 ? 0.4015  ? 0.7491  ? -0.5024 ? 
3 'X-RAY DIFFRACTION' ? refined -0.3852 4.7205  2.8935  0.6529 ? -0.0737 ? 0.1156 ? 0.6657 ? -0.0258 ? 0.6228 ? 3.3683 ? 1.4978  ? -1.1168 ? 2.5852 ? 0.8669  ? 1.3355 ? 0.0056  ? -0.0490 ? 0.6993  ? -0.1809 ? -0.1263 ? 0.3429  ? -0.1911 ? -0.4150 ? 0.0118  ? 
4 'X-RAY DIFFRACTION' ? refined 3.8121  -3.3820 -7.2390 0.6651 ? -0.2311 ? 0.1189 ? 0.7420 ? -0.0816 ? 0.5303 ? 3.4131 ? 1.2224  ? -3.3742 ? 4.4919 ? 0.8645  ? 4.3704 ? -0.1426 ? 0.2706  ? 0.4897  ? -0.0706 ? 0.2605  ? 0.2562  ? 0.4746  ? -0.8531 ? 0.0037  ? 
# 
loop_
_pdbx_refine_tls_group.id 
_pdbx_refine_tls_group.pdbx_refine_id 
_pdbx_refine_tls_group.refine_tls_id 
_pdbx_refine_tls_group.beg_label_asym_id 
_pdbx_refine_tls_group.beg_label_seq_id 
_pdbx_refine_tls_group.beg_auth_asym_id 
_pdbx_refine_tls_group.beg_auth_seq_id 
_pdbx_refine_tls_group.beg_PDB_ins_code 
_pdbx_refine_tls_group.end_label_asym_id 
_pdbx_refine_tls_group.end_label_seq_id 
_pdbx_refine_tls_group.end_auth_asym_id 
_pdbx_refine_tls_group.end_auth_seq_id 
_pdbx_refine_tls_group.end_PDB_ins_code 
_pdbx_refine_tls_group.selection 
_pdbx_refine_tls_group.selection_details 
1 'X-RAY DIFFRACTION' 1 ? ? A 0 ? ? ? A 0 ? ? 
;chain 'A' and (resid 1797 through 1818 )
;
2 'X-RAY DIFFRACTION' 2 ? ? A 0 ? ? ? A 0 ? ? 
;chain 'A' and (resid 1819 through 1829 )
;
3 'X-RAY DIFFRACTION' 3 ? ? A 0 ? ? ? A 0 ? ? 
;chain 'A' and (resid 1830 through 1872 )
;
4 'X-RAY DIFFRACTION' 4 ? ? A 0 ? ? ? A 0 ? ? 
;chain 'A' and (resid 1873 through 1898 )
;
# 
_phasing.method   MR 
# 
_pdbx_entry_details.entry_id                 7QYT 
_pdbx_entry_details.has_ligand_of_interest   Y 
_pdbx_entry_details.compound_details         ? 
_pdbx_entry_details.source_details           ? 
_pdbx_entry_details.nonpolymer_details       ? 
_pdbx_entry_details.sequence_details         ? 
# 
loop_
_pdbx_unobs_or_zero_occ_residues.id 
_pdbx_unobs_or_zero_occ_residues.PDB_model_num 
_pdbx_unobs_or_zero_occ_residues.polymer_flag 
_pdbx_unobs_or_zero_occ_residues.occupancy_flag 
_pdbx_unobs_or_zero_occ_residues.auth_asym_id 
_pdbx_unobs_or_zero_occ_residues.auth_comp_id 
_pdbx_unobs_or_zero_occ_residues.auth_seq_id 
_pdbx_unobs_or_zero_occ_residues.PDB_ins_code 
_pdbx_unobs_or_zero_occ_residues.label_asym_id 
_pdbx_unobs_or_zero_occ_residues.label_comp_id 
_pdbx_unobs_or_zero_occ_residues.label_seq_id 
1 1 Y 1 A SER 1794 ? A SER 1 
2 1 Y 1 A MET 1795 ? A MET 2 
3 1 Y 1 A HIS 1796 ? A HIS 3 
# 
loop_
_chem_comp_atom.comp_id 
_chem_comp_atom.atom_id 
_chem_comp_atom.type_symbol 
_chem_comp_atom.pdbx_aromatic_flag 
_chem_comp_atom.pdbx_stereo_config 
_chem_comp_atom.pdbx_ordinal 
ALA N    N N N 1   
ALA CA   C N S 2   
ALA C    C N N 3   
ALA O    O N N 4   
ALA CB   C N N 5   
ALA OXT  O N N 6   
ALA H    H N N 7   
ALA H2   H N N 8   
ALA HA   H N N 9   
ALA HB1  H N N 10  
ALA HB2  H N N 11  
ALA HB3  H N N 12  
ALA HXT  H N N 13  
ARG N    N N N 14  
ARG CA   C N S 15  
ARG C    C N N 16  
ARG O    O N N 17  
ARG CB   C N N 18  
ARG CG   C N N 19  
ARG CD   C N N 20  
ARG NE   N N N 21  
ARG CZ   C N N 22  
ARG NH1  N N N 23  
ARG NH2  N N N 24  
ARG OXT  O N N 25  
ARG H    H N N 26  
ARG H2   H N N 27  
ARG HA   H N N 28  
ARG HB2  H N N 29  
ARG HB3  H N N 30  
ARG HG2  H N N 31  
ARG HG3  H N N 32  
ARG HD2  H N N 33  
ARG HD3  H N N 34  
ARG HE   H N N 35  
ARG HH11 H N N 36  
ARG HH12 H N N 37  
ARG HH21 H N N 38  
ARG HH22 H N N 39  
ARG HXT  H N N 40  
ASN N    N N N 41  
ASN CA   C N S 42  
ASN C    C N N 43  
ASN O    O N N 44  
ASN CB   C N N 45  
ASN CG   C N N 46  
ASN OD1  O N N 47  
ASN ND2  N N N 48  
ASN OXT  O N N 49  
ASN H    H N N 50  
ASN H2   H N N 51  
ASN HA   H N N 52  
ASN HB2  H N N 53  
ASN HB3  H N N 54  
ASN HD21 H N N 55  
ASN HD22 H N N 56  
ASN HXT  H N N 57  
ASP N    N N N 58  
ASP CA   C N S 59  
ASP C    C N N 60  
ASP O    O N N 61  
ASP CB   C N N 62  
ASP CG   C N N 63  
ASP OD1  O N N 64  
ASP OD2  O N N 65  
ASP OXT  O N N 66  
ASP H    H N N 67  
ASP H2   H N N 68  
ASP HA   H N N 69  
ASP HB2  H N N 70  
ASP HB3  H N N 71  
ASP HD2  H N N 72  
ASP HXT  H N N 73  
CYS N    N N N 74  
CYS CA   C N R 75  
CYS C    C N N 76  
CYS O    O N N 77  
CYS CB   C N N 78  
CYS SG   S N N 79  
CYS OXT  O N N 80  
CYS H    H N N 81  
CYS H2   H N N 82  
CYS HA   H N N 83  
CYS HB2  H N N 84  
CYS HB3  H N N 85  
CYS HG   H N N 86  
CYS HXT  H N N 87  
GJI C11  C N N 88  
GJI C12  C N N 89  
GJI C14  C N N 90  
GJI C15  C N N 91  
GJI C01  C N N 92  
GJI C02  C Y N 93  
GJI C04  C Y N 94  
GJI C05  C Y N 95  
GJI C06  C Y N 96  
GJI C08  C Y N 97  
GJI C16  C Y N 98  
GJI C17  C N N 99  
GJI C18  C N N 100 
GJI C19  C N N 101 
GJI C20  C N N 102 
GJI C22  C Y N 103 
GJI N03  N Y N 104 
GJI N09  N Y N 105 
GJI N10  N N N 106 
GJI N13  N N N 107 
GJI O21  O N N 108 
GJI S07  S Y N 109 
GJI H1   H N N 110 
GJI H2   H N N 111 
GJI H3   H N N 112 
GJI H4   H N N 113 
GJI H5   H N N 114 
GJI H6   H N N 115 
GJI H7   H N N 116 
GJI H8   H N N 117 
GJI H9   H N N 118 
GJI H10  H N N 119 
GJI H11  H N N 120 
GJI H12  H N N 121 
GJI H13  H N N 122 
GJI H14  H N N 123 
GJI H15  H N N 124 
GJI H16  H N N 125 
GJI H17  H N N 126 
GJI H18  H N N 127 
GJI H19  H N N 128 
GJI H20  H N N 129 
GLN N    N N N 130 
GLN CA   C N S 131 
GLN C    C N N 132 
GLN O    O N N 133 
GLN CB   C N N 134 
GLN CG   C N N 135 
GLN CD   C N N 136 
GLN OE1  O N N 137 
GLN NE2  N N N 138 
GLN OXT  O N N 139 
GLN H    H N N 140 
GLN H2   H N N 141 
GLN HA   H N N 142 
GLN HB2  H N N 143 
GLN HB3  H N N 144 
GLN HG2  H N N 145 
GLN HG3  H N N 146 
GLN HE21 H N N 147 
GLN HE22 H N N 148 
GLN HXT  H N N 149 
GLU N    N N N 150 
GLU CA   C N S 151 
GLU C    C N N 152 
GLU O    O N N 153 
GLU CB   C N N 154 
GLU CG   C N N 155 
GLU CD   C N N 156 
GLU OE1  O N N 157 
GLU OE2  O N N 158 
GLU OXT  O N N 159 
GLU H    H N N 160 
GLU H2   H N N 161 
GLU HA   H N N 162 
GLU HB2  H N N 163 
GLU HB3  H N N 164 
GLU HG2  H N N 165 
GLU HG3  H N N 166 
GLU HE2  H N N 167 
GLU HXT  H N N 168 
GLY N    N N N 169 
GLY CA   C N N 170 
GLY C    C N N 171 
GLY O    O N N 172 
GLY OXT  O N N 173 
GLY H    H N N 174 
GLY H2   H N N 175 
GLY HA2  H N N 176 
GLY HA3  H N N 177 
GLY HXT  H N N 178 
HIS N    N N N 179 
HIS CA   C N S 180 
HIS C    C N N 181 
HIS O    O N N 182 
HIS CB   C N N 183 
HIS CG   C Y N 184 
HIS ND1  N Y N 185 
HIS CD2  C Y N 186 
HIS CE1  C Y N 187 
HIS NE2  N Y N 188 
HIS OXT  O N N 189 
HIS H    H N N 190 
HIS H2   H N N 191 
HIS HA   H N N 192 
HIS HB2  H N N 193 
HIS HB3  H N N 194 
HIS HD1  H N N 195 
HIS HD2  H N N 196 
HIS HE1  H N N 197 
HIS HE2  H N N 198 
HIS HXT  H N N 199 
HOH O    O N N 200 
HOH H1   H N N 201 
HOH H2   H N N 202 
ILE N    N N N 203 
ILE CA   C N S 204 
ILE C    C N N 205 
ILE O    O N N 206 
ILE CB   C N S 207 
ILE CG1  C N N 208 
ILE CG2  C N N 209 
ILE CD1  C N N 210 
ILE OXT  O N N 211 
ILE H    H N N 212 
ILE H2   H N N 213 
ILE HA   H N N 214 
ILE HB   H N N 215 
ILE HG12 H N N 216 
ILE HG13 H N N 217 
ILE HG21 H N N 218 
ILE HG22 H N N 219 
ILE HG23 H N N 220 
ILE HD11 H N N 221 
ILE HD12 H N N 222 
ILE HD13 H N N 223 
ILE HXT  H N N 224 
LEU N    N N N 225 
LEU CA   C N S 226 
LEU C    C N N 227 
LEU O    O N N 228 
LEU CB   C N N 229 
LEU CG   C N N 230 
LEU CD1  C N N 231 
LEU CD2  C N N 232 
LEU OXT  O N N 233 
LEU H    H N N 234 
LEU H2   H N N 235 
LEU HA   H N N 236 
LEU HB2  H N N 237 
LEU HB3  H N N 238 
LEU HG   H N N 239 
LEU HD11 H N N 240 
LEU HD12 H N N 241 
LEU HD13 H N N 242 
LEU HD21 H N N 243 
LEU HD22 H N N 244 
LEU HD23 H N N 245 
LEU HXT  H N N 246 
LYS N    N N N 247 
LYS CA   C N S 248 
LYS C    C N N 249 
LYS O    O N N 250 
LYS CB   C N N 251 
LYS CG   C N N 252 
LYS CD   C N N 253 
LYS CE   C N N 254 
LYS NZ   N N N 255 
LYS OXT  O N N 256 
LYS H    H N N 257 
LYS H2   H N N 258 
LYS HA   H N N 259 
LYS HB2  H N N 260 
LYS HB3  H N N 261 
LYS HG2  H N N 262 
LYS HG3  H N N 263 
LYS HD2  H N N 264 
LYS HD3  H N N 265 
LYS HE2  H N N 266 
LYS HE3  H N N 267 
LYS HZ1  H N N 268 
LYS HZ2  H N N 269 
LYS HZ3  H N N 270 
LYS HXT  H N N 271 
MET N    N N N 272 
MET CA   C N S 273 
MET C    C N N 274 
MET O    O N N 275 
MET CB   C N N 276 
MET CG   C N N 277 
MET SD   S N N 278 
MET CE   C N N 279 
MET OXT  O N N 280 
MET H    H N N 281 
MET H2   H N N 282 
MET HA   H N N 283 
MET HB2  H N N 284 
MET HB3  H N N 285 
MET HG2  H N N 286 
MET HG3  H N N 287 
MET HE1  H N N 288 
MET HE2  H N N 289 
MET HE3  H N N 290 
MET HXT  H N N 291 
PHE N    N N N 292 
PHE CA   C N S 293 
PHE C    C N N 294 
PHE O    O N N 295 
PHE CB   C N N 296 
PHE CG   C Y N 297 
PHE CD1  C Y N 298 
PHE CD2  C Y N 299 
PHE CE1  C Y N 300 
PHE CE2  C Y N 301 
PHE CZ   C Y N 302 
PHE OXT  O N N 303 
PHE H    H N N 304 
PHE H2   H N N 305 
PHE HA   H N N 306 
PHE HB2  H N N 307 
PHE HB3  H N N 308 
PHE HD1  H N N 309 
PHE HD2  H N N 310 
PHE HE1  H N N 311 
PHE HE2  H N N 312 
PHE HZ   H N N 313 
PHE HXT  H N N 314 
PRO N    N N N 315 
PRO CA   C N S 316 
PRO C    C N N 317 
PRO O    O N N 318 
PRO CB   C N N 319 
PRO CG   C N N 320 
PRO CD   C N N 321 
PRO OXT  O N N 322 
PRO H    H N N 323 
PRO HA   H N N 324 
PRO HB2  H N N 325 
PRO HB3  H N N 326 
PRO HG2  H N N 327 
PRO HG3  H N N 328 
PRO HD2  H N N 329 
PRO HD3  H N N 330 
PRO HXT  H N N 331 
SER N    N N N 332 
SER CA   C N S 333 
SER C    C N N 334 
SER O    O N N 335 
SER CB   C N N 336 
SER OG   O N N 337 
SER OXT  O N N 338 
SER H    H N N 339 
SER H2   H N N 340 
SER HA   H N N 341 
SER HB2  H N N 342 
SER HB3  H N N 343 
SER HG   H N N 344 
SER HXT  H N N 345 
THR N    N N N 346 
THR CA   C N S 347 
THR C    C N N 348 
THR O    O N N 349 
THR CB   C N R 350 
THR OG1  O N N 351 
THR CG2  C N N 352 
THR OXT  O N N 353 
THR H    H N N 354 
THR H2   H N N 355 
THR HA   H N N 356 
THR HB   H N N 357 
THR HG1  H N N 358 
THR HG21 H N N 359 
THR HG22 H N N 360 
THR HG23 H N N 361 
THR HXT  H N N 362 
TRP N    N N N 363 
TRP CA   C N S 364 
TRP C    C N N 365 
TRP O    O N N 366 
TRP CB   C N N 367 
TRP CG   C Y N 368 
TRP CD1  C Y N 369 
TRP CD2  C Y N 370 
TRP NE1  N Y N 371 
TRP CE2  C Y N 372 
TRP CE3  C Y N 373 
TRP CZ2  C Y N 374 
TRP CZ3  C Y N 375 
TRP CH2  C Y N 376 
TRP OXT  O N N 377 
TRP H    H N N 378 
TRP H2   H N N 379 
TRP HA   H N N 380 
TRP HB2  H N N 381 
TRP HB3  H N N 382 
TRP HD1  H N N 383 
TRP HE1  H N N 384 
TRP HE3  H N N 385 
TRP HZ2  H N N 386 
TRP HZ3  H N N 387 
TRP HH2  H N N 388 
TRP HXT  H N N 389 
TYR N    N N N 390 
TYR CA   C N S 391 
TYR C    C N N 392 
TYR O    O N N 393 
TYR CB   C N N 394 
TYR CG   C Y N 395 
TYR CD1  C Y N 396 
TYR CD2  C Y N 397 
TYR CE1  C Y N 398 
TYR CE2  C Y N 399 
TYR CZ   C Y N 400 
TYR OH   O N N 401 
TYR OXT  O N N 402 
TYR H    H N N 403 
TYR H2   H N N 404 
TYR HA   H N N 405 
TYR HB2  H N N 406 
TYR HB3  H N N 407 
TYR HD1  H N N 408 
TYR HD2  H N N 409 
TYR HE1  H N N 410 
TYR HE2  H N N 411 
TYR HH   H N N 412 
TYR HXT  H N N 413 
VAL N    N N N 414 
VAL CA   C N S 415 
VAL C    C N N 416 
VAL O    O N N 417 
VAL CB   C N N 418 
VAL CG1  C N N 419 
VAL CG2  C N N 420 
VAL OXT  O N N 421 
VAL H    H N N 422 
VAL H2   H N N 423 
VAL HA   H N N 424 
VAL HB   H N N 425 
VAL HG11 H N N 426 
VAL HG12 H N N 427 
VAL HG13 H N N 428 
VAL HG21 H N N 429 
VAL HG22 H N N 430 
VAL HG23 H N N 431 
VAL HXT  H N N 432 
# 
loop_
_chem_comp_bond.comp_id 
_chem_comp_bond.atom_id_1 
_chem_comp_bond.atom_id_2 
_chem_comp_bond.value_order 
_chem_comp_bond.pdbx_aromatic_flag 
_chem_comp_bond.pdbx_stereo_config 
_chem_comp_bond.pdbx_ordinal 
ALA N   CA   sing N N 1   
ALA N   H    sing N N 2   
ALA N   H2   sing N N 3   
ALA CA  C    sing N N 4   
ALA CA  CB   sing N N 5   
ALA CA  HA   sing N N 6   
ALA C   O    doub N N 7   
ALA C   OXT  sing N N 8   
ALA CB  HB1  sing N N 9   
ALA CB  HB2  sing N N 10  
ALA CB  HB3  sing N N 11  
ALA OXT HXT  sing N N 12  
ARG N   CA   sing N N 13  
ARG N   H    sing N N 14  
ARG N   H2   sing N N 15  
ARG CA  C    sing N N 16  
ARG CA  CB   sing N N 17  
ARG CA  HA   sing N N 18  
ARG C   O    doub N N 19  
ARG C   OXT  sing N N 20  
ARG CB  CG   sing N N 21  
ARG CB  HB2  sing N N 22  
ARG CB  HB3  sing N N 23  
ARG CG  CD   sing N N 24  
ARG CG  HG2  sing N N 25  
ARG CG  HG3  sing N N 26  
ARG CD  NE   sing N N 27  
ARG CD  HD2  sing N N 28  
ARG CD  HD3  sing N N 29  
ARG NE  CZ   sing N N 30  
ARG NE  HE   sing N N 31  
ARG CZ  NH1  sing N N 32  
ARG CZ  NH2  doub N N 33  
ARG NH1 HH11 sing N N 34  
ARG NH1 HH12 sing N N 35  
ARG NH2 HH21 sing N N 36  
ARG NH2 HH22 sing N N 37  
ARG OXT HXT  sing N N 38  
ASN N   CA   sing N N 39  
ASN N   H    sing N N 40  
ASN N   H2   sing N N 41  
ASN CA  C    sing N N 42  
ASN CA  CB   sing N N 43  
ASN CA  HA   sing N N 44  
ASN C   O    doub N N 45  
ASN C   OXT  sing N N 46  
ASN CB  CG   sing N N 47  
ASN CB  HB2  sing N N 48  
ASN CB  HB3  sing N N 49  
ASN CG  OD1  doub N N 50  
ASN CG  ND2  sing N N 51  
ASN ND2 HD21 sing N N 52  
ASN ND2 HD22 sing N N 53  
ASN OXT HXT  sing N N 54  
ASP N   CA   sing N N 55  
ASP N   H    sing N N 56  
ASP N   H2   sing N N 57  
ASP CA  C    sing N N 58  
ASP CA  CB   sing N N 59  
ASP CA  HA   sing N N 60  
ASP C   O    doub N N 61  
ASP C   OXT  sing N N 62  
ASP CB  CG   sing N N 63  
ASP CB  HB2  sing N N 64  
ASP CB  HB3  sing N N 65  
ASP CG  OD1  doub N N 66  
ASP CG  OD2  sing N N 67  
ASP OD2 HD2  sing N N 68  
ASP OXT HXT  sing N N 69  
CYS N   CA   sing N N 70  
CYS N   H    sing N N 71  
CYS N   H2   sing N N 72  
CYS CA  C    sing N N 73  
CYS CA  CB   sing N N 74  
CYS CA  HA   sing N N 75  
CYS C   O    doub N N 76  
CYS C   OXT  sing N N 77  
CYS CB  SG   sing N N 78  
CYS CB  HB2  sing N N 79  
CYS CB  HB3  sing N N 80  
CYS SG  HG   sing N N 81  
CYS OXT HXT  sing N N 82  
GJI C19 C18  sing N N 83  
GJI C19 C20  sing N N 84  
GJI C18 C17  sing N N 85  
GJI C17 C16  sing N N 86  
GJI C20 O21  doub N N 87  
GJI C20 C22  sing N N 88  
GJI C16 C22  sing Y N 89  
GJI C16 C04  doub Y N 90  
GJI C22 C02  doub Y N 91  
GJI C04 C05  sing N N 92  
GJI C04 N03  sing Y N 93  
GJI C02 C01  sing N N 94  
GJI C02 N03  sing Y N 95  
GJI C06 C05  doub Y N 96  
GJI C06 S07  sing Y N 97  
GJI C05 N09  sing Y N 98  
GJI C12 N13  sing N N 99  
GJI C12 C11  sing N N 100 
GJI S07 C08  sing Y N 101 
GJI N13 C14  sing N N 102 
GJI N09 C08  doub Y N 103 
GJI C08 N10  sing N N 104 
GJI C11 N10  sing N N 105 
GJI N10 C15  sing N N 106 
GJI C14 C15  sing N N 107 
GJI C11 H1   sing N N 108 
GJI C11 H2   sing N N 109 
GJI C12 H3   sing N N 110 
GJI C12 H4   sing N N 111 
GJI C14 H5   sing N N 112 
GJI C14 H6   sing N N 113 
GJI C15 H7   sing N N 114 
GJI C15 H8   sing N N 115 
GJI C01 H9   sing N N 116 
GJI C01 H10  sing N N 117 
GJI C01 H11  sing N N 118 
GJI C06 H12  sing N N 119 
GJI C17 H13  sing N N 120 
GJI C17 H14  sing N N 121 
GJI C18 H15  sing N N 122 
GJI C18 H16  sing N N 123 
GJI C19 H17  sing N N 124 
GJI C19 H18  sing N N 125 
GJI N03 H19  sing N N 126 
GJI N13 H20  sing N N 127 
GLN N   CA   sing N N 128 
GLN N   H    sing N N 129 
GLN N   H2   sing N N 130 
GLN CA  C    sing N N 131 
GLN CA  CB   sing N N 132 
GLN CA  HA   sing N N 133 
GLN C   O    doub N N 134 
GLN C   OXT  sing N N 135 
GLN CB  CG   sing N N 136 
GLN CB  HB2  sing N N 137 
GLN CB  HB3  sing N N 138 
GLN CG  CD   sing N N 139 
GLN CG  HG2  sing N N 140 
GLN CG  HG3  sing N N 141 
GLN CD  OE1  doub N N 142 
GLN CD  NE2  sing N N 143 
GLN NE2 HE21 sing N N 144 
GLN NE2 HE22 sing N N 145 
GLN OXT HXT  sing N N 146 
GLU N   CA   sing N N 147 
GLU N   H    sing N N 148 
GLU N   H2   sing N N 149 
GLU CA  C    sing N N 150 
GLU CA  CB   sing N N 151 
GLU CA  HA   sing N N 152 
GLU C   O    doub N N 153 
GLU C   OXT  sing N N 154 
GLU CB  CG   sing N N 155 
GLU CB  HB2  sing N N 156 
GLU CB  HB3  sing N N 157 
GLU CG  CD   sing N N 158 
GLU CG  HG2  sing N N 159 
GLU CG  HG3  sing N N 160 
GLU CD  OE1  doub N N 161 
GLU CD  OE2  sing N N 162 
GLU OE2 HE2  sing N N 163 
GLU OXT HXT  sing N N 164 
GLY N   CA   sing N N 165 
GLY N   H    sing N N 166 
GLY N   H2   sing N N 167 
GLY CA  C    sing N N 168 
GLY CA  HA2  sing N N 169 
GLY CA  HA3  sing N N 170 
GLY C   O    doub N N 171 
GLY C   OXT  sing N N 172 
GLY OXT HXT  sing N N 173 
HIS N   CA   sing N N 174 
HIS N   H    sing N N 175 
HIS N   H2   sing N N 176 
HIS CA  C    sing N N 177 
HIS CA  CB   sing N N 178 
HIS CA  HA   sing N N 179 
HIS C   O    doub N N 180 
HIS C   OXT  sing N N 181 
HIS CB  CG   sing N N 182 
HIS CB  HB2  sing N N 183 
HIS CB  HB3  sing N N 184 
HIS CG  ND1  sing Y N 185 
HIS CG  CD2  doub Y N 186 
HIS ND1 CE1  doub Y N 187 
HIS ND1 HD1  sing N N 188 
HIS CD2 NE2  sing Y N 189 
HIS CD2 HD2  sing N N 190 
HIS CE1 NE2  sing Y N 191 
HIS CE1 HE1  sing N N 192 
HIS NE2 HE2  sing N N 193 
HIS OXT HXT  sing N N 194 
HOH O   H1   sing N N 195 
HOH O   H2   sing N N 196 
ILE N   CA   sing N N 197 
ILE N   H    sing N N 198 
ILE N   H2   sing N N 199 
ILE CA  C    sing N N 200 
ILE CA  CB   sing N N 201 
ILE CA  HA   sing N N 202 
ILE C   O    doub N N 203 
ILE C   OXT  sing N N 204 
ILE CB  CG1  sing N N 205 
ILE CB  CG2  sing N N 206 
ILE CB  HB   sing N N 207 
ILE CG1 CD1  sing N N 208 
ILE CG1 HG12 sing N N 209 
ILE CG1 HG13 sing N N 210 
ILE CG2 HG21 sing N N 211 
ILE CG2 HG22 sing N N 212 
ILE CG2 HG23 sing N N 213 
ILE CD1 HD11 sing N N 214 
ILE CD1 HD12 sing N N 215 
ILE CD1 HD13 sing N N 216 
ILE OXT HXT  sing N N 217 
LEU N   CA   sing N N 218 
LEU N   H    sing N N 219 
LEU N   H2   sing N N 220 
LEU CA  C    sing N N 221 
LEU CA  CB   sing N N 222 
LEU CA  HA   sing N N 223 
LEU C   O    doub N N 224 
LEU C   OXT  sing N N 225 
LEU CB  CG   sing N N 226 
LEU CB  HB2  sing N N 227 
LEU CB  HB3  sing N N 228 
LEU CG  CD1  sing N N 229 
LEU CG  CD2  sing N N 230 
LEU CG  HG   sing N N 231 
LEU CD1 HD11 sing N N 232 
LEU CD1 HD12 sing N N 233 
LEU CD1 HD13 sing N N 234 
LEU CD2 HD21 sing N N 235 
LEU CD2 HD22 sing N N 236 
LEU CD2 HD23 sing N N 237 
LEU OXT HXT  sing N N 238 
LYS N   CA   sing N N 239 
LYS N   H    sing N N 240 
LYS N   H2   sing N N 241 
LYS CA  C    sing N N 242 
LYS CA  CB   sing N N 243 
LYS CA  HA   sing N N 244 
LYS C   O    doub N N 245 
LYS C   OXT  sing N N 246 
LYS CB  CG   sing N N 247 
LYS CB  HB2  sing N N 248 
LYS CB  HB3  sing N N 249 
LYS CG  CD   sing N N 250 
LYS CG  HG2  sing N N 251 
LYS CG  HG3  sing N N 252 
LYS CD  CE   sing N N 253 
LYS CD  HD2  sing N N 254 
LYS CD  HD3  sing N N 255 
LYS CE  NZ   sing N N 256 
LYS CE  HE2  sing N N 257 
LYS CE  HE3  sing N N 258 
LYS NZ  HZ1  sing N N 259 
LYS NZ  HZ2  sing N N 260 
LYS NZ  HZ3  sing N N 261 
LYS OXT HXT  sing N N 262 
MET N   CA   sing N N 263 
MET N   H    sing N N 264 
MET N   H2   sing N N 265 
MET CA  C    sing N N 266 
MET CA  CB   sing N N 267 
MET CA  HA   sing N N 268 
MET C   O    doub N N 269 
MET C   OXT  sing N N 270 
MET CB  CG   sing N N 271 
MET CB  HB2  sing N N 272 
MET CB  HB3  sing N N 273 
MET CG  SD   sing N N 274 
MET CG  HG2  sing N N 275 
MET CG  HG3  sing N N 276 
MET SD  CE   sing N N 277 
MET CE  HE1  sing N N 278 
MET CE  HE2  sing N N 279 
MET CE  HE3  sing N N 280 
MET OXT HXT  sing N N 281 
PHE N   CA   sing N N 282 
PHE N   H    sing N N 283 
PHE N   H2   sing N N 284 
PHE CA  C    sing N N 285 
PHE CA  CB   sing N N 286 
PHE CA  HA   sing N N 287 
PHE C   O    doub N N 288 
PHE C   OXT  sing N N 289 
PHE CB  CG   sing N N 290 
PHE CB  HB2  sing N N 291 
PHE CB  HB3  sing N N 292 
PHE CG  CD1  doub Y N 293 
PHE CG  CD2  sing Y N 294 
PHE CD1 CE1  sing Y N 295 
PHE CD1 HD1  sing N N 296 
PHE CD2 CE2  doub Y N 297 
PHE CD2 HD2  sing N N 298 
PHE CE1 CZ   doub Y N 299 
PHE CE1 HE1  sing N N 300 
PHE CE2 CZ   sing Y N 301 
PHE CE2 HE2  sing N N 302 
PHE CZ  HZ   sing N N 303 
PHE OXT HXT  sing N N 304 
PRO N   CA   sing N N 305 
PRO N   CD   sing N N 306 
PRO N   H    sing N N 307 
PRO CA  C    sing N N 308 
PRO CA  CB   sing N N 309 
PRO CA  HA   sing N N 310 
PRO C   O    doub N N 311 
PRO C   OXT  sing N N 312 
PRO CB  CG   sing N N 313 
PRO CB  HB2  sing N N 314 
PRO CB  HB3  sing N N 315 
PRO CG  CD   sing N N 316 
PRO CG  HG2  sing N N 317 
PRO CG  HG3  sing N N 318 
PRO CD  HD2  sing N N 319 
PRO CD  HD3  sing N N 320 
PRO OXT HXT  sing N N 321 
SER N   CA   sing N N 322 
SER N   H    sing N N 323 
SER N   H2   sing N N 324 
SER CA  C    sing N N 325 
SER CA  CB   sing N N 326 
SER CA  HA   sing N N 327 
SER C   O    doub N N 328 
SER C   OXT  sing N N 329 
SER CB  OG   sing N N 330 
SER CB  HB2  sing N N 331 
SER CB  HB3  sing N N 332 
SER OG  HG   sing N N 333 
SER OXT HXT  sing N N 334 
THR N   CA   sing N N 335 
THR N   H    sing N N 336 
THR N   H2   sing N N 337 
THR CA  C    sing N N 338 
THR CA  CB   sing N N 339 
THR CA  HA   sing N N 340 
THR C   O    doub N N 341 
THR C   OXT  sing N N 342 
THR CB  OG1  sing N N 343 
THR CB  CG2  sing N N 344 
THR CB  HB   sing N N 345 
THR OG1 HG1  sing N N 346 
THR CG2 HG21 sing N N 347 
THR CG2 HG22 sing N N 348 
THR CG2 HG23 sing N N 349 
THR OXT HXT  sing N N 350 
TRP N   CA   sing N N 351 
TRP N   H    sing N N 352 
TRP N   H2   sing N N 353 
TRP CA  C    sing N N 354 
TRP CA  CB   sing N N 355 
TRP CA  HA   sing N N 356 
TRP C   O    doub N N 357 
TRP C   OXT  sing N N 358 
TRP CB  CG   sing N N 359 
TRP CB  HB2  sing N N 360 
TRP CB  HB3  sing N N 361 
TRP CG  CD1  doub Y N 362 
TRP CG  CD2  sing Y N 363 
TRP CD1 NE1  sing Y N 364 
TRP CD1 HD1  sing N N 365 
TRP CD2 CE2  doub Y N 366 
TRP CD2 CE3  sing Y N 367 
TRP NE1 CE2  sing Y N 368 
TRP NE1 HE1  sing N N 369 
TRP CE2 CZ2  sing Y N 370 
TRP CE3 CZ3  doub Y N 371 
TRP CE3 HE3  sing N N 372 
TRP CZ2 CH2  doub Y N 373 
TRP CZ2 HZ2  sing N N 374 
TRP CZ3 CH2  sing Y N 375 
TRP CZ3 HZ3  sing N N 376 
TRP CH2 HH2  sing N N 377 
TRP OXT HXT  sing N N 378 
TYR N   CA   sing N N 379 
TYR N   H    sing N N 380 
TYR N   H2   sing N N 381 
TYR CA  C    sing N N 382 
TYR CA  CB   sing N N 383 
TYR CA  HA   sing N N 384 
TYR C   O    doub N N 385 
TYR C   OXT  sing N N 386 
TYR CB  CG   sing N N 387 
TYR CB  HB2  sing N N 388 
TYR CB  HB3  sing N N 389 
TYR CG  CD1  doub Y N 390 
TYR CG  CD2  sing Y N 391 
TYR CD1 CE1  sing Y N 392 
TYR CD1 HD1  sing N N 393 
TYR CD2 CE2  doub Y N 394 
TYR CD2 HD2  sing N N 395 
TYR CE1 CZ   doub Y N 396 
TYR CE1 HE1  sing N N 397 
TYR CE2 CZ   sing Y N 398 
TYR CE2 HE2  sing N N 399 
TYR CZ  OH   sing N N 400 
TYR OH  HH   sing N N 401 
TYR OXT HXT  sing N N 402 
VAL N   CA   sing N N 403 
VAL N   H    sing N N 404 
VAL N   H2   sing N N 405 
VAL CA  C    sing N N 406 
VAL CA  CB   sing N N 407 
VAL CA  HA   sing N N 408 
VAL C   O    doub N N 409 
VAL C   OXT  sing N N 410 
VAL CB  CG1  sing N N 411 
VAL CB  CG2  sing N N 412 
VAL CB  HB   sing N N 413 
VAL CG1 HG11 sing N N 414 
VAL CG1 HG12 sing N N 415 
VAL CG1 HG13 sing N N 416 
VAL CG2 HG21 sing N N 417 
VAL CG2 HG22 sing N N 418 
VAL CG2 HG23 sing N N 419 
VAL OXT HXT  sing N N 420 
# 
_pdbx_audit_support.funding_organization   'Italian Association for Cancer Research' 
_pdbx_audit_support.country                Italy 
_pdbx_audit_support.grant_number           'MFAG 2017 - ID. 19882' 
_pdbx_audit_support.ordinal                1 
# 
_pdbx_entity_instance_feature.ordinal        1 
_pdbx_entity_instance_feature.comp_id        GJI 
_pdbx_entity_instance_feature.asym_id        ? 
_pdbx_entity_instance_feature.seq_num        ? 
_pdbx_entity_instance_feature.auth_comp_id   GJI 
_pdbx_entity_instance_feature.auth_asym_id   ? 
_pdbx_entity_instance_feature.auth_seq_num   ? 
_pdbx_entity_instance_feature.feature_type   'SUBJECT OF INVESTIGATION' 
_pdbx_entity_instance_feature.details        ? 
# 
_pdbx_initial_refinement_model.id               1 
_pdbx_initial_refinement_model.entity_id_list   ? 
_pdbx_initial_refinement_model.type             'experimental model' 
_pdbx_initial_refinement_model.source_name      PDB 
_pdbx_initial_refinement_model.accession_code   5MGJ 
_pdbx_initial_refinement_model.details          ? 
# 
_atom_sites.entry_id                    7QYT 
_atom_sites.Cartn_transf_matrix[1][1]   ? 
_atom_sites.Cartn_transf_matrix[1][2]   ? 
_atom_sites.Cartn_transf_matrix[1][3]   ? 
_atom_sites.Cartn_transf_matrix[2][1]   ? 
_atom_sites.Cartn_transf_matrix[2][2]   ? 
_atom_sites.Cartn_transf_matrix[2][3]   ? 
_atom_sites.Cartn_transf_matrix[3][1]   ? 
_atom_sites.Cartn_transf_matrix[3][2]   ? 
_atom_sites.Cartn_transf_matrix[3][3]   ? 
_atom_sites.Cartn_transf_vector[1]      ? 
_atom_sites.Cartn_transf_vector[2]      ? 
_atom_sites.Cartn_transf_vector[3]      ? 
_atom_sites.fract_transf_matrix[1][1]   0.00990084 
_atom_sites.fract_transf_matrix[1][2]   0.00462787 
_atom_sites.fract_transf_matrix[1][3]   -0.00560970 
_atom_sites.fract_transf_matrix[2][1]   0.01084345 
_atom_sites.fract_transf_matrix[2][2]   -0.00568775 
_atom_sites.fract_transf_matrix[2][3]   0.00099517 
_atom_sites.fract_transf_matrix[3][1]   -0.00631538 
_atom_sites.fract_transf_matrix[3][2]   -0.01635028 
_atom_sites.fract_transf_matrix[3][3]   -0.02463492 
_atom_sites.fract_transf_vector[1]      -0.144638 
_atom_sites.fract_transf_vector[2]      0.366854 
_atom_sites.fract_transf_vector[3]      -0.491657 
_atom_sites.solution_primary            ? 
_atom_sites.solution_secondary          ? 
_atom_sites.solution_hydrogens          ? 
_atom_sites.special_details             ? 
# 
loop_
_atom_type.symbol 
C 
N 
O 
S 
# 
loop_
_atom_site.group_PDB 
_atom_site.id 
_atom_site.type_symbol 
_atom_site.label_atom_id 
_atom_site.label_alt_id 
_atom_site.label_comp_id 
_atom_site.label_asym_id 
_atom_site.label_entity_id 
_atom_site.label_seq_id 
_atom_site.pdbx_PDB_ins_code 
_atom_site.Cartn_x 
_atom_site.Cartn_y 
_atom_site.Cartn_z 
_atom_site.occupancy 
_atom_site.B_iso_or_equiv 
_atom_site.pdbx_formal_charge 
_atom_site.auth_seq_id 
_atom_site.auth_comp_id 
_atom_site.auth_asym_id 
_atom_site.auth_atom_id 
_atom_site.pdbx_PDB_model_num 
ATOM   1   N N   . SER A 1 4   ? -18.073 8.391   -8.638  1.00 102.44 ? 1797 SER A N   1 
ATOM   2   C CA  . SER A 1 4   ? -17.729 7.036   -9.054  1.00 102.08 ? 1797 SER A CA  1 
ATOM   3   C C   . SER A 1 4   ? -16.231 6.917   -9.309  1.00 101.94 ? 1797 SER A C   1 
ATOM   4   O O   . SER A 1 4   ? -15.750 5.888   -9.786  1.00 100.86 ? 1797 SER A O   1 
ATOM   5   C CB  . SER A 1 4   ? -18.515 6.638   -10.305 1.00 104.39 ? 1797 SER A CB  1 
ATOM   6   O OG  . SER A 1 4   ? -17.720 6.766   -11.472 1.00 104.42 ? 1797 SER A OG  1 
ATOM   7   N N   . ASP A 1 5   ? -15.494 7.983   -8.988  1.00 102.97 ? 1798 ASP A N   1 
ATOM   8   C CA  . ASP A 1 5   ? -14.037 7.932   -9.065  1.00 100.82 ? 1798 ASP A CA  1 
ATOM   9   C C   . ASP A 1 5   ? -13.452 6.939   -8.073  1.00 97.31  ? 1798 ASP A C   1 
ATOM   10  O O   . ASP A 1 5   ? -12.300 6.519   -8.236  1.00 96.81  ? 1798 ASP A O   1 
ATOM   11  C CB  . ASP A 1 5   ? -13.446 9.322   -8.817  1.00 100.99 ? 1798 ASP A CB  1 
ATOM   12  C CG  . ASP A 1 5   ? -12.910 9.966   -10.082 1.00 102.15 ? 1798 ASP A CG  1 
ATOM   13  O OD1 . ASP A 1 5   ? -13.104 9.394   -11.173 1.00 103.10 ? 1798 ASP A OD1 1 
ATOM   14  O OD2 . ASP A 1 5   ? -12.281 11.041  -9.979  1.00 102.32 ? 1798 ASP A OD2 1 
ATOM   15  N N   . LEU A 1 6   ? -14.222 6.554   -7.056  1.00 94.11  ? 1799 LEU A N   1 
ATOM   16  C CA  . LEU A 1 6   ? -13.762 5.674   -5.994  1.00 88.32  ? 1799 LEU A CA  1 
ATOM   17  C C   . LEU A 1 6   ? -14.266 4.246   -6.139  1.00 85.01  ? 1799 LEU A C   1 
ATOM   18  O O   . LEU A 1 6   ? -13.780 3.362   -5.425  1.00 81.24  ? 1799 LEU A O   1 
ATOM   19  C CB  . LEU A 1 6   ? -14.209 6.227   -4.641  1.00 88.29  ? 1799 LEU A CB  1 
ATOM   20  C CG  . LEU A 1 6   ? -13.290 7.242   -3.968  1.00 87.59  ? 1799 LEU A CG  1 
ATOM   21  C CD1 . LEU A 1 6   ? -13.454 8.615   -4.605  1.00 89.85  ? 1799 LEU A CD1 1 
ATOM   22  C CD2 . LEU A 1 6   ? -13.577 7.293   -2.465  1.00 86.75  ? 1799 LEU A CD2 1 
ATOM   23  N N   . THR A 1 7   ? -15.207 3.994   -7.048  1.00 86.37  ? 1800 THR A N   1 
ATOM   24  C CA  . THR A 1 7   ? -15.715 2.638   -7.214  1.00 85.78  ? 1800 THR A CA  1 
ATOM   25  C C   . THR A 1 7   ? -14.667 1.720   -7.829  1.00 84.05  ? 1800 THR A C   1 
ATOM   26  O O   . THR A 1 7   ? -14.684 0.512   -7.576  1.00 81.66  ? 1800 THR A O   1 
ATOM   27  C CB  . THR A 1 7   ? -16.994 2.647   -8.054  1.00 88.86  ? 1800 THR A CB  1 
ATOM   28  O OG1 . THR A 1 7   ? -17.689 1.406   -7.878  1.00 89.09  ? 1800 THR A OG1 1 
ATOM   29  C CG2 . THR A 1 7   ? -16.680 2.844   -9.535  1.00 90.16  ? 1800 THR A CG2 1 
ATOM   30  N N   . PHE A 1 8   ? -13.746 2.268   -8.628  1.00 85.16  ? 1801 PHE A N   1 
ATOM   31  C CA  . PHE A 1 8   ? -12.618 1.476   -9.102  1.00 84.47  ? 1801 PHE A CA  1 
ATOM   32  C C   . PHE A 1 8   ? -11.579 1.278   -8.009  1.00 81.64  ? 1801 PHE A C   1 
ATOM   33  O O   . PHE A 1 8   ? -10.823 0.301   -8.045  1.00 81.71  ? 1801 PHE A O   1 
ATOM   34  C CB  . PHE A 1 8   ? -11.973 2.139   -10.319 1.00 86.51  ? 1801 PHE A CB  1 
ATOM   35  C CG  . PHE A 1 8   ? -12.830 2.114   -11.552 1.00 90.29  ? 1801 PHE A CG  1 
ATOM   36  C CD1 . PHE A 1 8   ? -13.845 1.179   -11.694 1.00 91.72  ? 1801 PHE A CD1 1 
ATOM   37  C CD2 . PHE A 1 8   ? -12.614 3.020   -12.579 1.00 91.82  ? 1801 PHE A CD2 1 
ATOM   38  C CE1 . PHE A 1 8   ? -14.633 1.155   -12.833 1.00 93.94  ? 1801 PHE A CE1 1 
ATOM   39  C CE2 . PHE A 1 8   ? -13.396 2.999   -13.719 1.00 94.20  ? 1801 PHE A CE2 1 
ATOM   40  C CZ  . PHE A 1 8   ? -14.408 2.065   -13.845 1.00 95.17  ? 1801 PHE A CZ  1 
ATOM   41  N N   . CYS A 1 9   ? -11.526 2.191   -7.036  1.00 78.21  ? 1802 CYS A N   1 
ATOM   42  C CA  . CYS A 1 9   ? -10.604 2.020   -5.921  1.00 72.50  ? 1802 CYS A CA  1 
ATOM   43  C C   . CYS A 1 9   ? -11.018 0.857   -5.031  1.00 69.15  ? 1802 CYS A C   1 
ATOM   44  O O   . CYS A 1 9   ? -10.156 0.178   -4.461  1.00 66.93  ? 1802 CYS A O   1 
ATOM   45  C CB  . CYS A 1 9   ? -10.507 3.314   -5.112  1.00 71.89  ? 1802 CYS A CB  1 
ATOM   46  S SG  . CYS A 1 9   ? -9.793  4.701   -6.030  1.00 72.15  ? 1802 CYS A SG  1 
ATOM   47  N N   . GLU A 1 10  ? -12.322 0.605   -4.904  1.00 70.68  ? 1803 GLU A N   1 
ATOM   48  C CA  . GLU A 1 10  ? -12.773 -0.567  -4.162  1.00 69.85  ? 1803 GLU A CA  1 
ATOM   49  C C   . GLU A 1 10  ? -12.341 -1.851  -4.856  1.00 69.05  ? 1803 GLU A C   1 
ATOM   50  O O   . GLU A 1 10  ? -11.938 -2.817  -4.198  1.00 67.35  ? 1803 GLU A O   1 
ATOM   51  C CB  . GLU A 1 10  ? -14.292 -0.531  -3.996  1.00 72.17  ? 1803 GLU A CB  1 
ATOM   52  C CG  . GLU A 1 10  ? -14.804 0.673   -3.228  1.00 74.18  ? 1803 GLU A CG  1 
ATOM   53  C CD  . GLU A 1 10  ? -14.825 0.445   -1.732  1.00 74.00  ? 1803 GLU A CD  1 
ATOM   54  O OE1 . GLU A 1 10  ? -14.349 -0.620  -1.283  1.00 72.98  ? 1803 GLU A OE1 1 
ATOM   55  O OE2 . GLU A 1 10  ? -15.319 1.333   -1.005  1.00 75.07  ? 1803 GLU A OE2 1 
ATOM   56  N N   . ILE A 1 11  ? -12.412 -1.876  -6.190  1.00 70.54  ? 1804 ILE A N   1 
ATOM   57  C CA  . ILE A 1 11  ? -11.957 -3.038  -6.949  1.00 69.88  ? 1804 ILE A CA  1 
ATOM   58  C C   . ILE A 1 11  ? -10.466 -3.259  -6.739  1.00 67.79  ? 1804 ILE A C   1 
ATOM   59  O O   . ILE A 1 11  ? -10.017 -4.373  -6.450  1.00 66.88  ? 1804 ILE A O   1 
ATOM   60  C CB  . ILE A 1 11  ? -12.286 -2.866  -8.442  1.00 71.86  ? 1804 ILE A CB  1 
ATOM   61  C CG1 . ILE A 1 11  ? -13.774 -2.596  -8.641  1.00 74.47  ? 1804 ILE A CG1 1 
ATOM   62  C CG2 . ILE A 1 11  ? -11.850 -4.091  -9.232  1.00 71.40  ? 1804 ILE A CG2 1 
ATOM   63  C CD1 . ILE A 1 11  ? -14.140 -2.304  -10.071 1.00 76.81  ? 1804 ILE A CD1 1 
ATOM   64  N N   . ILE A 1 12  ? -9.676  -2.194  -6.882  1.00 67.73  ? 1805 ILE A N   1 
ATOM   65  C CA  . ILE A 1 12  ? -8.226  -2.341  -6.846  1.00 67.29  ? 1805 ILE A CA  1 
ATOM   66  C C   . ILE A 1 12  ? -7.724  -2.580  -5.424  1.00 65.24  ? 1805 ILE A C   1 
ATOM   67  O O   . ILE A 1 12  ? -6.698  -3.244  -5.233  1.00 63.75  ? 1805 ILE A O   1 
ATOM   68  C CB  . ILE A 1 12  ? -7.564  -1.111  -7.496  1.00 70.27  ? 1805 ILE A CB  1 
ATOM   69  C CG1 . ILE A 1 12  ? -6.069  -1.331  -7.709  1.00 70.62  ? 1805 ILE A CG1 1 
ATOM   70  C CG2 . ILE A 1 12  ? -7.761  0.119   -6.653  1.00 70.85  ? 1805 ILE A CG2 1 
ATOM   71  C CD1 . ILE A 1 12  ? -5.445  -0.298  -8.621  1.00 72.44  ? 1805 ILE A CD1 1 
ATOM   72  N N   . LEU A 1 13  ? -8.420  -2.065  -4.407  1.00 65.66  ? 1806 LEU A N   1 
ATOM   73  C CA  . LEU A 1 13  ? -8.025  -2.362  -3.034  1.00 64.20  ? 1806 LEU A CA  1 
ATOM   74  C C   . LEU A 1 13  ? -8.444  -3.772  -2.635  1.00 64.32  ? 1806 LEU A C   1 
ATOM   75  O O   . LEU A 1 13  ? -7.719  -4.455  -1.901  1.00 62.86  ? 1806 LEU A O   1 
ATOM   76  C CB  . LEU A 1 13  ? -8.617  -1.333  -2.068  1.00 64.95  ? 1806 LEU A CB  1 
ATOM   77  C CG  . LEU A 1 13  ? -8.207  -1.491  -0.598  1.00 63.29  ? 1806 LEU A CG  1 
ATOM   78  C CD1 . LEU A 1 13  ? -6.693  -1.590  -0.465  1.00 60.72  ? 1806 LEU A CD1 1 
ATOM   79  C CD2 . LEU A 1 13  ? -8.744  -0.349  0.251   1.00 63.96  ? 1806 LEU A CD2 1 
ATOM   80  N N   . MET A 1 14  ? -9.608  -4.222  -3.110  1.00 65.89  ? 1807 MET A N   1 
ATOM   81  C CA  . MET A 1 14  ? -10.012 -5.603  -2.880  1.00 65.15  ? 1807 MET A CA  1 
ATOM   82  C C   . MET A 1 14  ? -9.031  -6.570  -3.528  1.00 62.49  ? 1807 MET A C   1 
ATOM   83  O O   . MET A 1 14  ? -8.655  -7.586  -2.930  1.00 60.24  ? 1807 MET A O   1 
ATOM   84  C CB  . MET A 1 14  ? -11.423 -5.834  -3.419  1.00 68.54  ? 1807 MET A CB  1 
ATOM   85  C CG  . MET A 1 14  ? -11.858 -7.286  -3.406  1.00 69.85  ? 1807 MET A CG  1 
ATOM   86  S SD  . MET A 1 14  ? -13.226 -7.584  -4.537  1.00 74.46  ? 1807 MET A SD  1 
ATOM   87  C CE  . MET A 1 14  ? -12.428 -7.345  -6.124  1.00 75.01  ? 1807 MET A CE  1 
ATOM   88  N N   . GLU A 1 15  ? -8.600  -6.264  -4.753  1.00 62.93  ? 1808 GLU A N   1 
ATOM   89  C CA  . GLU A 1 15  ? -7.652  -7.132  -5.440  1.00 63.09  ? 1808 GLU A CA  1 
ATOM   90  C C   . GLU A 1 15  ? -6.298  -7.120  -4.746  1.00 61.24  ? 1808 GLU A C   1 
ATOM   91  O O   . GLU A 1 15  ? -5.640  -8.160  -4.635  1.00 61.33  ? 1808 GLU A O   1 
ATOM   92  C CB  . GLU A 1 15  ? -7.519  -6.707  -6.902  1.00 65.11  ? 1808 GLU A CB  1 
ATOM   93  C CG  . GLU A 1 15  ? -8.539  -7.361  -7.828  1.00 67.49  ? 1808 GLU A CG  1 
ATOM   94  C CD  . GLU A 1 15  ? -8.700  -6.622  -9.145  1.00 70.55  ? 1808 GLU A CD  1 
ATOM   95  O OE1 . GLU A 1 15  ? -8.261  -5.458  -9.232  1.00 71.11  ? 1808 GLU A OE1 1 
ATOM   96  O OE2 . GLU A 1 15  ? -9.262  -7.207  -10.094 1.00 72.64  ? 1808 GLU A OE2 1 
ATOM   97  N N   . MET A 1 16  ? -5.870  -5.954  -4.261  1.00 60.54  ? 1809 MET A N   1 
ATOM   98  C CA  . MET A 1 16  ? -4.602  -5.882  -3.544  1.00 58.12  ? 1809 MET A CA  1 
ATOM   99  C C   . MET A 1 16  ? -4.688  -6.589  -2.198  1.00 56.19  ? 1809 MET A C   1 
ATOM   100 O O   . MET A 1 16  ? -3.716  -7.210  -1.759  1.00 54.09  ? 1809 MET A O   1 
ATOM   101 C CB  . MET A 1 16  ? -4.179  -4.424  -3.361  1.00 57.69  ? 1809 MET A CB  1 
ATOM   102 C CG  . MET A 1 16  ? -3.627  -3.784  -4.619  1.00 58.50  ? 1809 MET A CG  1 
ATOM   103 S SD  . MET A 1 16  ? -2.673  -2.296  -4.276  1.00 59.06  ? 1809 MET A SD  1 
ATOM   104 C CE  . MET A 1 16  ? -3.968  -1.137  -3.834  1.00 60.87  ? 1809 MET A CE  1 
ATOM   105 N N   . GLU A 1 17  ? -5.844  -6.515  -1.532  1.00 58.40  ? 1810 GLU A N   1 
ATOM   106 C CA  . GLU A 1 17  ? -5.983  -7.138  -0.218  1.00 58.52  ? 1810 GLU A CA  1 
ATOM   107 C C   . GLU A 1 17  ? -5.850  -8.654  -0.287  1.00 58.14  ? 1810 GLU A C   1 
ATOM   108 O O   . GLU A 1 17  ? -5.375  -9.277  0.669   1.00 57.34  ? 1810 GLU A O   1 
ATOM   109 C CB  . GLU A 1 17  ? -7.329  -6.764  0.404   1.00 59.53  ? 1810 GLU A CB  1 
ATOM   110 C CG  . GLU A 1 17  ? -7.335  -5.444  1.153   1.00 59.54  ? 1810 GLU A CG  1 
ATOM   111 C CD  . GLU A 1 17  ? -8.731  -5.003  1.549   1.00 61.60  ? 1810 GLU A CD  1 
ATOM   112 O OE1 . GLU A 1 17  ? -9.711  -5.535  0.987   1.00 63.44  ? 1810 GLU A OE1 1 
ATOM   113 O OE2 . GLU A 1 17  ? -8.849  -4.122  2.423   1.00 62.43  ? 1810 GLU A OE2 1 
ATOM   114 N N   . SER A 1 18  ? -6.264  -9.262  -1.398  1.00 58.18  ? 1811 SER A N   1 
ATOM   115 C CA  . SER A 1 18  ? -6.287  -10.713 -1.533  1.00 58.21  ? 1811 SER A CA  1 
ATOM   116 C C   . SER A 1 18  ? -5.156  -11.247 -2.400  1.00 56.76  ? 1811 SER A C   1 
ATOM   117 O O   . SER A 1 18  ? -5.151  -12.440 -2.729  1.00 56.85  ? 1811 SER A O   1 
ATOM   118 C CB  . SER A 1 18  ? -7.632  -11.162 -2.100  1.00 60.66  ? 1811 SER A CB  1 
ATOM   119 O OG  . SER A 1 18  ? -7.796  -10.689 -3.424  1.00 62.78  ? 1811 SER A OG  1 
ATOM   120 N N   . HIS A 1 19  ? -4.205  -10.403 -2.779  1.00 55.88  ? 1812 HIS A N   1 
ATOM   121 C CA  . HIS A 1 19  ? -3.069  -10.874 -3.554  1.00 56.20  ? 1812 HIS A CA  1 
ATOM   122 C C   . HIS A 1 19  ? -2.136  -11.682 -2.663  1.00 57.49  ? 1812 HIS A C   1 
ATOM   123 O O   . HIS A 1 19  ? -1.983  -11.388 -1.474  1.00 56.23  ? 1812 HIS A O   1 
ATOM   124 C CB  . HIS A 1 19  ? -2.338  -9.684  -4.177  1.00 54.30  ? 1812 HIS A CB  1 
ATOM   125 C CG  . HIS A 1 19  ? -1.282  -10.061 -5.168  1.00 53.56  ? 1812 HIS A CG  1 
ATOM   126 N ND1 . HIS A 1 19  ? -1.313  -9.628  -6.480  1.00 54.55  ? 1812 HIS A ND1 1 
ATOM   127 C CD2 . HIS A 1 19  ? -0.150  -10.794 -5.048  1.00 52.44  ? 1812 HIS A CD2 1 
ATOM   128 C CE1 . HIS A 1 19  ? -0.264  -10.100 -7.124  1.00 54.01  ? 1812 HIS A CE1 1 
ATOM   129 N NE2 . HIS A 1 19  ? 0.462   -10.811 -6.277  1.00 52.91  ? 1812 HIS A NE2 1 
ATOM   130 N N   . ASP A 1 20  ? -1.525  -12.715 -3.251  1.00 59.83  ? 1813 ASP A N   1 
ATOM   131 C CA  . ASP A 1 20  ? -0.595  -13.568 -2.518  1.00 60.32  ? 1813 ASP A CA  1 
ATOM   132 C C   . ASP A 1 20  ? 0.451   -12.742 -1.781  1.00 58.79  ? 1813 ASP A C   1 
ATOM   133 O O   . ASP A 1 20  ? 0.711   -12.962 -0.593  1.00 59.38  ? 1813 ASP A O   1 
ATOM   134 C CB  . ASP A 1 20  ? 0.093   -14.539 -3.482  1.00 63.33  ? 1813 ASP A CB  1 
ATOM   135 C CG  . ASP A 1 20  ? -0.601  -15.890 -3.563  1.00 66.51  ? 1813 ASP A CG  1 
ATOM   136 O OD1 . ASP A 1 20  ? -1.486  -16.174 -2.726  1.00 67.29  ? 1813 ASP A OD1 1 
ATOM   137 O OD2 . ASP A 1 20  ? -0.247  -16.678 -4.467  1.00 67.37  ? 1813 ASP A OD2 1 
ATOM   138 N N   . ALA A 1 21  ? 1.047   -11.772 -2.470  1.00 57.27  ? 1814 ALA A N   1 
ATOM   139 C CA  . ALA A 1 21  ? 2.178   -11.012 -1.952  1.00 54.97  ? 1814 ALA A CA  1 
ATOM   140 C C   . ALA A 1 21  ? 1.771   -9.809  -1.098  1.00 55.58  ? 1814 ALA A C   1 
ATOM   141 O O   . ALA A 1 21  ? 2.620   -8.958  -0.809  1.00 54.21  ? 1814 ALA A O   1 
ATOM   142 C CB  . ALA A 1 21  ? 3.065   -10.549 -3.111  1.00 52.75  ? 1814 ALA A CB  1 
ATOM   143 N N   . ALA A 1 22  ? 0.511   -9.720  -0.679  1.00 56.91  ? 1815 ALA A N   1 
ATOM   144 C CA  . ALA A 1 22  ? 0.062   -8.581  0.114   1.00 56.77  ? 1815 ALA A CA  1 
ATOM   145 C C   . ALA A 1 22  ? 0.310   -8.751  1.604   1.00 55.76  ? 1815 ALA A C   1 
ATOM   146 O O   . ALA A 1 22  ? 0.012   -7.826  2.366   1.00 56.13  ? 1815 ALA A O   1 
ATOM   147 C CB  . ALA A 1 22  ? -1.426  -8.327  -0.117  1.00 58.17  ? 1815 ALA A CB  1 
ATOM   148 N N   . TRP A 1 23  ? 0.855   -9.888  2.033   1.00 55.08  ? 1816 TRP A N   1 
ATOM   149 C CA  . TRP A 1 23  ? 0.994   -10.143 3.464   1.00 53.92  ? 1816 TRP A CA  1 
ATOM   150 C C   . TRP A 1 23  ? 1.800   -9.089  4.224   1.00 55.17  ? 1816 TRP A C   1 
ATOM   151 O O   . TRP A 1 23  ? 1.449   -8.843  5.399   1.00 57.25  ? 1816 TRP A O   1 
ATOM   152 C CB  . TRP A 1 23  ? 1.589   -11.545 3.685   1.00 51.76  ? 1816 TRP A CB  1 
ATOM   153 C CG  . TRP A 1 23  ? 2.929   -11.771 3.063   1.00 52.28  ? 1816 TRP A CG  1 
ATOM   154 C CD1 . TRP A 1 23  ? 3.181   -12.262 1.815   1.00 52.90  ? 1816 TRP A CD1 1 
ATOM   155 C CD2 . TRP A 1 23  ? 4.207   -11.523 3.663   1.00 53.47  ? 1816 TRP A CD2 1 
ATOM   156 N NE1 . TRP A 1 23  ? 4.537   -12.330 1.599   1.00 53.53  ? 1816 TRP A NE1 1 
ATOM   157 C CE2 . TRP A 1 23  ? 5.188   -11.878 2.716   1.00 53.96  ? 1816 TRP A CE2 1 
ATOM   158 C CE3 . TRP A 1 23  ? 4.617   -11.020 4.902   1.00 54.72  ? 1816 TRP A CE3 1 
ATOM   159 C CZ2 . TRP A 1 23  ? 6.555   -11.755 2.972   1.00 54.78  ? 1816 TRP A CZ2 1 
ATOM   160 C CZ3 . TRP A 1 23  ? 5.975   -10.898 5.156   1.00 55.27  ? 1816 TRP A CZ3 1 
ATOM   161 C CH2 . TRP A 1 23  ? 6.927   -11.267 4.193   1.00 54.98  ? 1816 TRP A CH2 1 
ATOM   162 N N   . PRO A 1 24  ? 2.835   -8.437  3.685   1.00 53.08  ? 1817 PRO A N   1 
ATOM   163 C CA  . PRO A 1 24  ? 3.544   -7.429  4.491   1.00 51.43  ? 1817 PRO A CA  1 
ATOM   164 C C   . PRO A 1 24  ? 2.755   -6.151  4.703   1.00 53.30  ? 1817 PRO A C   1 
ATOM   165 O O   . PRO A 1 24  ? 3.183   -5.312  5.508   1.00 54.75  ? 1817 PRO A O   1 
ATOM   166 C CB  . PRO A 1 24  ? 4.825   -7.154  3.689   1.00 49.43  ? 1817 PRO A CB  1 
ATOM   167 C CG  . PRO A 1 24  ? 4.903   -8.235  2.670   1.00 50.68  ? 1817 PRO A CG  1 
ATOM   168 C CD  . PRO A 1 24  ? 3.492   -8.595  2.372   1.00 51.58  ? 1817 PRO A CD  1 
ATOM   169 N N   . PHE A 1 25  ? 1.617   -5.976  4.030   1.00 53.68  ? 1818 PHE A N   1 
ATOM   170 C CA  . PHE A 1 25  ? 0.929   -4.693  3.997   1.00 54.36  ? 1818 PHE A CA  1 
ATOM   171 C C   . PHE A 1 25  ? -0.517  -4.770  4.470   1.00 55.88  ? 1818 PHE A C   1 
ATOM   172 O O   . PHE A 1 25  ? -1.243  -3.774  4.365   1.00 56.87  ? 1818 PHE A O   1 
ATOM   173 C CB  . PHE A 1 25  ? 0.997   -4.113  2.583   1.00 54.03  ? 1818 PHE A CB  1 
ATOM   174 C CG  . PHE A 1 25  ? 2.334   -4.294  1.931   1.00 52.15  ? 1818 PHE A CG  1 
ATOM   175 C CD1 . PHE A 1 25  ? 3.424   -3.549  2.345   1.00 49.49  ? 1818 PHE A CD1 1 
ATOM   176 C CD2 . PHE A 1 25  ? 2.511   -5.227  0.923   1.00 54.15  ? 1818 PHE A CD2 1 
ATOM   177 C CE1 . PHE A 1 25  ? 4.663   -3.713  1.759   1.00 46.26  ? 1818 PHE A CE1 1 
ATOM   178 C CE2 . PHE A 1 25  ? 3.749   -5.397  0.330   1.00 55.46  ? 1818 PHE A CE2 1 
ATOM   179 C CZ  . PHE A 1 25  ? 4.828   -4.639  0.755   1.00 55.43  ? 1818 PHE A CZ  1 
ATOM   180 N N   . LEU A 1 26  ? -0.904  -5.877  5.058   1.00 55.18  ? 1819 LEU A N   1 
ATOM   181 C CA  . LEU A 1 26  ? -2.309  -6.023  5.471   1.00 55.28  ? 1819 LEU A CA  1 
ATOM   182 C C   . LEU A 1 26  ? -2.541  -5.275  6.771   1.00 59.55  ? 1819 LEU A C   1 
ATOM   183 O O   . LEU A 1 26  ? -3.623  -4.775  6.951   1.00 60.48  ? 1819 LEU A O   1 
ATOM   184 C CB  . LEU A 1 26  ? -2.578  -7.513  5.598   1.00 54.05  ? 1819 LEU A CB  1 
ATOM   185 C CG  . LEU A 1 26  ? -2.755  -8.211  4.263   1.00 52.35  ? 1819 LEU A CG  1 
ATOM   186 C CD1 . LEU A 1 26  ? -2.924  -9.693  4.437   1.00 52.76  ? 1819 LEU A CD1 1 
ATOM   187 C CD2 . LEU A 1 26  ? -3.921  -7.629  3.524   1.00 49.54  ? 1819 LEU A CD2 1 
ATOM   188 N N   . GLU A 1 27  ? -1.529  -5.231  7.644   1.00 61.37  ? 1820 GLU A N   1 
ATOM   189 C CA  . GLU A 1 27  ? -1.654  -4.535  8.954   1.00 59.38  ? 1820 GLU A CA  1 
ATOM   190 C C   . GLU A 1 27  ? -0.507  -3.532  9.112   1.00 56.93  ? 1820 GLU A C   1 
ATOM   191 O O   . GLU A 1 27  ? 0.563   -3.757  8.514   1.00 59.02  ? 1820 GLU A O   1 
ATOM   192 C CB  . GLU A 1 27  ? -1.651  -5.551  10.098  1.00 63.11  ? 1820 GLU A CB  1 
ATOM   193 C CG  . GLU A 1 27  ? -2.492  -6.783  9.818   1.00 66.60  ? 1820 GLU A CG  1 
ATOM   194 C CD  . GLU A 1 27  ? -2.464  -7.831  10.916  1.00 70.81  ? 1820 GLU A CD  1 
ATOM   195 O OE1 . GLU A 1 27  ? -2.481  -9.033  10.586  1.00 73.38  ? 1820 GLU A OE1 1 
ATOM   196 O OE2 . GLU A 1 27  ? -2.424  -7.442  12.102  1.00 71.33  ? 1820 GLU A OE2 1 
ATOM   197 N N   . PRO A 1 28  ? -0.683  -2.438  9.889   1.00 51.24  ? 1821 PRO A N   1 
ATOM   198 C CA  . PRO A 1 28  ? 0.375   -1.441  10.085  1.00 48.17  ? 1821 PRO A CA  1 
ATOM   199 C C   . PRO A 1 28  ? 1.629   -2.065  10.717  1.00 48.48  ? 1821 PRO A C   1 
ATOM   200 O O   . PRO A 1 28  ? 1.489   -2.927  11.565  1.00 50.07  ? 1821 PRO A O   1 
ATOM   201 C CB  . PRO A 1 28  ? -0.247  -0.435  11.065  1.00 46.30  ? 1821 PRO A CB  1 
ATOM   202 C CG  . PRO A 1 28  ? -1.739  -0.618  10.894  1.00 45.74  ? 1821 PRO A CG  1 
ATOM   203 C CD  . PRO A 1 28  ? -1.912  -2.095  10.606  1.00 48.29  ? 1821 PRO A CD  1 
ATOM   204 N N   . VAL A 1 29  ? 2.810   -1.609  10.290  1.00 48.25  ? 1822 VAL A N   1 
ATOM   205 C CA  . VAL A 1 29  ? 4.104   -2.131  10.824  1.00 51.04  ? 1822 VAL A CA  1 
ATOM   206 C C   . VAL A 1 29  ? 4.203   -1.777  12.313  1.00 52.78  ? 1822 VAL A C   1 
ATOM   207 O O   . VAL A 1 29  ? 4.085   -0.582  12.644  1.00 52.47  ? 1822 VAL A O   1 
ATOM   208 C CB  . VAL A 1 29  ? 5.305   -1.575  10.034  1.00 52.30  ? 1822 VAL A CB  1 
ATOM   209 C CG1 . VAL A 1 29  ? 6.612   -1.758  10.790  1.00 52.57  ? 1822 VAL A CG1 1 
ATOM   210 C CG2 . VAL A 1 29  ? 5.398   -2.185  8.644   1.00 51.09  ? 1822 VAL A CG2 1 
ATOM   211 N N   . ASN A 1 30  ? 4.412   -2.786  13.165  1.00 55.34  ? 1823 ASN A N   1 
ATOM   212 C CA  . ASN A 1 30  ? 4.526   -2.576  14.603  1.00 55.50  ? 1823 ASN A CA  1 
ATOM   213 C C   . ASN A 1 30  ? 5.948   -2.110  14.908  1.00 56.65  ? 1823 ASN A C   1 
ATOM   214 O O   . ASN A 1 30  ? 6.876   -2.920  14.860  1.00 58.75  ? 1823 ASN A O   1 
ATOM   215 C CB  . ASN A 1 30  ? 4.219   -3.865  15.358  1.00 57.34  ? 1823 ASN A CB  1 
ATOM   216 C CG  . ASN A 1 30  ? 4.151   -3.665  16.865  1.00 58.28  ? 1823 ASN A CG  1 
ATOM   217 O OD1 . ASN A 1 30  ? 4.540   -2.622  17.393  1.00 57.91  ? 1823 ASN A OD1 1 
ATOM   218 N ND2 . ASN A 1 30  ? 3.653   -4.676  17.565  1.00 59.28  ? 1823 ASN A ND2 1 
ATOM   219 N N   . PRO A 1 31  ? 6.152   -0.823  15.225  1.00 55.53  ? 1824 PRO A N   1 
ATOM   220 C CA  . PRO A 1 31  ? 7.534   -0.347  15.420  1.00 56.23  ? 1824 PRO A CA  1 
ATOM   221 C C   . PRO A 1 31  ? 8.216   -0.939  16.637  1.00 58.48  ? 1824 PRO A C   1 
ATOM   222 O O   . PRO A 1 31  ? 9.452   -0.939  16.690  1.00 61.34  ? 1824 PRO A O   1 
ATOM   223 C CB  . PRO A 1 31  ? 7.357   1.171   15.557  1.00 53.81  ? 1824 PRO A CB  1 
ATOM   224 C CG  . PRO A 1 31  ? 5.974   1.337   16.069  1.00 52.27  ? 1824 PRO A CG  1 
ATOM   225 C CD  . PRO A 1 31  ? 5.160   0.233   15.460  1.00 52.62  ? 1824 PRO A CD  1 
ATOM   226 N N   . ARG A 1 32  ? 7.459   -1.445  17.614  1.00 57.38  ? 1825 ARG A N   1 
ATOM   227 C CA  . ARG A 1 32  ? 8.071   -2.137  18.742  1.00 56.97  ? 1825 ARG A CA  1 
ATOM   228 C C   . ARG A 1 32  ? 8.821   -3.383  18.303  1.00 58.59  ? 1825 ARG A C   1 
ATOM   229 O O   . ARG A 1 32  ? 9.707   -3.848  19.025  1.00 60.25  ? 1825 ARG A O   1 
ATOM   230 C CB  . ARG A 1 32  ? 7.005   -2.525  19.765  1.00 56.53  ? 1825 ARG A CB  1 
ATOM   231 C CG  . ARG A 1 32  ? 6.397   -1.366  20.522  1.00 55.96  ? 1825 ARG A CG  1 
ATOM   232 C CD  . ARG A 1 32  ? 5.093   -1.790  21.176  1.00 58.26  ? 1825 ARG A CD  1 
ATOM   233 N NE  . ARG A 1 32  ? 4.653   -0.846  22.199  1.00 60.38  ? 1825 ARG A NE  1 
ATOM   234 C CZ  . ARG A 1 32  ? 3.581   -1.024  22.965  1.00 62.34  ? 1825 ARG A CZ  1 
ATOM   235 N NH1 . ARG A 1 32  ? 2.835   -2.113  22.822  1.00 62.35  ? 1825 ARG A NH1 1 
ATOM   236 N NH2 . ARG A 1 32  ? 3.259   -0.116  23.878  1.00 63.46  ? 1825 ARG A NH2 1 
ATOM   237 N N   . LEU A 1 33  ? 8.484   -3.931  17.136  1.00 58.48  ? 1826 LEU A N   1 
ATOM   238 C CA  . LEU A 1 33  ? 9.078   -5.164  16.647  1.00 60.58  ? 1826 LEU A CA  1 
ATOM   239 C C   . LEU A 1 33  ? 10.141  -4.941  15.581  1.00 62.42  ? 1826 LEU A C   1 
ATOM   240 O O   . LEU A 1 33  ? 10.883  -5.878  15.265  1.00 65.44  ? 1826 LEU A O   1 
ATOM   241 C CB  . LEU A 1 33  ? 7.986   -6.082  16.081  1.00 60.20  ? 1826 LEU A CB  1 
ATOM   242 C CG  . LEU A 1 33  ? 6.882   -6.528  17.042  1.00 59.41  ? 1826 LEU A CG  1 
ATOM   243 C CD1 . LEU A 1 33  ? 5.705   -7.114  16.271  1.00 58.22  ? 1826 LEU A CD1 1 
ATOM   244 C CD2 . LEU A 1 33  ? 7.422   -7.529  18.047  1.00 61.46  ? 1826 LEU A CD2 1 
ATOM   245 N N   . VAL A 1 34  ? 10.235  -3.738  15.021  1.00 60.41  ? 1827 VAL A N   1 
ATOM   246 C CA  . VAL A 1 34  ? 11.134  -3.454  13.906  1.00 60.05  ? 1827 VAL A CA  1 
ATOM   247 C C   . VAL A 1 34  ? 12.073  -2.344  14.352  1.00 60.13  ? 1827 VAL A C   1 
ATOM   248 O O   . VAL A 1 34  ? 11.678  -1.174  14.426  1.00 58.62  ? 1827 VAL A O   1 
ATOM   249 C CB  . VAL A 1 34  ? 10.377  -3.061  12.633  1.00 58.36  ? 1827 VAL A CB  1 
ATOM   250 C CG1 . VAL A 1 34  ? 11.356  -2.812  11.497  1.00 58.95  ? 1827 VAL A CG1 1 
ATOM   251 C CG2 . VAL A 1 34  ? 9.378   -4.139  12.261  1.00 58.15  ? 1827 VAL A CG2 1 
ATOM   252 N N   . SER A 1 35  ? 13.318  -2.705  14.639  1.00 62.01  ? 1828 SER A N   1 
ATOM   253 C CA  . SER A 1 35  ? 14.309  -1.719  15.044  1.00 63.83  ? 1828 SER A CA  1 
ATOM   254 C C   . SER A 1 35  ? 14.554  -0.720  13.921  1.00 64.74  ? 1828 SER A C   1 
ATOM   255 O O   . SER A 1 35  ? 14.913  -1.105  12.804  1.00 65.91  ? 1828 SER A O   1 
ATOM   256 C CB  . SER A 1 35  ? 15.609  -2.420  15.433  1.00 66.63  ? 1828 SER A CB  1 
ATOM   257 O OG  . SER A 1 35  ? 16.686  -1.502  15.493  1.00 67.59  ? 1828 SER A OG  1 
ATOM   258 N N   . GLY A 1 36  ? 14.344  0.560   14.216  1.00 65.21  ? 1829 GLY A N   1 
ATOM   259 C CA  . GLY A 1 36  ? 14.662  1.627   13.292  1.00 65.59  ? 1829 GLY A CA  1 
ATOM   260 C C   . GLY A 1 36  ? 13.530  2.088   12.401  1.00 65.06  ? 1829 GLY A C   1 
ATOM   261 O O   . GLY A 1 36  ? 13.731  3.025   11.616  1.00 65.82  ? 1829 GLY A O   1 
ATOM   262 N N   . TYR A 1 37  ? 12.347  1.474   12.490  1.00 58.66  ? 1830 TYR A N   1 
ATOM   263 C CA  . TYR A 1 37  ? 11.264  1.843   11.583  1.00 57.05  ? 1830 TYR A CA  1 
ATOM   264 C C   . TYR A 1 37  ? 10.749  3.248   11.874  1.00 59.44  ? 1830 TYR A C   1 
ATOM   265 O O   . TYR A 1 37  ? 10.624  4.072   10.960  1.00 60.84  ? 1830 TYR A O   1 
ATOM   266 C CB  . TYR A 1 37  ? 10.125  0.829   11.667  1.00 54.19  ? 1830 TYR A CB  1 
ATOM   267 C CG  . TYR A 1 37  ? 9.214   0.873   10.463  1.00 52.31  ? 1830 TYR A CG  1 
ATOM   268 C CD1 . TYR A 1 37  ? 9.594   0.289   9.262   1.00 51.41  ? 1830 TYR A CD1 1 
ATOM   269 C CD2 . TYR A 1 37  ? 7.981   1.508   10.521  1.00 52.33  ? 1830 TYR A CD2 1 
ATOM   270 C CE1 . TYR A 1 37  ? 8.770   0.330   8.153   1.00 50.87  ? 1830 TYR A CE1 1 
ATOM   271 C CE2 . TYR A 1 37  ? 7.147   1.553   9.415   1.00 51.24  ? 1830 TYR A CE2 1 
ATOM   272 C CZ  . TYR A 1 37  ? 7.547   0.963   8.235   1.00 51.72  ? 1830 TYR A CZ  1 
ATOM   273 O OH  . TYR A 1 37  ? 6.722   1.004   7.132   1.00 53.14  ? 1830 TYR A OH  1 
ATOM   274 N N   . ARG A 1 38  ? 10.435  3.534   13.141  1.00 60.01  ? 1831 ARG A N   1 
ATOM   275 C CA  . ARG A 1 38  ? 9.924   4.852   13.501  1.00 61.86  ? 1831 ARG A CA  1 
ATOM   276 C C   . ARG A 1 38  ? 10.891  5.955   13.095  1.00 58.34  ? 1831 ARG A C   1 
ATOM   277 O O   . ARG A 1 38  ? 10.464  7.059   12.739  1.00 57.48  ? 1831 ARG A O   1 
ATOM   278 C CB  . ARG A 1 38  ? 9.654   4.914   15.004  1.00 68.41  ? 1831 ARG A CB  1 
ATOM   279 C CG  . ARG A 1 38  ? 8.189   5.094   15.376  1.00 72.80  ? 1831 ARG A CG  1 
ATOM   280 C CD  . ARG A 1 38  ? 8.046   5.618   16.808  1.00 77.44  ? 1831 ARG A CD  1 
ATOM   281 N NE  . ARG A 1 38  ? 8.190   4.566   17.812  1.00 79.28  ? 1831 ARG A NE  1 
ATOM   282 C CZ  . ARG A 1 38  ? 7.181   4.060   18.512  1.00 80.52  ? 1831 ARG A CZ  1 
ATOM   283 N NH1 . ARG A 1 38  ? 5.948   4.509   18.320  1.00 80.52  ? 1831 ARG A NH1 1 
ATOM   284 N NH2 . ARG A 1 38  ? 7.400   3.105   19.407  1.00 81.66  ? 1831 ARG A NH2 1 
ATOM   285 N N   . ARG A 1 39  ? 12.194  5.666   13.127  1.00 56.45  ? 1832 ARG A N   1 
ATOM   286 C CA  . ARG A 1 39  ? 13.198  6.672   12.808  1.00 55.44  ? 1832 ARG A CA  1 
ATOM   287 C C   . ARG A 1 39  ? 13.258  6.949   11.310  1.00 56.43  ? 1832 ARG A C   1 
ATOM   288 O O   . ARG A 1 39  ? 13.446  8.098   10.893  1.00 57.10  ? 1832 ARG A O   1 
ATOM   289 C CB  . ARG A 1 39  ? 14.560  6.211   13.331  1.00 55.58  ? 1832 ARG A CB  1 
ATOM   290 C CG  . ARG A 1 39  ? 15.726  7.107   12.958  1.00 57.42  ? 1832 ARG A CG  1 
ATOM   291 C CD  . ARG A 1 39  ? 16.992  6.724   13.715  1.00 61.24  ? 1832 ARG A CD  1 
ATOM   292 N NE  . ARG A 1 39  ? 17.341  5.315   13.553  1.00 64.35  ? 1832 ARG A NE  1 
ATOM   293 C CZ  . ARG A 1 39  ? 17.952  4.810   12.484  1.00 67.00  ? 1832 ARG A CZ  1 
ATOM   294 N NH1 . ARG A 1 39  ? 18.287  5.599   11.472  1.00 67.90  ? 1832 ARG A NH1 1 
ATOM   295 N NH2 . ARG A 1 39  ? 18.228  3.513   12.423  1.00 67.25  ? 1832 ARG A NH2 1 
ATOM   296 N N   . ILE A 1 40  ? 13.080  5.917   10.489  1.00 56.86  ? 1833 ILE A N   1 
ATOM   297 C CA  . ILE A 1 40  ? 13.332  6.026   9.054   1.00 57.05  ? 1833 ILE A CA  1 
ATOM   298 C C   . ILE A 1 40  ? 12.066  6.367   8.273   1.00 57.94  ? 1833 ILE A C   1 
ATOM   299 O O   . ILE A 1 40  ? 12.115  7.140   7.313   1.00 60.02  ? 1833 ILE A O   1 
ATOM   300 C CB  . ILE A 1 40  ? 13.968  4.719   8.544   1.00 55.45  ? 1833 ILE A CB  1 
ATOM   301 C CG1 . ILE A 1 40  ? 15.353  4.524   9.155   1.00 55.84  ? 1833 ILE A CG1 1 
ATOM   302 C CG2 . ILE A 1 40  ? 14.047  4.713   7.023   1.00 53.29  ? 1833 ILE A CG2 1 
ATOM   303 C CD1 . ILE A 1 40  ? 16.021  3.246   8.727   1.00 50.34  ? 1833 ILE A CD1 1 
ATOM   304 N N   . ILE A 1 41  ? 10.924  5.799   8.642   1.00 55.36  ? 1834 ILE A N   1 
ATOM   305 C CA  . ILE A 1 41  ? 9.698   5.939   7.864   1.00 52.91  ? 1834 ILE A CA  1 
ATOM   306 C C   . ILE A 1 41  ? 8.838   6.994   8.548   1.00 52.42  ? 1834 ILE A C   1 
ATOM   307 O O   . ILE A 1 41  ? 8.224   6.740   9.588   1.00 52.93  ? 1834 ILE A O   1 
ATOM   308 C CB  . ILE A 1 41  ? 8.964   4.604   7.719   1.00 51.06  ? 1834 ILE A CB  1 
ATOM   309 C CG1 . ILE A 1 41  ? 9.796   3.649   6.855   1.00 50.05  ? 1834 ILE A CG1 1 
ATOM   310 C CG2 . ILE A 1 41  ? 7.585   4.813   7.112   1.00 50.12  ? 1834 ILE A CG2 1 
ATOM   311 C CD1 . ILE A 1 41  ? 10.022  4.153   5.448   1.00 47.44  ? 1834 ILE A CD1 1 
ATOM   312 N N   . LYS A 1 42  ? 8.771   8.180   7.942   1.00 52.51  ? 1835 LYS A N   1 
ATOM   313 C CA  . LYS A 1 42  ? 8.078   9.291   8.583   1.00 55.33  ? 1835 LYS A CA  1 
ATOM   314 C C   . LYS A 1 42  ? 6.565   9.128   8.530   1.00 55.11  ? 1835 LYS A C   1 
ATOM   315 O O   . LYS A 1 42  ? 5.864   9.478   9.488   1.00 56.05  ? 1835 LYS A O   1 
ATOM   316 C CB  . LYS A 1 42  ? 8.497   10.613  7.941   1.00 58.33  ? 1835 LYS A CB  1 
ATOM   317 C CG  . LYS A 1 42  ? 9.809   11.194  8.476   1.00 61.33  ? 1835 LYS A CG  1 
ATOM   318 C CD  . LYS A 1 42  ? 10.203  10.617  9.848   1.00 63.28  ? 1835 LYS A CD  1 
ATOM   319 C CE  . LYS A 1 42  ? 9.438   11.257  11.028  1.00 66.12  ? 1835 LYS A CE  1 
ATOM   320 N NZ  . LYS A 1 42  ? 10.024  10.864  12.337  1.00 67.28  ? 1835 LYS A NZ  1 
ATOM   321 N N   . ASN A 1 43  ? 6.037   8.614   7.424   1.00 54.61  ? 1836 ASN A N   1 
ATOM   322 C CA  . ASN A 1 43  ? 4.595   8.525   7.202   1.00 54.40  ? 1836 ASN A CA  1 
ATOM   323 C C   . ASN A 1 43  ? 4.244   7.090   6.868   1.00 53.15  ? 1836 ASN A C   1 
ATOM   324 O O   . ASN A 1 43  ? 4.144   6.723   5.690   1.00 52.41  ? 1836 ASN A O   1 
ATOM   325 C CB  . ASN A 1 43  ? 4.151   9.477   6.091   1.00 54.88  ? 1836 ASN A CB  1 
ATOM   326 C CG  . ASN A 1 43  ? 4.398   10.928  6.438   1.00 56.49  ? 1836 ASN A CG  1 
ATOM   327 O OD1 . ASN A 1 43  ? 5.207   11.604  5.801   1.00 57.12  ? 1836 ASN A OD1 1 
ATOM   328 N ND2 . ASN A 1 43  ? 3.709   11.414  7.468   1.00 57.39  ? 1836 ASN A ND2 1 
ATOM   329 N N   . PRO A 1 44  ? 4.051   6.237   7.869   1.00 52.32  ? 1837 PRO A N   1 
ATOM   330 C CA  . PRO A 1 44  ? 3.683   4.848   7.588   1.00 50.46  ? 1837 PRO A CA  1 
ATOM   331 C C   . PRO A 1 44  ? 2.319   4.767   6.919   1.00 50.39  ? 1837 PRO A C   1 
ATOM   332 O O   . PRO A 1 44  ? 1.456   5.627   7.113   1.00 51.95  ? 1837 PRO A O   1 
ATOM   333 C CB  . PRO A 1 44  ? 3.673   4.190   8.973   1.00 50.08  ? 1837 PRO A CB  1 
ATOM   334 C CG  . PRO A 1 44  ? 3.458   5.315   9.921   1.00 51.26  ? 1837 PRO A CG  1 
ATOM   335 C CD  . PRO A 1 44  ? 4.159   6.498   9.317   1.00 51.89  ? 1837 PRO A CD  1 
ATOM   336 N N   . MET A 1 45  ? 2.138   3.722   6.115   1.00 50.03  ? 1838 MET A N   1 
ATOM   337 C CA  . MET A 1 45  ? 0.886   3.507   5.403   1.00 50.44  ? 1838 MET A CA  1 
ATOM   338 C C   . MET A 1 45  ? 0.757   2.026   5.084   1.00 50.79  ? 1838 MET A C   1 
ATOM   339 O O   . MET A 1 45  ? 1.756   1.345   4.845   1.00 51.83  ? 1838 MET A O   1 
ATOM   340 C CB  . MET A 1 45  ? 0.821   4.347   4.121   1.00 50.70  ? 1838 MET A CB  1 
ATOM   341 C CG  . MET A 1 45  ? -0.514  4.297   3.387   1.00 52.25  ? 1838 MET A CG  1 
ATOM   342 S SD  . MET A 1 45  ? -1.953  4.540   4.445   1.00 53.83  ? 1838 MET A SD  1 
ATOM   343 C CE  . MET A 1 45  ? -1.645  6.184   5.079   1.00 53.92  ? 1838 MET A CE  1 
ATOM   344 N N   . ASP A 1 46  ? -0.479  1.536   5.088   1.00 51.79  ? 1839 ASP A N   1 
ATOM   345 C CA  . ASP A 1 46  ? -0.737  0.127   4.816   1.00 53.59  ? 1839 ASP A CA  1 
ATOM   346 C C   . ASP A 1 46  ? -2.155  -0.025  4.279   1.00 55.84  ? 1839 ASP A C   1 
ATOM   347 O O   . ASP A 1 46  ? -2.945  0.922   4.277   1.00 57.90  ? 1839 ASP A O   1 
ATOM   348 C CB  . ASP A 1 46  ? -0.523  -0.729  6.066   1.00 54.47  ? 1839 ASP A CB  1 
ATOM   349 C CG  . ASP A 1 46  ? -1.588  -0.503  7.110   1.00 57.29  ? 1839 ASP A CG  1 
ATOM   350 O OD1 . ASP A 1 46  ? -1.562  0.559   7.764   1.00 59.12  ? 1839 ASP A OD1 1 
ATOM   351 O OD2 . ASP A 1 46  ? -2.458  -1.384  7.269   1.00 58.85  ? 1839 ASP A OD2 1 
ATOM   352 N N   . PHE A 1 47  ? -2.469  -1.246  3.834   1.00 54.82  ? 1840 PHE A N   1 
ATOM   353 C CA  . PHE A 1 47  ? -3.737  -1.489  3.149   1.00 54.09  ? 1840 PHE A CA  1 
ATOM   354 C C   . PHE A 1 47  ? -4.930  -1.306  4.080   1.00 53.20  ? 1840 PHE A C   1 
ATOM   355 O O   . PHE A 1 47  ? -5.978  -0.801  3.660   1.00 53.87  ? 1840 PHE A O   1 
ATOM   356 C CB  . PHE A 1 47  ? -3.753  -2.892  2.538   1.00 53.49  ? 1840 PHE A CB  1 
ATOM   357 C CG  . PHE A 1 47  ? -2.825  -3.058  1.370   1.00 53.29  ? 1840 PHE A CG  1 
ATOM   358 C CD1 . PHE A 1 47  ? -2.385  -1.957  0.656   1.00 54.08  ? 1840 PHE A CD1 1 
ATOM   359 C CD2 . PHE A 1 47  ? -2.403  -4.317  0.978   1.00 53.08  ? 1840 PHE A CD2 1 
ATOM   360 C CE1 . PHE A 1 47  ? -1.529  -2.105  -0.417  1.00 53.84  ? 1840 PHE A CE1 1 
ATOM   361 C CE2 . PHE A 1 47  ? -1.551  -4.474  -0.099  1.00 53.08  ? 1840 PHE A CE2 1 
ATOM   362 C CZ  . PHE A 1 47  ? -1.113  -3.366  -0.796  1.00 53.69  ? 1840 PHE A CZ  1 
ATOM   363 N N   . SER A 1 48  ? -4.799  -1.715  5.345   1.00 52.73  ? 1841 SER A N   1 
ATOM   364 C CA  . SER A 1 48  ? -5.930  -1.605  6.261   1.00 55.03  ? 1841 SER A CA  1 
ATOM   365 C C   . SER A 1 48  ? -6.235  -0.155  6.620   1.00 54.96  ? 1841 SER A C   1 
ATOM   366 O O   . SER A 1 48  ? -7.402  0.194   6.833   1.00 57.41  ? 1841 SER A O   1 
ATOM   367 C CB  . SER A 1 48  ? -5.673  -2.422  7.527   1.00 57.09  ? 1841 SER A CB  1 
ATOM   368 O OG  . SER A 1 48  ? -4.501  -1.979  8.190   1.00 59.39  ? 1841 SER A OG  1 
ATOM   369 N N   . THR A 1 49  ? -5.212  0.701   6.707   1.00 52.42  ? 1842 THR A N   1 
ATOM   370 C CA  . THR A 1 49  ? -5.478  2.126   6.879   1.00 54.33  ? 1842 THR A CA  1 
ATOM   371 C C   . THR A 1 49  ? -6.171  2.698   5.649   1.00 54.67  ? 1842 THR A C   1 
ATOM   372 O O   . THR A 1 49  ? -7.066  3.544   5.768   1.00 55.80  ? 1842 THR A O   1 
ATOM   373 C CB  . THR A 1 49  ? -4.179  2.882   7.169   1.00 54.46  ? 1842 THR A CB  1 
ATOM   374 O OG1 . THR A 1 49  ? -3.447  2.206   8.197   1.00 54.64  ? 1842 THR A OG1 1 
ATOM   375 C CG2 . THR A 1 49  ? -4.474  4.300   7.632   1.00 54.76  ? 1842 THR A CG2 1 
ATOM   376 N N   . MET A 1 50  ? -5.785  2.234   4.459   1.00 54.36  ? 1843 MET A N   1 
ATOM   377 C CA  . MET A 1 50  ? -6.470  2.649   3.239   1.00 54.74  ? 1843 MET A CA  1 
ATOM   378 C C   . MET A 1 50  ? -7.905  2.137   3.214   1.00 56.29  ? 1843 MET A C   1 
ATOM   379 O O   . MET A 1 50  ? -8.818  2.850   2.778   1.00 58.52  ? 1843 MET A O   1 
ATOM   380 C CB  . MET A 1 50  ? -5.696  2.160   2.015   1.00 53.70  ? 1843 MET A CB  1 
ATOM   381 C CG  . MET A 1 50  ? -4.415  2.933   1.757   1.00 54.29  ? 1843 MET A CG  1 
ATOM   382 S SD  . MET A 1 50  ? -3.248  2.063   0.695   1.00 55.42  ? 1843 MET A SD  1 
ATOM   383 C CE  . MET A 1 50  ? -4.160  2.019   -0.849  1.00 56.45  ? 1843 MET A CE  1 
ATOM   384 N N   . ARG A 1 51  ? -8.124  0.904   3.679   1.00 55.71  ? 1844 ARG A N   1 
ATOM   385 C CA  . ARG A 1 51  ? -9.482  0.377   3.779   1.00 58.18  ? 1844 ARG A CA  1 
ATOM   386 C C   . ARG A 1 51  ? -10.317 1.202   4.748   1.00 60.92  ? 1844 ARG A C   1 
ATOM   387 O O   . ARG A 1 51  ? -11.495 1.473   4.489   1.00 61.37  ? 1844 ARG A O   1 
ATOM   388 C CB  . ARG A 1 51  ? -9.447  -1.087  4.215   1.00 58.19  ? 1844 ARG A CB  1 
ATOM   389 C CG  . ARG A 1 51  ? -10.814 -1.691  4.527   1.00 61.16  ? 1844 ARG A CG  1 
ATOM   390 C CD  . ARG A 1 51  ? -11.731 -1.692  3.306   1.00 63.65  ? 1844 ARG A CD  1 
ATOM   391 N NE  . ARG A 1 51  ? -11.299 -2.648  2.288   1.00 56.67  ? 1844 ARG A NE  1 
ATOM   392 C CZ  . ARG A 1 51  ? -11.779 -2.688  1.050   1.00 57.66  ? 1844 ARG A CZ  1 
ATOM   393 N NH1 . ARG A 1 51  ? -12.710 -1.826  0.667   1.00 59.57  ? 1844 ARG A NH1 1 
ATOM   394 N NH2 . ARG A 1 51  ? -11.318 -3.587  0.191   1.00 69.30  ? 1844 ARG A NH2 1 
ATOM   395 N N   . HIS A 1 52  ? -9.719  1.616   5.867   1.00 63.83  ? 1845 HIS A N   1 
ATOM   396 C CA  . HIS A 1 52  ? -10.453 2.401   6.852   1.00 67.49  ? 1845 HIS A CA  1 
ATOM   397 C C   . HIS A 1 52  ? -10.770 3.795   6.323   1.00 65.99  ? 1845 HIS A C   1 
ATOM   398 O O   . HIS A 1 52  ? -11.884 4.296   6.516   1.00 66.25  ? 1845 HIS A O   1 
ATOM   399 C CB  . HIS A 1 52  ? -9.658  2.481   8.156   1.00 72.12  ? 1845 HIS A CB  1 
ATOM   400 C CG  . HIS A 1 52  ? -9.547  1.172   8.877   1.00 75.92  ? 1845 HIS A CG  1 
ATOM   401 N ND1 . HIS A 1 52  ? -10.174 0.023   8.442   1.00 76.62  ? 1845 HIS A ND1 1 
ATOM   402 C CD2 . HIS A 1 52  ? -8.883  0.831   10.009  1.00 76.32  ? 1845 HIS A CD2 1 
ATOM   403 C CE1 . HIS A 1 52  ? -9.900  -0.968  9.272   1.00 76.15  ? 1845 HIS A CE1 1 
ATOM   404 N NE2 . HIS A 1 52  ? -9.119  -0.504  10.232  1.00 75.74  ? 1845 HIS A NE2 1 
ATOM   405 N N   . ARG A 1 53  ? -9.810  4.435   5.648   1.00 64.33  ? 1846 ARG A N   1 
ATOM   406 C CA  . ARG A 1 53  ? -10.073 5.752   5.076   1.00 65.52  ? 1846 ARG A CA  1 
ATOM   407 C C   . ARG A 1 53  ? -11.123 5.666   3.976   1.00 65.91  ? 1846 ARG A C   1 
ATOM   408 O O   . ARG A 1 53  ? -12.028 6.506   3.901   1.00 68.33  ? 1846 ARG A O   1 
ATOM   409 C CB  . ARG A 1 53  ? -8.779  6.368   4.538   1.00 65.00  ? 1846 ARG A CB  1 
ATOM   410 C CG  . ARG A 1 53  ? -8.996  7.666   3.770   1.00 68.59  ? 1846 ARG A CG  1 
ATOM   411 C CD  . ARG A 1 53  ? -7.802  8.610   3.869   1.00 70.77  ? 1846 ARG A CD  1 
ATOM   412 N NE  . ARG A 1 53  ? -7.968  9.780   3.004   1.00 74.36  ? 1846 ARG A NE  1 
ATOM   413 C CZ  . ARG A 1 53  ? -6.972  10.413  2.391   1.00 74.38  ? 1846 ARG A CZ  1 
ATOM   414 N NH1 . ARG A 1 53  ? -5.721  9.997   2.544   1.00 72.65  ? 1846 ARG A NH1 1 
ATOM   415 N NH2 . ARG A 1 53  ? -7.225  11.464  1.622   1.00 75.91  ? 1846 ARG A NH2 1 
ATOM   416 N N   . LEU A 1 54  ? -11.021 4.646   3.122   1.00 62.99  ? 1847 LEU A N   1 
ATOM   417 C CA  . LEU A 1 54  ? -12.020 4.433   2.081   1.00 63.44  ? 1847 LEU A CA  1 
ATOM   418 C C   . LEU A 1 54  ? -13.391 4.144   2.682   1.00 64.90  ? 1847 LEU A C   1 
ATOM   419 O O   . LEU A 1 54  ? -14.402 4.701   2.239   1.00 67.27  ? 1847 LEU A O   1 
ATOM   420 C CB  . LEU A 1 54  ? -11.568 3.288   1.175   1.00 61.99  ? 1847 LEU A CB  1 
ATOM   421 C CG  . LEU A 1 54  ? -12.267 3.058   -0.164  1.00 64.95  ? 1847 LEU A CG  1 
ATOM   422 C CD1 . LEU A 1 54  ? -12.290 4.347   -0.987  1.00 65.43  ? 1847 LEU A CD1 1 
ATOM   423 C CD2 . LEU A 1 54  ? -11.570 1.942   -0.931  1.00 61.87  ? 1847 LEU A CD2 1 
ATOM   424 N N   . SER A 1 55  ? -13.442 3.279   3.702   1.00 64.10  ? 1848 SER A N   1 
ATOM   425 C CA  . SER A 1 55  ? -14.708 2.960   4.359   1.00 67.09  ? 1848 SER A CA  1 
ATOM   426 C C   . SER A 1 55  ? -15.373 4.204   4.931   1.00 72.59  ? 1848 SER A C   1 
ATOM   427 O O   . SER A 1 55  ? -16.606 4.286   4.979   1.00 75.49  ? 1848 SER A O   1 
ATOM   428 C CB  . SER A 1 55  ? -14.481 1.937   5.472   1.00 65.02  ? 1848 SER A CB  1 
ATOM   429 O OG  . SER A 1 55  ? -14.186 0.657   4.948   1.00 64.51  ? 1848 SER A OG  1 
ATOM   430 N N   . ARG A 1 56  ? -14.575 5.175   5.367   1.00 74.43  ? 1849 ARG A N   1 
ATOM   431 C CA  . ARG A 1 56  ? -15.063 6.403   5.973   1.00 77.35  ? 1849 ARG A CA  1 
ATOM   432 C C   . ARG A 1 56  ? -15.344 7.498   4.949   1.00 80.59  ? 1849 ARG A C   1 
ATOM   433 O O   . ARG A 1 56  ? -15.871 8.551   5.320   1.00 83.58  ? 1849 ARG A O   1 
ATOM   434 C CB  . ARG A 1 56  ? -14.036 6.892   7.003   1.00 76.63  ? 1849 ARG A CB  1 
ATOM   435 C CG  . ARG A 1 56  ? -14.561 7.803   8.092   1.00 79.95  ? 1849 ARG A CG  1 
ATOM   436 C CD  . ARG A 1 56  ? -13.512 7.934   9.179   1.00 81.05  ? 1849 ARG A CD  1 
ATOM   437 N NE  . ARG A 1 56  ? -13.593 9.202   9.899   1.00 85.78  ? 1849 ARG A NE  1 
ATOM   438 C CZ  . ARG A 1 56  ? -12.779 9.540   10.894  1.00 88.23  ? 1849 ARG A CZ  1 
ATOM   439 N NH1 . ARG A 1 56  ? -11.824 8.705   11.285  1.00 87.25  ? 1849 ARG A NH1 1 
ATOM   440 N NH2 . ARG A 1 56  ? -12.914 10.714  11.497  1.00 90.93  ? 1849 ARG A NH2 1 
ATOM   441 N N   . GLY A 1 57  ? -15.016 7.275   3.679   1.00 80.88  ? 1850 GLY A N   1 
ATOM   442 C CA  . GLY A 1 57  ? -15.202 8.277   2.648   1.00 83.32  ? 1850 GLY A CA  1 
ATOM   443 C C   . GLY A 1 57  ? -14.098 9.305   2.543   1.00 83.03  ? 1850 GLY A C   1 
ATOM   444 O O   . GLY A 1 57  ? -14.236 10.261  1.769   1.00 86.14  ? 1850 GLY A O   1 
ATOM   445 N N   . GLY A 1 58  ? -12.997 9.124   3.276   1.00 78.75  ? 1851 GLY A N   1 
ATOM   446 C CA  . GLY A 1 58  ? -11.918 10.093  3.360   1.00 76.85  ? 1851 GLY A CA  1 
ATOM   447 C C   . GLY A 1 58  ? -11.137 10.334  2.084   1.00 75.21  ? 1851 GLY A C   1 
ATOM   448 O O   . GLY A 1 58  ? -10.242 11.185  2.084   1.00 75.32  ? 1851 GLY A O   1 
ATOM   449 N N   . TYR A 1 59  ? -11.432 9.619   1.004   1.00 73.79  ? 1852 TYR A N   1 
ATOM   450 C CA  . TYR A 1 59  ? -10.798 9.863   -0.287  1.00 73.65  ? 1852 TYR A CA  1 
ATOM   451 C C   . TYR A 1 59  ? -11.754 10.693  -1.138  1.00 78.81  ? 1852 TYR A C   1 
ATOM   452 O O   . TYR A 1 59  ? -12.790 10.194  -1.587  1.00 81.19  ? 1852 TYR A O   1 
ATOM   453 C CB  . TYR A 1 59  ? -10.436 8.552   -0.980  1.00 69.72  ? 1852 TYR A CB  1 
ATOM   454 C CG  . TYR A 1 59  ? -9.333  7.780   -0.299  1.00 65.47  ? 1852 TYR A CG  1 
ATOM   455 C CD1 . TYR A 1 59  ? -8.043  8.291   -0.221  1.00 63.99  ? 1852 TYR A CD1 1 
ATOM   456 C CD2 . TYR A 1 59  ? -9.582  6.538   0.269   1.00 63.47  ? 1852 TYR A CD2 1 
ATOM   457 C CE1 . TYR A 1 59  ? -7.031  7.583   0.404   1.00 61.21  ? 1852 TYR A CE1 1 
ATOM   458 C CE2 . TYR A 1 59  ? -8.576  5.822   0.893   1.00 60.83  ? 1852 TYR A CE2 1 
ATOM   459 C CZ  . TYR A 1 59  ? -7.303  6.349   0.959   1.00 59.82  ? 1852 TYR A CZ  1 
ATOM   460 O OH  . TYR A 1 59  ? -6.304  5.637   1.581   1.00 57.63  ? 1852 TYR A OH  1 
ATOM   461 N N   . THR A 1 60  ? -11.410 11.965  -1.351  1.00 80.37  ? 1853 THR A N   1 
ATOM   462 C CA  . THR A 1 60  ? -12.268 12.844  -2.136  1.00 82.99  ? 1853 THR A CA  1 
ATOM   463 C C   . THR A 1 60  ? -12.084 12.636  -3.634  1.00 85.20  ? 1853 THR A C   1 
ATOM   464 O O   . THR A 1 60  ? -13.049 12.767  -4.396  1.00 89.03  ? 1853 THR A O   1 
ATOM   465 C CB  . THR A 1 60  ? -11.996 14.306  -1.775  1.00 82.58  ? 1853 THR A CB  1 
ATOM   466 O OG1 . THR A 1 60  ? -10.768 14.731  -2.378  1.00 81.01  ? 1853 THR A OG1 1 
ATOM   467 C CG2 . THR A 1 60  ? -11.895 14.470  -0.268  1.00 80.79  ? 1853 THR A CG2 1 
ATOM   468 N N   . SER A 1 61  ? -10.869 12.316  -4.072  1.00 82.73  ? 1854 SER A N   1 
ATOM   469 C CA  . SER A 1 61  ? -10.574 12.097  -5.478  1.00 82.75  ? 1854 SER A CA  1 
ATOM   470 C C   . SER A 1 61  ? -9.900  10.745  -5.646  1.00 80.03  ? 1854 SER A C   1 
ATOM   471 O O   . SER A 1 61  ? -9.458  10.117  -4.681  1.00 76.06  ? 1854 SER A O   1 
ATOM   472 C CB  . SER A 1 61  ? -9.678  13.204  -6.049  1.00 83.15  ? 1854 SER A CB  1 
ATOM   473 O OG  . SER A 1 61  ? -8.308  12.898  -5.857  1.00 79.73  ? 1854 SER A OG  1 
ATOM   474 N N   . SER A 1 62  ? -9.825  10.298  -6.901  1.00 82.78  ? 1855 SER A N   1 
ATOM   475 C CA  . SER A 1 62  ? -9.161  9.036   -7.190  1.00 81.55  ? 1855 SER A CA  1 
ATOM   476 C C   . SER A 1 62  ? -7.655  9.129   -6.974  1.00 78.67  ? 1855 SER A C   1 
ATOM   477 O O   . SER A 1 62  ? -7.014  8.123   -6.650  1.00 75.51  ? 1855 SER A O   1 
ATOM   478 C CB  . SER A 1 62  ? -9.473  8.604   -8.621  1.00 85.19  ? 1855 SER A CB  1 
ATOM   479 O OG  . SER A 1 62  ? -8.767  7.426   -8.955  1.00 84.19  ? 1855 SER A OG  1 
ATOM   480 N N   . GLU A 1 63  ? -7.075  10.322  -7.133  1.00 79.53  ? 1856 GLU A N   1 
ATOM   481 C CA  . GLU A 1 63  ? -5.629  10.475  -7.002  1.00 77.49  ? 1856 GLU A CA  1 
ATOM   482 C C   . GLU A 1 63  ? -5.165  10.407  -5.552  1.00 73.85  ? 1856 GLU A C   1 
ATOM   483 O O   . GLU A 1 63  ? -4.014  10.040  -5.294  1.00 71.59  ? 1856 GLU A O   1 
ATOM   484 C CB  . GLU A 1 63  ? -5.180  11.791  -7.635  1.00 81.00  ? 1856 GLU A CB  1 
ATOM   485 C CG  . GLU A 1 63  ? -5.482  11.891  -9.121  1.00 85.41  ? 1856 GLU A CG  1 
ATOM   486 C CD  . GLU A 1 63  ? -6.781  12.622  -9.407  1.00 90.78  ? 1856 GLU A CD  1 
ATOM   487 O OE1 . GLU A 1 63  ? -7.809  11.947  -9.642  1.00 92.26  ? 1856 GLU A OE1 1 
ATOM   488 O OE2 . GLU A 1 63  ? -6.775  13.871  -9.396  1.00 93.70  ? 1856 GLU A OE2 1 
ATOM   489 N N   . GLU A 1 64  ? -6.030  10.758  -4.598  1.00 74.72  ? 1857 GLU A N   1 
ATOM   490 C CA  . GLU A 1 64  ? -5.669  10.613  -3.192  1.00 73.75  ? 1857 GLU A CA  1 
ATOM   491 C C   . GLU A 1 64  ? -5.466  9.150   -2.830  1.00 69.72  ? 1857 GLU A C   1 
ATOM   492 O O   . GLU A 1 64  ? -4.528  8.806   -2.100  1.00 68.39  ? 1857 GLU A O   1 
ATOM   493 C CB  . GLU A 1 64  ? -6.745  11.232  -2.299  1.00 77.71  ? 1857 GLU A CB  1 
ATOM   494 C CG  . GLU A 1 64  ? -6.565  12.715  -2.023  1.00 81.76  ? 1857 GLU A CG  1 
ATOM   495 C CD  . GLU A 1 64  ? -7.823  13.356  -1.472  1.00 86.37  ? 1857 GLU A CD  1 
ATOM   496 O OE1 . GLU A 1 64  ? -8.659  12.630  -0.889  1.00 86.73  ? 1857 GLU A OE1 1 
ATOM   497 O OE2 . GLU A 1 64  ? -7.983  14.586  -1.624  1.00 89.62  ? 1857 GLU A OE2 1 
ATOM   498 N N   . PHE A 1 65  ? -6.343  8.273   -3.324  1.00 67.37  ? 1858 PHE A N   1 
ATOM   499 C CA  . PHE A 1 65  ? -6.193  6.847   -3.062  1.00 62.79  ? 1858 PHE A CA  1 
ATOM   500 C C   . PHE A 1 65  ? -4.873  6.327   -3.615  1.00 59.94  ? 1858 PHE A C   1 
ATOM   501 O O   . PHE A 1 65  ? -4.212  5.490   -2.987  1.00 57.77  ? 1858 PHE A O   1 
ATOM   502 C CB  . PHE A 1 65  ? -7.375  6.085   -3.661  1.00 63.46  ? 1858 PHE A CB  1 
ATOM   503 C CG  . PHE A 1 65  ? -7.256  4.593   -3.553  1.00 62.47  ? 1858 PHE A CG  1 
ATOM   504 C CD1 . PHE A 1 65  ? -6.710  3.850   -4.589  1.00 60.28  ? 1858 PHE A CD1 1 
ATOM   505 C CD2 . PHE A 1 65  ? -7.693  3.931   -2.417  1.00 61.98  ? 1858 PHE A CD2 1 
ATOM   506 C CE1 . PHE A 1 65  ? -6.596  2.483   -4.491  1.00 58.75  ? 1858 PHE A CE1 1 
ATOM   507 C CE2 . PHE A 1 65  ? -7.583  2.557   -2.317  1.00 60.02  ? 1858 PHE A CE2 1 
ATOM   508 C CZ  . PHE A 1 65  ? -7.034  1.833   -3.359  1.00 58.70  ? 1858 PHE A CZ  1 
ATOM   509 N N   . ALA A 1 66  ? -4.466  6.820   -4.785  1.00 61.41  ? 1859 ALA A N   1 
ATOM   510 C CA  . ALA A 1 66  ? -3.208  6.379   -5.373  1.00 61.29  ? 1859 ALA A CA  1 
ATOM   511 C C   . ALA A 1 66  ? -2.011  6.907   -4.597  1.00 59.38  ? 1859 ALA A C   1 
ATOM   512 O O   . ALA A 1 66  ? -0.979  6.229   -4.518  1.00 56.62  ? 1859 ALA A O   1 
ATOM   513 C CB  . ALA A 1 66  ? -3.129  6.816   -6.836  1.00 64.87  ? 1859 ALA A CB  1 
ATOM   514 N N   . ALA A 1 67  ? -2.127  8.105   -4.024  1.00 60.54  ? 1860 ALA A N   1 
ATOM   515 C CA  . ALA A 1 67  ? -1.035  8.648   -3.225  1.00 59.82  ? 1860 ALA A CA  1 
ATOM   516 C C   . ALA A 1 67  ? -0.760  7.774   -2.007  1.00 59.01  ? 1860 ALA A C   1 
ATOM   517 O O   . ALA A 1 67  ? 0.400   7.496   -1.684  1.00 59.12  ? 1860 ALA A O   1 
ATOM   518 C CB  . ALA A 1 67  ? -1.357  10.081  -2.803  1.00 61.45  ? 1860 ALA A CB  1 
ATOM   519 N N   . ASP A 1 68  ? -1.818  7.325   -1.323  1.00 58.77  ? 1861 ASP A N   1 
ATOM   520 C CA  . ASP A 1 68  ? -1.633  6.419   -0.194  1.00 56.87  ? 1861 ASP A CA  1 
ATOM   521 C C   . ASP A 1 68  ? -1.057  5.084   -0.649  1.00 54.09  ? 1861 ASP A C   1 
ATOM   522 O O   . ASP A 1 68  ? -0.244  4.476   0.057   1.00 51.66  ? 1861 ASP A O   1 
ATOM   523 C CB  . ASP A 1 68  ? -2.960  6.206   0.534   1.00 58.52  ? 1861 ASP A CB  1 
ATOM   524 C CG  . ASP A 1 68  ? -3.156  7.175   1.685   1.00 60.86  ? 1861 ASP A CG  1 
ATOM   525 O OD1 . ASP A 1 68  ? -2.147  7.707   2.192   1.00 61.08  ? 1861 ASP A OD1 1 
ATOM   526 O OD2 . ASP A 1 68  ? -4.317  7.402   2.085   1.00 62.46  ? 1861 ASP A OD2 1 
ATOM   527 N N   . ALA A 1 69  ? -1.462  4.616   -1.830  1.00 54.64  ? 1862 ALA A N   1 
ATOM   528 C CA  . ALA A 1 69  ? -0.975  3.331   -2.319  1.00 54.27  ? 1862 ALA A CA  1 
ATOM   529 C C   . ALA A 1 69  ? 0.514   3.389   -2.631  1.00 53.96  ? 1862 ALA A C   1 
ATOM   530 O O   . ALA A 1 69  ? 1.281   2.513   -2.215  1.00 52.42  ? 1862 ALA A O   1 
ATOM   531 C CB  . ALA A 1 69  ? -1.771  2.902   -3.551  1.00 55.37  ? 1862 ALA A CB  1 
ATOM   532 N N   . LEU A 1 70  ? 0.945   4.422   -3.357  1.00 55.28  ? 1863 LEU A N   1 
ATOM   533 C CA  . LEU A 1 70  ? 2.358   4.535   -3.700  1.00 54.30  ? 1863 LEU A CA  1 
ATOM   534 C C   . LEU A 1 70  ? 3.213   4.754   -2.466  1.00 53.51  ? 1863 LEU A C   1 
ATOM   535 O O   . LEU A 1 70  ? 4.385   4.357   -2.435  1.00 51.73  ? 1863 LEU A O   1 
ATOM   536 C CB  . LEU A 1 70  ? 2.561   5.664   -4.705  1.00 53.98  ? 1863 LEU A CB  1 
ATOM   537 C CG  . LEU A 1 70  ? 1.983   5.370   -6.091  1.00 55.18  ? 1863 LEU A CG  1 
ATOM   538 C CD1 . LEU A 1 70  ? 1.895   6.635   -6.926  1.00 57.36  ? 1863 LEU A CD1 1 
ATOM   539 C CD2 . LEU A 1 70  ? 2.807   4.305   -6.795  1.00 53.94  ? 1863 LEU A CD2 1 
ATOM   540 N N   . LEU A 1 71  ? 2.633   5.349   -1.435  1.00 54.95  ? 1864 LEU A N   1 
ATOM   541 C CA  . LEU A 1 71  ? 3.370   5.554   -0.206  1.00 55.68  ? 1864 LEU A CA  1 
ATOM   542 C C   . LEU A 1 71  ? 3.726   4.216   0.445   1.00 55.17  ? 1864 LEU A C   1 
ATOM   543 O O   . LEU A 1 71  ? 4.840   4.066   0.961   1.00 55.95  ? 1864 LEU A O   1 
ATOM   544 C CB  . LEU A 1 71  ? 2.535   6.464   0.694   1.00 55.85  ? 1864 LEU A CB  1 
ATOM   545 C CG  . LEU A 1 71  ? 3.179   7.232   1.845   1.00 56.03  ? 1864 LEU A CG  1 
ATOM   546 C CD1 . LEU A 1 71  ? 2.165   8.097   2.553   1.00 57.12  ? 1864 LEU A CD1 1 
ATOM   547 C CD2 . LEU A 1 71  ? 3.834   6.282   2.828   1.00 56.07  ? 1864 LEU A CD2 1 
ATOM   548 N N   . VAL A 1 72  ? 2.811   3.240   0.418   1.00 52.54  ? 1865 VAL A N   1 
ATOM   549 C CA  . VAL A 1 72  ? 3.098   1.910   0.959   1.00 49.82  ? 1865 VAL A CA  1 
ATOM   550 C C   . VAL A 1 72  ? 4.377   1.341   0.347   1.00 51.02  ? 1865 VAL A C   1 
ATOM   551 O O   . VAL A 1 72  ? 5.212   0.751   1.046   1.00 51.31  ? 1865 VAL A O   1 
ATOM   552 C CB  . VAL A 1 72  ? 1.905   0.968   0.714   1.00 47.62  ? 1865 VAL A CB  1 
ATOM   553 C CG1 . VAL A 1 72  ? 2.173   -0.383  1.342   1.00 46.76  ? 1865 VAL A CG1 1 
ATOM   554 C CG2 . VAL A 1 72  ? 0.615   1.571   1.248   1.00 48.53  ? 1865 VAL A CG2 1 
ATOM   555 N N   . PHE A 1 73  ? 4.546   1.509   -0.964  1.00 51.75  ? 1866 PHE A N   1 
ATOM   556 C CA  . PHE A 1 73  ? 5.678   0.898   -1.650  1.00 50.96  ? 1866 PHE A CA  1 
ATOM   557 C C   . PHE A 1 73  ? 6.925   1.770   -1.574  1.00 50.55  ? 1866 PHE A C   1 
ATOM   558 O O   . PHE A 1 73  ? 8.038   1.240   -1.514  1.00 50.16  ? 1866 PHE A O   1 
ATOM   559 C CB  . PHE A 1 73  ? 5.294   0.585   -3.100  1.00 50.57  ? 1866 PHE A CB  1 
ATOM   560 C CG  . PHE A 1 73  ? 3.977   -0.135  -3.223  1.00 50.39  ? 1866 PHE A CG  1 
ATOM   561 C CD1 . PHE A 1 73  ? 3.707   -1.248  -2.438  1.00 49.44  ? 1866 PHE A CD1 1 
ATOM   562 C CD2 . PHE A 1 73  ? 3.000   0.307   -4.101  1.00 50.90  ? 1866 PHE A CD2 1 
ATOM   563 C CE1 . PHE A 1 73  ? 2.493   -1.910  -2.534  1.00 48.36  ? 1866 PHE A CE1 1 
ATOM   564 C CE2 . PHE A 1 73  ? 1.784   -0.355  -4.199  1.00 50.20  ? 1866 PHE A CE2 1 
ATOM   565 C CZ  . PHE A 1 73  ? 1.534   -1.462  -3.415  1.00 48.45  ? 1866 PHE A CZ  1 
ATOM   566 N N   . ASP A 1 74  ? 6.768   3.095   -1.554  1.00 51.30  ? 1867 ASP A N   1 
ATOM   567 C CA  . ASP A 1 74  ? 7.918   3.963   -1.312  1.00 51.98  ? 1867 ASP A CA  1 
ATOM   568 C C   . ASP A 1 74  ? 8.521   3.697   0.067   1.00 49.58  ? 1867 ASP A C   1 
ATOM   569 O O   . ASP A 1 74  ? 9.745   3.584   0.209   1.00 49.56  ? 1867 ASP A O   1 
ATOM   570 C CB  . ASP A 1 74  ? 7.512   5.431   -1.456  1.00 53.80  ? 1867 ASP A CB  1 
ATOM   571 C CG  . ASP A 1 74  ? 7.211   5.813   -2.891  1.00 55.47  ? 1867 ASP A CG  1 
ATOM   572 O OD1 . ASP A 1 74  ? 7.733   5.146   -3.813  1.00 55.38  ? 1867 ASP A OD1 1 
ATOM   573 O OD2 . ASP A 1 74  ? 6.450   6.783   -3.095  1.00 56.99  ? 1867 ASP A OD2 1 
ATOM   574 N N   . ASN A 1 75  ? 7.671   3.611   1.096   1.00 47.41  ? 1868 ASN A N   1 
ATOM   575 C CA  . ASN A 1 75  ? 8.116   3.125   2.401   1.00 47.11  ? 1868 ASN A CA  1 
ATOM   576 C C   . ASN A 1 75  ? 8.855   1.803   2.269   1.00 46.78  ? 1868 ASN A C   1 
ATOM   577 O O   . ASN A 1 75  ? 9.954   1.630   2.809   1.00 46.92  ? 1868 ASN A O   1 
ATOM   578 C CB  . ASN A 1 75  ? 6.922   2.942   3.341   1.00 48.68  ? 1868 ASN A CB  1 
ATOM   579 C CG  . ASN A 1 75  ? 6.418   4.242   3.921   1.00 52.26  ? 1868 ASN A CG  1 
ATOM   580 O OD1 . ASN A 1 75  ? 6.933   5.315   3.625   1.00 54.32  ? 1868 ASN A OD1 1 
ATOM   581 N ND2 . ASN A 1 75  ? 5.421   4.147   4.778   1.00 54.24  ? 1868 ASN A ND2 1 
ATOM   582 N N   . CYS A 1 76  ? 8.244   0.849   1.564   1.00 46.87  ? 1869 CYS A N   1 
ATOM   583 C CA  . CYS A 1 76  ? 8.800   -0.495  1.465   1.00 47.01  ? 1869 CYS A CA  1 
ATOM   584 C C   . CYS A 1 76  ? 10.197  -0.479  0.860   1.00 46.94  ? 1869 CYS A C   1 
ATOM   585 O O   . CYS A 1 76  ? 11.102  -1.163  1.350   1.00 46.34  ? 1869 CYS A O   1 
ATOM   586 C CB  . CYS A 1 76  ? 7.868   -1.374  0.637   1.00 47.19  ? 1869 CYS A CB  1 
ATOM   587 S SG  . CYS A 1 76  ? 8.393   -3.084  0.545   1.00 48.49  ? 1869 CYS A SG  1 
ATOM   588 N N   . GLN A 1 77  ? 10.393  0.299   -0.207  1.00 47.85  ? 1870 GLN A N   1 
ATOM   589 C CA  . GLN A 1 77  ? 11.715  0.395   -0.811  1.00 48.98  ? 1870 GLN A CA  1 
ATOM   590 C C   . GLN A 1 77  ? 12.674  1.203   0.055   1.00 50.83  ? 1870 GLN A C   1 
ATOM   591 O O   . GLN A 1 77  ? 13.880  0.935   0.048   1.00 51.15  ? 1870 GLN A O   1 
ATOM   592 C CB  . GLN A 1 77  ? 11.608  1.005   -2.206  1.00 49.60  ? 1870 GLN A CB  1 
ATOM   593 C CG  . GLN A 1 77  ? 10.985  0.073   -3.232  1.00 49.51  ? 1870 GLN A CG  1 
ATOM   594 C CD  . GLN A 1 77  ? 10.395  0.821   -4.405  1.00 50.35  ? 1870 GLN A CD  1 
ATOM   595 O OE1 . GLN A 1 77  ? 9.326   1.424   -4.299  1.00 51.03  ? 1870 GLN A OE1 1 
ATOM   596 N NE2 . GLN A 1 77  ? 11.092  0.792   -5.533  1.00 50.54  ? 1870 GLN A NE2 1 
ATOM   597 N N   . THR A 1 78  ? 12.163  2.182   0.810   1.00 51.76  ? 1871 THR A N   1 
ATOM   598 C CA  . THR A 1 78  ? 13.029  2.973   1.680   1.00 51.89  ? 1871 THR A CA  1 
ATOM   599 C C   . THR A 1 78  ? 13.654  2.113   2.772   1.00 51.98  ? 1871 THR A C   1 
ATOM   600 O O   . THR A 1 78  ? 14.847  2.242   3.069   1.00 53.09  ? 1871 THR A O   1 
ATOM   601 C CB  . THR A 1 78  ? 12.241  4.125   2.305   1.00 52.35  ? 1871 THR A CB  1 
ATOM   602 O OG1 . THR A 1 78  ? 11.594  4.883   1.276   1.00 54.71  ? 1871 THR A OG1 1 
ATOM   603 C CG2 . THR A 1 78  ? 13.165  5.042   3.088   1.00 50.39  ? 1871 THR A CG2 1 
ATOM   604 N N   . PHE A 1 79  ? 12.869  1.222   3.372   1.00 50.51  ? 1872 PHE A N   1 
ATOM   605 C CA  . PHE A 1 79  ? 13.322  0.475   4.536   1.00 50.78  ? 1872 PHE A CA  1 
ATOM   606 C C   . PHE A 1 79  ? 13.862  -0.911  4.212   1.00 51.28  ? 1872 PHE A C   1 
ATOM   607 O O   . PHE A 1 79  ? 14.754  -1.391  4.919   1.00 51.44  ? 1872 PHE A O   1 
ATOM   608 C CB  . PHE A 1 79  ? 12.182  0.334   5.546   1.00 51.58  ? 1872 PHE A CB  1 
ATOM   609 C CG  . PHE A 1 79  ? 12.634  -0.117  6.904   1.00 53.04  ? 1872 PHE A CG  1 
ATOM   610 C CD1 . PHE A 1 79  ? 13.031  0.806   7.854   1.00 53.14  ? 1872 PHE A CD1 1 
ATOM   611 C CD2 . PHE A 1 79  ? 12.667  -1.462  7.226   1.00 53.89  ? 1872 PHE A CD2 1 
ATOM   612 C CE1 . PHE A 1 79  ? 13.448  0.396   9.102   1.00 54.91  ? 1872 PHE A CE1 1 
ATOM   613 C CE2 . PHE A 1 79  ? 13.082  -1.879  8.473   1.00 54.81  ? 1872 PHE A CE2 1 
ATOM   614 C CZ  . PHE A 1 79  ? 13.472  -0.948  9.412   1.00 55.58  ? 1872 PHE A CZ  1 
ATOM   615 N N   . ASN A 1 80  ? 13.349  -1.574  3.181   1.00 62.49  ? 1873 ASN A N   1 
ATOM   616 C CA  . ASN A 1 80  ? 13.705  -2.957  2.894   1.00 62.93  ? 1873 ASN A CA  1 
ATOM   617 C C   . ASN A 1 80  ? 14.573  -3.051  1.648   1.00 61.56  ? 1873 ASN A C   1 
ATOM   618 O O   . ASN A 1 80  ? 14.335  -2.357  0.655   1.00 58.99  ? 1873 ASN A O   1 
ATOM   619 C CB  . ASN A 1 80  ? 12.455  -3.816  2.712   1.00 62.68  ? 1873 ASN A CB  1 
ATOM   620 C CG  . ASN A 1 80  ? 11.630  -3.904  3.969   1.00 65.58  ? 1873 ASN A CG  1 
ATOM   621 O OD1 . ASN A 1 80  ? 11.899  -4.727  4.844   1.00 69.88  ? 1873 ASN A OD1 1 
ATOM   622 N ND2 . ASN A 1 80  ? 10.621  -3.047  4.075   1.00 63.77  ? 1873 ASN A ND2 1 
ATOM   623 N N   . GLU A 1 81  ? 15.582  -3.916  1.714   1.00 63.98  ? 1874 GLU A N   1 
ATOM   624 C CA  . GLU A 1 81  ? 16.393  -4.207  0.542   1.00 63.93  ? 1874 GLU A CA  1 
ATOM   625 C C   . GLU A 1 81  ? 15.525  -4.796  -0.561  1.00 60.20  ? 1874 GLU A C   1 
ATOM   626 O O   . GLU A 1 81  ? 14.498  -5.430  -0.304  1.00 60.60  ? 1874 GLU A O   1 
ATOM   627 C CB  . GLU A 1 81  ? 17.517  -5.178  0.901   1.00 69.66  ? 1874 GLU A CB  1 
ATOM   628 C CG  . GLU A 1 81  ? 18.345  -4.747  2.095   1.00 76.70  ? 1874 GLU A CG  1 
ATOM   629 C CD  . GLU A 1 81  ? 19.729  -4.275  1.699   1.00 81.44  ? 1874 GLU A CD  1 
ATOM   630 O OE1 . GLU A 1 81  ? 19.894  -3.817  0.546   1.00 80.65  ? 1874 GLU A OE1 1 
ATOM   631 O OE2 . GLU A 1 81  ? 20.650  -4.354  2.541   1.00 85.76  ? 1874 GLU A OE2 1 
ATOM   632 N N   . ASP A 1 82  ? 15.947  -4.575  -1.806  1.00 56.94  ? 1875 ASP A N   1 
ATOM   633 C CA  . ASP A 1 82  ? 15.190  -5.080  -2.942  1.00 53.78  ? 1875 ASP A CA  1 
ATOM   634 C C   . ASP A 1 82  ? 15.143  -6.599  -2.967  1.00 55.18  ? 1875 ASP A C   1 
ATOM   635 O O   . ASP A 1 82  ? 14.208  -7.166  -3.540  1.00 54.76  ? 1875 ASP A O   1 
ATOM   636 C CB  . ASP A 1 82  ? 15.786  -4.554  -4.246  1.00 51.87  ? 1875 ASP A CB  1 
ATOM   637 C CG  . ASP A 1 82  ? 15.649  -3.052  -4.380  1.00 50.25  ? 1875 ASP A CG  1 
ATOM   638 O OD1 . ASP A 1 82  ? 14.557  -2.528  -4.074  1.00 51.93  ? 1875 ASP A OD1 1 
ATOM   639 O OD2 . ASP A 1 82  ? 16.629  -2.396  -4.791  1.00 50.70  ? 1875 ASP A OD2 1 
ATOM   640 N N   . ASP A 1 83  ? 16.115  -7.270  -2.352  1.00 57.57  ? 1876 ASP A N   1 
ATOM   641 C CA  . ASP A 1 83  ? 16.167  -8.724  -2.355  1.00 60.48  ? 1876 ASP A CA  1 
ATOM   642 C C   . ASP A 1 83  ? 15.704  -9.335  -1.037  1.00 62.74  ? 1876 ASP A C   1 
ATOM   643 O O   . ASP A 1 83  ? 15.859  -10.545 -0.839  1.00 66.26  ? 1876 ASP A O   1 
ATOM   644 C CB  . ASP A 1 83  ? 17.580  -9.204  -2.693  1.00 62.73  ? 1876 ASP A CB  1 
ATOM   645 C CG  . ASP A 1 83  ? 18.592  -8.838  -1.636  1.00 66.86  ? 1876 ASP A CG  1 
ATOM   646 O OD1 . ASP A 1 83  ? 18.326  -7.902  -0.851  1.00 67.47  ? 1876 ASP A OD1 1 
ATOM   647 O OD2 . ASP A 1 83  ? 19.662  -9.483  -1.598  1.00 69.54  ? 1876 ASP A OD2 1 
ATOM   648 N N   . SER A 1 84  ? 15.141  -8.535  -0.137  1.00 60.21  ? 1877 SER A N   1 
ATOM   649 C CA  . SER A 1 84  ? 14.560  -9.069  1.084   1.00 60.16  ? 1877 SER A CA  1 
ATOM   650 C C   . SER A 1 84  ? 13.172  -9.637  0.803   1.00 58.66  ? 1877 SER A C   1 
ATOM   651 O O   . SER A 1 84  ? 12.542  -9.326  -0.210  1.00 57.47  ? 1877 SER A O   1 
ATOM   652 C CB  . SER A 1 84  ? 14.475  -7.985  2.157   1.00 59.09  ? 1877 SER A CB  1 
ATOM   653 O OG  . SER A 1 84  ? 13.518  -7.007  1.800   1.00 56.79  ? 1877 SER A OG  1 
ATOM   654 N N   . GLU A 1 85  ? 12.692  -10.476 1.726   1.00 61.04  ? 1878 GLU A N   1 
ATOM   655 C CA  . GLU A 1 85  ? 11.379  -11.092 1.554   1.00 63.20  ? 1878 GLU A CA  1 
ATOM   656 C C   . GLU A 1 85  ? 10.287  -10.035 1.436   1.00 62.43  ? 1878 GLU A C   1 
ATOM   657 O O   . GLU A 1 85  ? 9.435   -10.105 0.542   1.00 63.44  ? 1878 GLU A O   1 
ATOM   658 C CB  . GLU A 1 85  ? 11.083  -12.048 2.711   1.00 68.28  ? 1878 GLU A CB  1 
ATOM   659 C CG  . GLU A 1 85  ? 11.807  -13.381 2.605   1.00 74.67  ? 1878 GLU A CG  1 
ATOM   660 C CD  . GLU A 1 85  ? 11.325  -14.222 1.427   1.00 78.07  ? 1878 GLU A CD  1 
ATOM   661 O OE1 . GLU A 1 85  ? 10.107  -14.222 1.142   1.00 78.31  ? 1878 GLU A OE1 1 
ATOM   662 O OE2 . GLU A 1 85  ? 12.168  -14.881 0.781   1.00 80.20  ? 1878 GLU A OE2 1 
ATOM   663 N N   . VAL A 1 86  ? 10.295  -9.044  2.332   1.00 60.55  ? 1879 VAL A N   1 
ATOM   664 C CA  . VAL A 1 86  ? 9.326   -7.954  2.246   1.00 58.88  ? 1879 VAL A CA  1 
ATOM   665 C C   . VAL A 1 86  ? 9.563   -7.129  0.988   1.00 58.19  ? 1879 VAL A C   1 
ATOM   666 O O   . VAL A 1 86  ? 8.617   -6.758  0.283   1.00 57.69  ? 1879 VAL A O   1 
ATOM   667 C CB  . VAL A 1 86  ? 9.384   -7.079  3.513   1.00 59.46  ? 1879 VAL A CB  1 
ATOM   668 C CG1 . VAL A 1 86  ? 8.756   -5.715  3.251   1.00 55.05  ? 1879 VAL A CG1 1 
ATOM   669 C CG2 . VAL A 1 86  ? 8.702   -7.775  4.677   1.00 58.41  ? 1879 VAL A CG2 1 
ATOM   670 N N   . GLY A 1 87  ? 10.829  -6.835  0.683   1.00 59.03  ? 1880 GLY A N   1 
ATOM   671 C CA  . GLY A 1 87  ? 11.131  -6.071  -0.516  1.00 58.69  ? 1880 GLY A CA  1 
ATOM   672 C C   . GLY A 1 87  ? 10.654  -6.764  -1.777  1.00 59.52  ? 1880 GLY A C   1 
ATOM   673 O O   . GLY A 1 87  ? 9.999   -6.155  -2.625  1.00 60.74  ? 1880 GLY A O   1 
ATOM   674 N N   . LYS A 1 88  ? 10.968  -8.057  -1.909  1.00 59.22  ? 1881 LYS A N   1 
ATOM   675 C CA  . LYS A 1 88  ? 10.534  -8.805  -3.085  1.00 58.44  ? 1881 LYS A CA  1 
ATOM   676 C C   . LYS A 1 88  ? 9.014   -8.822  -3.207  1.00 59.09  ? 1881 LYS A C   1 
ATOM   677 O O   . LYS A 1 88  ? 8.480   -8.845  -4.323  1.00 60.72  ? 1881 LYS A O   1 
ATOM   678 C CB  . LYS A 1 88  ? 11.076  -10.235 -3.033  1.00 58.51  ? 1881 LYS A CB  1 
ATOM   679 C CG  . LYS A 1 88  ? 12.581  -10.355 -3.215  1.00 58.23  ? 1881 LYS A CG  1 
ATOM   680 C CD  . LYS A 1 88  ? 13.008  -11.814 -3.276  1.00 60.62  ? 1881 LYS A CD  1 
ATOM   681 C CE  . LYS A 1 88  ? 13.121  -12.424 -1.890  1.00 62.78  ? 1881 LYS A CE  1 
ATOM   682 N NZ  . LYS A 1 88  ? 14.229  -13.413 -1.810  1.00 65.52  ? 1881 LYS A NZ  1 
ATOM   683 N N   . ALA A 1 89  ? 8.302   -8.811  -2.080  1.00 57.77  ? 1882 ALA A N   1 
ATOM   684 C CA  . ALA A 1 89  ? 6.846   -8.793  -2.138  1.00 56.00  ? 1882 ALA A CA  1 
ATOM   685 C C   . ALA A 1 89  ? 6.323   -7.397  -2.451  1.00 54.47  ? 1882 ALA A C   1 
ATOM   686 O O   . ALA A 1 89  ? 5.310   -7.253  -3.145  1.00 54.75  ? 1882 ALA A O   1 
ATOM   687 C CB  . ALA A 1 89  ? 6.258   -9.309  -0.824  1.00 56.46  ? 1882 ALA A CB  1 
ATOM   688 N N   . GLY A 1 90  ? 7.003   -6.363  -1.948  1.00 52.40  ? 1883 GLY A N   1 
ATOM   689 C CA  . GLY A 1 90  ? 6.589   -5.003  -2.246  1.00 51.57  ? 1883 GLY A CA  1 
ATOM   690 C C   . GLY A 1 90  ? 6.719   -4.663  -3.719  1.00 52.42  ? 1883 GLY A C   1 
ATOM   691 O O   . GLY A 1 90  ? 5.932   -3.880  -4.256  1.00 52.72  ? 1883 GLY A O   1 
ATOM   692 N N   . HIS A 1 91  ? 7.712   -5.252  -4.391  1.00 53.52  ? 1884 HIS A N   1 
ATOM   693 C CA  . HIS A 1 91  ? 7.873   -5.015  -5.823  1.00 54.56  ? 1884 HIS A CA  1 
ATOM   694 C C   . HIS A 1 91  ? 6.754   -5.681  -6.617  1.00 57.25  ? 1884 HIS A C   1 
ATOM   695 O O   . HIS A 1 91  ? 6.234   -5.103  -7.580  1.00 59.28  ? 1884 HIS A O   1 
ATOM   696 C CB  . HIS A 1 91  ? 9.238   -5.522  -6.289  1.00 48.10  ? 1884 HIS A CB  1 
ATOM   697 C CG  . HIS A 1 91  ? 10.373  -4.614  -5.936  1.00 47.78  ? 1884 HIS A CG  1 
ATOM   698 N ND1 . HIS A 1 91  ? 10.372  -3.270  -6.240  1.00 47.45  ? 1884 HIS A ND1 1 
ATOM   699 C CD2 . HIS A 1 91  ? 11.548  -4.856  -5.307  1.00 48.17  ? 1884 HIS A CD2 1 
ATOM   700 C CE1 . HIS A 1 91  ? 11.495  -2.722  -5.812  1.00 47.55  ? 1884 HIS A CE1 1 
ATOM   701 N NE2 . HIS A 1 91  ? 12.226  -3.663  -5.241  1.00 48.03  ? 1884 HIS A NE2 1 
ATOM   702 N N   . ILE A 1 92  ? 6.379   -6.901  -6.228  1.00 56.24  ? 1885 ILE A N   1 
ATOM   703 C CA  . ILE A 1 92  ? 5.252   -7.574  -6.865  1.00 55.59  ? 1885 ILE A CA  1 
ATOM   704 C C   . ILE A 1 92  ? 3.983   -6.751  -6.691  1.00 55.90  ? 1885 ILE A C   1 
ATOM   705 O O   . ILE A 1 92  ? 3.213   -6.551  -7.638  1.00 58.14  ? 1885 ILE A O   1 
ATOM   706 C CB  . ILE A 1 92  ? 5.087   -8.990  -6.289  1.00 54.96  ? 1885 ILE A CB  1 
ATOM   707 C CG1 . ILE A 1 92  ? 6.321   -9.837  -6.605  1.00 54.16  ? 1885 ILE A CG1 1 
ATOM   708 C CG2 . ILE A 1 92  ? 3.825   -9.634  -6.823  1.00 55.30  ? 1885 ILE A CG2 1 
ATOM   709 C CD1 . ILE A 1 92  ? 6.265   -11.230 -6.036  1.00 54.11  ? 1885 ILE A CD1 1 
ATOM   710 N N   . MET A 1 93  ? 3.754   -6.247  -5.477  1.00 53.63  ? 1886 MET A N   1 
ATOM   711 C CA  . MET A 1 93  ? 2.547   -5.469  -5.221  1.00 55.26  ? 1886 MET A CA  1 
ATOM   712 C C   . MET A 1 93  ? 2.579   -4.134  -5.952  1.00 55.86  ? 1886 MET A C   1 
ATOM   713 O O   . MET A 1 93  ? 1.542   -3.653  -6.425  1.00 58.13  ? 1886 MET A O   1 
ATOM   714 C CB  . MET A 1 93  ? 2.371   -5.249  -3.719  1.00 55.56  ? 1886 MET A CB  1 
ATOM   715 C CG  . MET A 1 93  ? 1.911   -6.477  -2.958  1.00 58.32  ? 1886 MET A CG  1 
ATOM   716 S SD  . MET A 1 93  ? 0.488   -7.275  -3.722  1.00 63.26  ? 1886 MET A SD  1 
ATOM   717 C CE  . MET A 1 93  ? -0.713  -5.943  -3.682  1.00 65.25  ? 1886 MET A CE  1 
ATOM   718 N N   . ARG A 1 94  ? 3.759   -3.519  -6.054  1.00 54.59  ? 1887 ARG A N   1 
ATOM   719 C CA  . ARG A 1 94  ? 3.854   -2.204  -6.676  1.00 53.49  ? 1887 ARG A CA  1 
ATOM   720 C C   . ARG A 1 94  ? 3.598   -2.284  -8.175  1.00 54.36  ? 1887 ARG A C   1 
ATOM   721 O O   . ARG A 1 94  ? 2.871   -1.452  -8.729  1.00 53.03  ? 1887 ARG A O   1 
ATOM   722 C CB  . ARG A 1 94  ? 5.220   -1.580  -6.394  1.00 50.51  ? 1887 ARG A CB  1 
ATOM   723 C CG  . ARG A 1 94  ? 5.359   -0.149  -6.887  1.00 50.09  ? 1887 ARG A CG  1 
ATOM   724 C CD  . ARG A 1 94  ? 6.762   0.377   -6.654  1.00 49.22  ? 1887 ARG A CD  1 
ATOM   725 N NE  . ARG A 1 94  ? 7.770   -0.604  -7.042  1.00 52.43  ? 1887 ARG A NE  1 
ATOM   726 C CZ  . ARG A 1 94  ? 8.067   -0.927  -8.299  1.00 52.65  ? 1887 ARG A CZ  1 
ATOM   727 N NH1 . ARG A 1 94  ? 7.440   -0.341  -9.313  1.00 49.23  ? 1887 ARG A NH1 1 
ATOM   728 N NH2 . ARG A 1 94  ? 9.000   -1.836  -8.540  1.00 47.81  ? 1887 ARG A NH2 1 
ATOM   729 N N   . ARG A 1 95  ? 4.190   -3.275  -8.848  1.00 54.39  ? 1888 ARG A N   1 
ATOM   730 C CA  . ARG A 1 95  ? 3.895   -3.469  -10.265 1.00 56.16  ? 1888 ARG A CA  1 
ATOM   731 C C   . ARG A 1 95  ? 2.430   -3.831  -10.473 1.00 54.43  ? 1888 ARG A C   1 
ATOM   732 O O   . ARG A 1 95  ? 1.788   -3.332  -11.403 1.00 56.21  ? 1888 ARG A O   1 
ATOM   733 C CB  . ARG A 1 95  ? 4.810   -4.539  -10.859 1.00 51.85  ? 1888 ARG A CB  1 
ATOM   734 C CG  . ARG A 1 95  ? 6.255   -4.104  -11.001 1.00 50.52  ? 1888 ARG A CG  1 
ATOM   735 C CD  . ARG A 1 95  ? 7.083   -5.132  -11.751 1.00 50.49  ? 1888 ARG A CD  1 
ATOM   736 N NE  . ARG A 1 95  ? 7.233   -6.382  -11.009 1.00 50.28  ? 1888 ARG A NE  1 
ATOM   737 C CZ  . ARG A 1 95  ? 8.302   -6.698  -10.284 1.00 49.93  ? 1888 ARG A CZ  1 
ATOM   738 N NH1 . ARG A 1 95  ? 9.319   -5.854  -10.194 1.00 49.73  ? 1888 ARG A NH1 1 
ATOM   739 N NH2 . ARG A 1 95  ? 8.351   -7.852  -9.639  1.00 49.79  ? 1888 ARG A NH2 1 
ATOM   740 N N   . PHE A 1 96  ? 1.878   -4.679  -9.603  1.00 54.56  ? 1889 PHE A N   1 
ATOM   741 C CA  . PHE A 1 96  ? 0.463   -5.027  -9.700  1.00 56.78  ? 1889 PHE A CA  1 
ATOM   742 C C   . PHE A 1 96  ? -0.416  -3.791  -9.591  1.00 58.15  ? 1889 PHE A C   1 
ATOM   743 O O   . PHE A 1 96  ? -1.353  -3.609  -10.379 1.00 60.60  ? 1889 PHE A O   1 
ATOM   744 C CB  . PHE A 1 96  ? 0.094   -6.044  -8.619  1.00 56.75  ? 1889 PHE A CB  1 
ATOM   745 C CG  . PHE A 1 96  ? -1.355  -6.441  -8.629  1.00 59.27  ? 1889 PHE A CG  1 
ATOM   746 C CD1 . PHE A 1 96  ? -1.822  -7.378  -9.531  1.00 61.11  ? 1889 PHE A CD1 1 
ATOM   747 C CD2 . PHE A 1 96  ? -2.248  -5.881  -7.732  1.00 60.15  ? 1889 PHE A CD2 1 
ATOM   748 C CE1 . PHE A 1 96  ? -3.154  -7.748  -9.544  1.00 63.86  ? 1889 PHE A CE1 1 
ATOM   749 C CE2 . PHE A 1 96  ? -3.580  -6.247  -7.736  1.00 62.81  ? 1889 PHE A CE2 1 
ATOM   750 C CZ  . PHE A 1 96  ? -4.034  -7.182  -8.645  1.00 64.71  ? 1889 PHE A CZ  1 
ATOM   751 N N   . PHE A 1 97  ? -0.134  -2.920  -8.616  1.00 65.51  ? 1890 PHE A N   1 
ATOM   752 C CA  . PHE A 1 97  ? -0.939  -1.715  -8.456  1.00 66.74  ? 1890 PHE A CA  1 
ATOM   753 C C   . PHE A 1 97  ? -0.813  -0.798  -9.669  1.00 69.12  ? 1890 PHE A C   1 
ATOM   754 O O   . PHE A 1 97  ? -1.815  -0.305  -10.196 1.00 72.99  ? 1890 PHE A O   1 
ATOM   755 C CB  . PHE A 1 97  ? -0.549  -0.952  -7.193  1.00 64.03  ? 1890 PHE A CB  1 
ATOM   756 C CG  . PHE A 1 97  ? -1.203  0.394   -7.102  1.00 59.11  ? 1890 PHE A CG  1 
ATOM   757 C CD1 . PHE A 1 97  ? -2.550  0.501   -6.800  1.00 61.53  ? 1890 PHE A CD1 1 
ATOM   758 C CD2 . PHE A 1 97  ? -0.493  1.547   -7.390  1.00 61.26  ? 1890 PHE A CD2 1 
ATOM   759 C CE1 . PHE A 1 97  ? -3.167  1.734   -6.742  1.00 63.60  ? 1890 PHE A CE1 1 
ATOM   760 C CE2 . PHE A 1 97  ? -1.105  2.786   -7.341  1.00 60.84  ? 1890 PHE A CE2 1 
ATOM   761 C CZ  . PHE A 1 97  ? -2.445  2.879   -7.015  1.00 63.29  ? 1890 PHE A CZ  1 
ATOM   762 N N   . GLU A 1 98  ? 0.423   -0.543  -10.105 1.00 67.09  ? 1891 GLU A N   1 
ATOM   763 C CA  . GLU A 1 98  ? 0.620   0.327   -11.260 1.00 67.26  ? 1891 GLU A CA  1 
ATOM   764 C C   . GLU A 1 98  ? 0.037   -0.293  -12.521 1.00 67.66  ? 1891 GLU A C   1 
ATOM   765 O O   . GLU A 1 98  ? -0.586  0.407   -13.326 1.00 67.99  ? 1891 GLU A O   1 
ATOM   766 C CB  . GLU A 1 98  ? 2.105   0.630   -11.438 1.00 66.64  ? 1891 GLU A CB  1 
ATOM   767 C CG  . GLU A 1 98  ? 2.670   1.541   -10.359 1.00 67.25  ? 1891 GLU A CG  1 
ATOM   768 C CD  . GLU A 1 98  ? 4.094   1.973   -10.651 1.00 67.43  ? 1891 GLU A CD  1 
ATOM   769 O OE1 . GLU A 1 98  ? 4.699   1.423   -11.597 1.00 67.47  ? 1891 GLU A OE1 1 
ATOM   770 O OE2 . GLU A 1 98  ? 4.605   2.866   -9.940  1.00 66.95  ? 1891 GLU A OE2 1 
ATOM   771 N N   . SER A 1 99  ? 0.210   -1.604  -12.707 1.00 68.70  ? 1892 SER A N   1 
ATOM   772 C CA  . SER A 1 99  ? -0.328  -2.258  -13.898 1.00 72.49  ? 1892 SER A CA  1 
ATOM   773 C C   . SER A 1 99  ? -1.843  -2.142  -13.962 1.00 75.47  ? 1892 SER A C   1 
ATOM   774 O O   . SER A 1 99  ? -2.420  -2.002  -15.048 1.00 78.71  ? 1892 SER A O   1 
ATOM   775 C CB  . SER A 1 99  ? 0.090   -3.726  -13.934 1.00 73.53  ? 1892 SER A CB  1 
ATOM   776 O OG  . SER A 1 99  ? -0.755  -4.469  -14.792 1.00 78.41  ? 1892 SER A OG  1 
ATOM   777 N N   . ARG A 1 100 ? -2.504  -2.175  -12.805 1.00 74.60  ? 1893 ARG A N   1 
ATOM   778 C CA  . ARG A 1 100 ? -3.958  -2.138  -12.808 1.00 78.45  ? 1893 ARG A CA  1 
ATOM   779 C C   . ARG A 1 100 ? -4.487  -0.708  -12.707 1.00 80.05  ? 1893 ARG A C   1 
ATOM   780 O O   . ARG A 1 100 ? -5.549  -0.403  -13.243 1.00 84.25  ? 1893 ARG A O   1 
ATOM   781 C CB  . ARG A 1 100 ? -4.495  -3.025  -11.686 1.00 78.44  ? 1893 ARG A CB  1 
ATOM   782 C CG  . ARG A 1 100 ? -5.992  -3.146  -11.711 1.00 83.88  ? 1893 ARG A CG  1 
ATOM   783 C CD  . ARG A 1 100 ? -6.458  -4.486  -12.296 1.00 87.71  ? 1893 ARG A CD  1 
ATOM   784 N NE  . ARG A 1 100 ? -6.180  -5.633  -11.445 1.00 87.71  ? 1893 ARG A NE  1 
ATOM   785 C CZ  . ARG A 1 100 ? -6.539  -6.873  -11.754 1.00 90.47  ? 1893 ARG A CZ  1 
ATOM   786 N NH1 . ARG A 1 100 ? -7.170  -7.115  -12.897 1.00 94.68  ? 1893 ARG A NH1 1 
ATOM   787 N NH2 . ARG A 1 100 ? -6.265  -7.866  -10.923 1.00 88.94  ? 1893 ARG A NH2 1 
ATOM   788 N N   . TRP A 1 101 ? -3.759  0.191   -12.048 1.00 77.65  ? 1894 TRP A N   1 
ATOM   789 C CA  . TRP A 1 101 ? -4.147  1.598   -12.050 1.00 79.82  ? 1894 TRP A CA  1 
ATOM   790 C C   . TRP A 1 101 ? -4.198  2.142   -13.470 1.00 83.66  ? 1894 TRP A C   1 
ATOM   791 O O   . TRP A 1 101 ? -5.076  2.948   -13.795 1.00 86.83  ? 1894 TRP A O   1 
ATOM   792 C CB  . TRP A 1 101 ? -3.181  2.417   -11.186 1.00 76.12  ? 1894 TRP A CB  1 
ATOM   793 C CG  . TRP A 1 101 ? -3.517  3.883   -11.187 1.00 77.58  ? 1894 TRP A CG  1 
ATOM   794 C CD1 . TRP A 1 101 ? -3.027  4.841   -12.033 1.00 78.68  ? 1894 TRP A CD1 1 
ATOM   795 C CD2 . TRP A 1 101 ? -4.392  4.561   -10.282 1.00 78.79  ? 1894 TRP A CD2 1 
ATOM   796 N NE1 . TRP A 1 101 ? -3.549  6.072   -11.710 1.00 80.80  ? 1894 TRP A NE1 1 
ATOM   797 C CE2 . TRP A 1 101 ? -4.390  5.925   -10.638 1.00 80.90  ? 1894 TRP A CE2 1 
ATOM   798 C CE3 . TRP A 1 101 ? -5.181  4.148   -9.207  1.00 78.69  ? 1894 TRP A CE3 1 
ATOM   799 C CZ2 . TRP A 1 101 ? -5.144  6.874   -9.956  1.00 82.90  ? 1894 TRP A CZ2 1 
ATOM   800 C CZ3 . TRP A 1 101 ? -5.928  5.090   -8.533  1.00 80.88  ? 1894 TRP A CZ3 1 
ATOM   801 C CH2 . TRP A 1 101 ? -5.905  6.436   -8.910  1.00 83.01  ? 1894 TRP A CH2 1 
ATOM   802 N N   . GLU A 1 102 ? -3.250  1.736   -14.321 1.00 84.04  ? 1895 GLU A N   1 
ATOM   803 C CA  . GLU A 1 102 ? -3.277  2.179   -15.711 1.00 88.08  ? 1895 GLU A CA  1 
ATOM   804 C C   . GLU A 1 102 ? -4.382  1.486   -16.494 1.00 90.51  ? 1895 GLU A C   1 
ATOM   805 O O   . GLU A 1 102 ? -4.922  2.062   -17.444 1.00 94.18  ? 1895 GLU A O   1 
ATOM   806 C CB  . GLU A 1 102 ? -1.922  1.936   -16.381 1.00 88.11  ? 1895 GLU A CB  1 
ATOM   807 C CG  . GLU A 1 102 ? -0.715  2.375   -15.558 1.00 86.99  ? 1895 GLU A CG  1 
ATOM   808 C CD  . GLU A 1 102 ? -0.227  3.775   -15.889 1.00 89.36  ? 1895 GLU A CD  1 
ATOM   809 O OE1 . GLU A 1 102 ? 0.620   4.303   -15.134 1.00 87.29  ? 1895 GLU A OE1 1 
ATOM   810 O OE2 . GLU A 1 102 ? -0.683  4.343   -16.903 1.00 93.24  ? 1895 GLU A OE2 1 
ATOM   811 N N   . GLU A 1 103 ? -4.745  0.262   -16.104 1.00 88.91  ? 1896 GLU A N   1 
ATOM   812 C CA  . GLU A 1 103 ? -5.827  -0.450  -16.769 1.00 92.43  ? 1896 GLU A CA  1 
ATOM   813 C C   . GLU A 1 103 ? -7.184  0.208   -16.538 1.00 96.39  ? 1896 GLU A C   1 
ATOM   814 O O   . GLU A 1 103 ? -8.128  -0.099  -17.271 1.00 101.13 ? 1896 GLU A O   1 
ATOM   815 C CB  . GLU A 1 103 ? -5.846  -1.912  -16.308 1.00 91.17  ? 1896 GLU A CB  1 
ATOM   816 C CG  . GLU A 1 103 ? -6.761  -2.848  -17.110 1.00 96.47  ? 1896 GLU A CG  1 
ATOM   817 C CD  . GLU A 1 103 ? -6.678  -2.636  -18.622 1.00 101.28 ? 1896 GLU A CD  1 
ATOM   818 O OE1 . GLU A 1 103 ? -7.744  -2.517  -19.272 1.00 106.32 ? 1896 GLU A OE1 1 
ATOM   819 O OE2 . GLU A 1 103 ? -5.550  -2.596  -19.161 1.00 99.67  ? 1896 GLU A OE2 1 
ATOM   820 N N   . PHE A 1 104 ? -7.305  1.111   -15.562 1.00 94.95  ? 1897 PHE A N   1 
ATOM   821 C CA  . PHE A 1 104 ? -8.498  1.945   -15.440 1.00 98.73  ? 1897 PHE A CA  1 
ATOM   822 C C   . PHE A 1 104 ? -8.295  3.354   -15.976 1.00 101.00 ? 1897 PHE A C   1 
ATOM   823 O O   . PHE A 1 104 ? -9.213  3.921   -16.576 1.00 106.85 ? 1897 PHE A O   1 
ATOM   824 C CB  . PHE A 1 104 ? -8.959  2.046   -13.981 1.00 96.70  ? 1897 PHE A CB  1 
ATOM   825 C CG  . PHE A 1 104 ? -9.201  0.722   -13.316 1.00 94.44  ? 1897 PHE A CG  1 
ATOM   826 C CD1 . PHE A 1 104 ? -10.320 -0.032  -13.626 1.00 97.69  ? 1897 PHE A CD1 1 
ATOM   827 C CD2 . PHE A 1 104 ? -8.339  0.258   -12.340 1.00 89.38  ? 1897 PHE A CD2 1 
ATOM   828 C CE1 . PHE A 1 104 ? -10.553 -1.244  -13.001 1.00 96.08  ? 1897 PHE A CE1 1 
ATOM   829 C CE2 . PHE A 1 104 ? -8.562  -0.952  -11.718 1.00 87.76  ? 1897 PHE A CE2 1 
ATOM   830 C CZ  . PHE A 1 104 ? -9.670  -1.698  -12.040 1.00 91.08  ? 1897 PHE A CZ  1 
ATOM   831 N N   . TYR A 1 105 ? -7.119  3.936   -15.774 1.00 96.42  ? 1898 TYR A N   1 
ATOM   832 C CA  . TYR A 1 105 ? -6.888  5.333   -16.129 1.00 96.25  ? 1898 TYR A CA  1 
ATOM   833 C C   . TYR A 1 105 ? -5.868  5.464   -17.257 1.00 93.53  ? 1898 TYR A C   1 
ATOM   834 O O   . TYR A 1 105 ? -6.197  5.270   -18.427 1.00 95.47  ? 1898 TYR A O   1 
ATOM   835 C CB  . TYR A 1 105 ? -6.425  6.126   -14.901 1.00 93.42  ? 1898 TYR A CB  1 
ATOM   836 C CG  . TYR A 1 105 ? -7.428  6.133   -13.767 1.00 94.34  ? 1898 TYR A CG  1 
ATOM   837 C CD1 . TYR A 1 105 ? -8.231  7.242   -13.531 1.00 98.28  ? 1898 TYR A CD1 1 
ATOM   838 C CD2 . TYR A 1 105 ? -7.570  5.033   -12.930 1.00 91.60  ? 1898 TYR A CD2 1 
ATOM   839 C CE1 . TYR A 1 105 ? -9.153  7.253   -12.497 1.00 99.05  ? 1898 TYR A CE1 1 
ATOM   840 C CE2 . TYR A 1 105 ? -8.489  5.034   -11.894 1.00 92.63  ? 1898 TYR A CE2 1 
ATOM   841 C CZ  . TYR A 1 105 ? -9.277  6.146   -11.683 1.00 95.84  ? 1898 TYR A CZ  1 
ATOM   842 O OH  . TYR A 1 105 ? -10.188 6.148   -10.653 1.00 96.45  ? 1898 TYR A OH  1 
HETATM 843 C C11 . GJI B 2 .   ? 2.328   -9.243  8.740   1.00 74.73  ? 1901 GJI A C11 1 
HETATM 844 C C12 . GJI B 2 .   ? 1.665   -9.175  10.117  1.00 77.28  ? 1901 GJI A C12 1 
HETATM 845 C C14 . GJI B 2 .   ? 2.010   -11.614 10.031  1.00 77.90  ? 1901 GJI A C14 1 
HETATM 846 C C15 . GJI B 2 .   ? 3.403   -11.407 9.340   1.00 75.34  ? 1901 GJI A C15 1 
HETATM 847 C C01 . GJI B 2 .   ? 5.835   -3.402  5.276   1.00 52.52  ? 1901 GJI A C01 1 
HETATM 848 C C02 . GJI B 2 .   ? 6.497   -4.465  6.242   1.00 53.00  ? 1901 GJI A C02 1 
HETATM 849 C C04 . GJI B 2 .   ? 6.728   -6.349  7.441   1.00 56.75  ? 1901 GJI A C04 1 
HETATM 850 C C05 . GJI B 2 .   ? 6.382   -7.660  8.008   1.00 63.85  ? 1901 GJI A C05 1 
HETATM 851 C C06 . GJI B 2 .   ? 7.259   -8.666  8.491   1.00 67.78  ? 1901 GJI A C06 1 
HETATM 852 C C08 . GJI B 2 .   ? 4.912   -9.359  8.649   1.00 70.64  ? 1901 GJI A C08 1 
HETATM 853 C C16 . GJI B 2 .   ? 7.898   -5.591  7.633   1.00 54.58  ? 1901 GJI A C16 1 
HETATM 854 C C17 . GJI B 2 .   ? 9.201   -5.822  8.460   1.00 54.50  ? 1901 GJI A C17 1 
HETATM 855 C C18 . GJI B 2 .   ? 10.397  -5.009  7.881   1.00 55.22  ? 1901 GJI A C18 1 
HETATM 856 C C19 . GJI B 2 .   ? 10.060  -3.565  7.666   1.00 55.10  ? 1901 GJI A C19 1 
HETATM 857 C C20 . GJI B 2 .   ? 8.856   -3.348  6.858   1.00 53.65  ? 1901 GJI A C20 1 
HETATM 858 C C22 . GJI B 2 .   ? 7.737   -4.403  6.866   1.00 53.32  ? 1901 GJI A C22 1 
HETATM 859 N N03 . GJI B 2 .   ? 5.915   -5.666  6.619   1.00 54.12  ? 1901 GJI A N03 1 
HETATM 860 N N09 . GJI B 2 .   ? 4.996   -8.087  8.111   1.00 67.16  ? 1901 GJI A N09 1 
HETATM 861 N N10 . GJI B 2 .   ? 3.624   -10.006 8.888   1.00 73.50  ? 1901 GJI A N10 1 
HETATM 862 N N13 . GJI B 2 .   ? 1.356   -10.471 10.628  1.00 79.26  ? 1901 GJI A N13 1 
HETATM 863 O O21 . GJI B 2 .   ? 8.734   -2.347  6.192   1.00 53.86  ? 1901 GJI A O21 1 
HETATM 864 S S07 . GJI B 2 .   ? 6.390   -9.917  8.997   1.00 71.11  ? 1901 GJI A S07 1 
HETATM 865 C C11 . GJI C 2 .   ? 8.554   -12.872 14.064  0.84 71.51  ? 1902 GJI A C11 1 
HETATM 866 C C12 . GJI C 2 .   ? 9.811   -13.483 14.707  0.84 70.20  ? 1902 GJI A C12 1 
HETATM 867 C C14 . GJI C 2 .   ? 8.679   -15.431 15.385  0.84 70.59  ? 1902 GJI A C14 1 
HETATM 868 C C15 . GJI C 2 .   ? 7.306   -14.953 14.829  0.84 71.64  ? 1902 GJI A C15 1 
HETATM 869 C C01 . GJI C 2 .   ? 1.907   -6.643  12.755  0.84 65.85  ? 1902 GJI A C01 1 
HETATM 870 C C02 . GJI C 2 .   ? 3.106   -7.643  12.997  0.84 65.98  ? 1902 GJI A C02 1 
HETATM 871 C C04 . GJI C 2 .   ? 4.226   -9.502  13.606  0.84 68.72  ? 1902 GJI A C04 1 
HETATM 872 C C05 . GJI C 2 .   ? 4.567   -10.853 14.113  0.84 72.39  ? 1902 GJI A C05 1 
HETATM 873 C C06 . GJI C 2 .   ? 3.713   -11.771 14.789  0.84 74.28  ? 1902 GJI A C06 1 
HETATM 874 C C08 . GJI C 2 .   ? 5.978   -12.701 14.524  0.84 74.31  ? 1902 GJI A C08 1 
HETATM 875 C C16 . GJI C 2 .   ? 5.162   -8.580  13.085  0.84 65.19  ? 1902 GJI A C16 1 
HETATM 876 C C17 . GJI C 2 .   ? 6.710   -8.618  12.882  0.84 62.59  ? 1902 GJI A C17 1 
HETATM 877 C C18 . GJI C 2 .   ? 7.153   -7.748  11.670  0.84 61.02  ? 1902 GJI A C18 1 
HETATM 878 C C19 . GJI C 2 .   ? 6.618   -6.347  11.705  0.84 60.71  ? 1902 GJI A C19 1 
HETATM 879 C C20 . GJI C 2 .   ? 5.209   -6.216  12.102  0.84 61.80  ? 1902 GJI A C20 1 
HETATM 880 C C22 . GJI C 2 .   ? 4.446   -7.415  12.704  0.84 64.26  ? 1902 GJI A C22 1 
HETATM 881 N N03 . GJI C 2 .   ? 3.004   -8.927  13.542  0.84 67.77  ? 1902 GJI A N03 1 
HETATM 882 N N09 . GJI C 2 .   ? 5.901   -11.428 13.968  0.84 73.72  ? 1902 GJI A N09 1 
HETATM 883 N N10 . GJI C 2 .   ? 7.223   -13.495 14.497  0.84 72.61  ? 1902 GJI A N10 1 
HETATM 884 N N13 . GJI C 2 .   ? 9.790   -14.902 14.671  0.84 70.12  ? 1902 GJI A N13 1 
HETATM 885 O O21 . GJI C 2 .   ? 4.652   -5.151  11.967  0.84 61.24  ? 1902 GJI A O21 1 
HETATM 886 S S07 . GJI C 2 .   ? 4.534   -13.108 15.143  0.84 75.57  ? 1902 GJI A S07 1 
HETATM 887 O O   . HOH D 3 .   ? 7.789   -0.593  4.925   1.00 57.54  ? 2001 HOH A O   1 
HETATM 888 O O   . HOH D 3 .   ? 5.652   -0.521  3.384   1.00 44.92  ? 2002 HOH A O   1 
HETATM 889 O O   . HOH D 3 .   ? 10.514  13.525  12.470  1.00 61.22  ? 2003 HOH A O   1 
HETATM 890 O O   . HOH D 3 .   ? 2.716   0.812   8.858   1.00 41.74  ? 2004 HOH A O   1 
HETATM 891 O O   . HOH D 3 .   ? 12.316  -2.670  -1.998  1.00 60.02  ? 2005 HOH A O   1 
HETATM 892 O O   . HOH D 3 .   ? 13.225  3.750   15.467  1.00 49.24  ? 2006 HOH A O   1 
HETATM 893 O O   . HOH D 3 .   ? 12.437  5.252   17.503  1.00 54.99  ? 2007 HOH A O   1 
# 
loop_
_atom_site_anisotrop.id 
_atom_site_anisotrop.type_symbol 
_atom_site_anisotrop.pdbx_label_atom_id 
_atom_site_anisotrop.pdbx_label_alt_id 
_atom_site_anisotrop.pdbx_label_comp_id 
_atom_site_anisotrop.pdbx_label_asym_id 
_atom_site_anisotrop.pdbx_label_seq_id 
_atom_site_anisotrop.pdbx_PDB_ins_code 
_atom_site_anisotrop.U[1][1] 
_atom_site_anisotrop.U[2][2] 
_atom_site_anisotrop.U[3][3] 
_atom_site_anisotrop.U[1][2] 
_atom_site_anisotrop.U[1][3] 
_atom_site_anisotrop.U[2][3] 
_atom_site_anisotrop.pdbx_auth_seq_id 
_atom_site_anisotrop.pdbx_auth_comp_id 
_atom_site_anisotrop.pdbx_auth_asym_id 
_atom_site_anisotrop.pdbx_auth_atom_id 
1   N N   . SER A 4   ? 1.0774 1.5196 1.2953 0.0839  -0.0460 0.2425  1797 SER A N   
2   C CA  . SER A 4   ? 1.0716 1.5343 1.2728 0.0533  -0.0573 0.2271  1797 SER A CA  
3   C C   . SER A 4   ? 1.1032 1.5100 1.2600 0.0348  -0.0473 0.2225  1797 SER A C   
4   O O   . SER A 4   ? 1.0937 1.5080 1.2306 0.0101  -0.0552 0.2113  1797 SER A O   
5   C CB  . SER A 4   ? 1.0836 1.6004 1.2825 0.0567  -0.0840 0.2375  1797 SER A CB  
6   O OG  . SER A 4   ? 1.1069 1.5993 1.2614 0.0528  -0.0913 0.2490  1797 SER A OG  
7   N N   . ASP A 5   ? 1.1398 1.4908 1.2818 0.0468  -0.0290 0.2304  1798 ASP A N   
8   C CA  . ASP A 5   ? 1.1435 1.4404 1.2467 0.0292  -0.0167 0.2238  1798 ASP A CA  
9   C C   . ASP A 5   ? 1.0992 1.3901 1.2080 0.0018  -0.0058 0.1984  1798 ASP A C   
10  O O   . ASP A 5   ? 1.1134 1.3729 1.1923 -0.0179 -0.0002 0.1895  1798 ASP A O   
11  C CB  . ASP A 5   ? 1.1690 1.4092 1.2592 0.0475  0.0029  0.2358  1798 ASP A CB  
12  C CG  . ASP A 5   ? 1.2064 1.4184 1.2565 0.0561  -0.0026 0.2554  1798 ASP A CG  
13  O OD1 . ASP A 5   ? 1.2140 1.4549 1.2483 0.0501  -0.0232 0.2613  1798 ASP A OD1 
14  O OD2 . ASP A 5   ? 1.2312 1.3917 1.2647 0.0675  0.0144  0.2643  1798 ASP A OD2 
15  N N   . LEU A 6   ? 1.0359 1.3570 1.1827 0.0004  -0.0027 0.1871  1799 LEU A N   
16  C CA  . LEU A 6   ? 0.9616 1.2778 1.1165 -0.0232 0.0085  0.1649  1799 LEU A CA  
17  C C   . LEU A 6   ? 0.9000 1.2629 1.0669 -0.0436 -0.0062 0.1518  1799 LEU A C   
18  O O   . LEU A 6   ? 0.8540 1.2109 1.0219 -0.0655 0.0014  0.1344  1799 LEU A O   
19  C CB  . LEU A 6   ? 0.9510 1.2649 1.1387 -0.0132 0.0252  0.1597  1799 LEU A CB  
20  C CG  . LEU A 6   ? 0.9650 1.2231 1.1400 -0.0075 0.0486  0.1600  1799 LEU A CG  
21  C CD1 . LEU A 6   ? 1.0032 1.2399 1.1709 0.0203  0.0506  0.1813  1799 LEU A CD1 
22  C CD2 . LEU A 6   ? 0.9428 1.2046 1.1488 -0.0102 0.0654  0.1464  1799 LEU A CD2 
23  N N   . THR A 7   ? 0.8995 1.3081 1.0743 -0.0374 -0.0264 0.1596  1800 THR A N   
24  C CA  . THR A 7   ? 0.8729 1.3268 1.0594 -0.0582 -0.0390 0.1457  1800 THR A CA  
25  C C   . THR A 7   ? 0.8686 1.3035 1.0214 -0.0836 -0.0414 0.1363  1800 THR A C   
26  O O   . THR A 7   ? 0.8300 1.2829 0.9900 -0.1064 -0.0428 0.1197  1800 THR A O   
27  C CB  . THR A 7   ? 0.8872 1.3983 1.0910 -0.0452 -0.0600 0.1557  1800 THR A CB  
28  O OG1 . THR A 7   ? 0.8670 1.4256 1.0925 -0.0645 -0.0680 0.1392  1800 THR A OG1 
29  C CG2 . THR A 7   ? 0.9154 1.4250 1.0855 -0.0420 -0.0750 0.1700  1800 THR A CG2 
30  N N   . PHE A 8   ? 0.9071 1.3048 1.0239 -0.0805 -0.0408 0.1464  1801 PHE A N   
31  C CA  . PHE A 8   ? 0.9167 1.2905 1.0022 -0.1046 -0.0397 0.1361  1801 PHE A CA  
32  C C   . PHE A 8   ? 0.8962 1.2281 0.9779 -0.1172 -0.0198 0.1228  1801 PHE A C   
33  O O   . PHE A 8   ? 0.9048 1.2267 0.9733 -0.1400 -0.0176 0.1091  1801 PHE A O   
34  C CB  . PHE A 8   ? 0.9637 1.3121 1.0112 -0.0980 -0.0450 0.1506  1801 PHE A CB  
35  C CG  . PHE A 8   ? 0.9982 1.3898 1.0425 -0.0910 -0.0667 0.1625  1801 PHE A CG  
36  C CD1 . PHE A 8   ? 0.9893 1.4381 1.0576 -0.0999 -0.0807 0.1541  1801 PHE A CD1 
37  C CD2 . PHE A 8   ? 1.0322 1.4080 1.0486 -0.0763 -0.0729 0.1820  1801 PHE A CD2 
38  C CE1 . PHE A 8   ? 1.0037 1.4966 1.0691 -0.0943 -0.1012 0.1645  1801 PHE A CE1 
39  C CE2 . PHE A 8   ? 1.0495 1.4678 1.0617 -0.0698 -0.0937 0.1941  1801 PHE A CE2 
40  C CZ  . PHE A 8   ? 1.0334 1.5120 1.0705 -0.0789 -0.1083 0.1850  1801 PHE A CZ  
41  N N   . CYS A 9   ? 0.8565 1.1652 0.9500 -0.1026 -0.0048 0.1263  1802 CYS A N   
42  C CA  . CYS A 9   ? 0.7960 1.0708 0.8878 -0.1146 0.0138  0.1135  1802 CYS A CA  
43  C C   . CYS A 9   ? 0.7359 1.0381 0.8533 -0.1315 0.0147  0.0974  1802 CYS A C   
44  O O   . CYS A 9   ? 0.7171 0.9990 0.8268 -0.1494 0.0240  0.0850  1802 CYS A O   
45  C CB  . CYS A 9   ? 0.7956 1.0416 0.8942 -0.0958 0.0304  0.1204  1802 CYS A CB  
46  S SG  . CYS A 9   ? 0.8253 1.0266 0.8897 -0.0783 0.0347  0.1382  1802 CYS A SG  
47  N N   . GLU A 10  ? 0.7297 1.0781 0.8777 -0.1260 0.0054  0.0977  1803 GLU A N   
48  C CA  . GLU A 10  ? 0.7025 1.0783 0.8733 -0.1437 0.0058  0.0824  1803 GLU A CA  
49  C C   . GLU A 10  ? 0.6954 1.0777 0.8503 -0.1673 -0.0024 0.0724  1803 GLU A C   
50  O O   . GLU A 10  ? 0.6749 1.0513 0.8329 -0.1864 0.0047  0.0591  1803 GLU A O   
51  C CB  . GLU A 10  ? 0.7030 1.1297 0.9094 -0.1331 -0.0027 0.0843  1803 GLU A CB  
52  C CG  . GLU A 10  ? 0.7228 1.1455 0.9502 -0.1102 0.0068  0.0923  1803 GLU A CG  
53  C CD  . GLU A 10  ? 0.7152 1.1331 0.9633 -0.1182 0.0230  0.0800  1803 GLU A CD  
54  O OE1 . GLU A 10  ? 0.7053 1.1187 0.9488 -0.1407 0.0268  0.0670  1803 GLU A OE1 
55  O OE2 . GLU A 10  ? 0.7216 1.1402 0.9905 -0.1019 0.0322  0.0835  1803 GLU A OE2 
56  N N   . ILE A 11  ? 0.7161 1.1105 0.8537 -0.1665 -0.0169 0.0790  1804 ILE A N   
57  C CA  . ILE A 11  ? 0.7119 1.1107 0.8326 -0.1893 -0.0237 0.0687  1804 ILE A CA  
58  C C   . ILE A 11  ? 0.7103 1.0598 0.8055 -0.2018 -0.0112 0.0623  1804 ILE A C   
59  O O   . ILE A 11  ? 0.7002 1.0456 0.7954 -0.2223 -0.0070 0.0487  1804 ILE A O   
60  C CB  . ILE A 11  ? 0.7351 1.1557 0.8396 -0.1851 -0.0411 0.0779  1804 ILE A CB  
61  C CG1 . ILE A 11  ? 0.7417 1.2149 0.8731 -0.1707 -0.0544 0.0852  1804 ILE A CG1 
62  C CG2 . ILE A 11  ? 0.7323 1.1595 0.8209 -0.2105 -0.0469 0.0652  1804 ILE A CG2 
63  C CD1 . ILE A 11  ? 0.7685 1.2661 0.8839 -0.1638 -0.0722 0.0968  1804 ILE A CD1 
64  N N   . ILE A 12  ? 0.7294 1.0411 0.8028 -0.1894 -0.0046 0.0721  1805 ILE A N   
65  C CA  . ILE A 12  ? 0.7474 1.0148 0.7944 -0.2009 0.0061  0.0660  1805 ILE A CA  
66  C C   . ILE A 12  ? 0.7236 0.9720 0.7831 -0.2070 0.0222  0.0566  1805 ILE A C   
67  O O   . ILE A 12  ? 0.7166 0.9422 0.7634 -0.2225 0.0291  0.0469  1805 ILE A O   
68  C CB  . ILE A 12  ? 0.8057 1.0397 0.8246 -0.1868 0.0087  0.0789  1805 ILE A CB  
69  C CG1 . ILE A 12  ? 0.8336 1.0268 0.8231 -0.2007 0.0176  0.0714  1805 ILE A CG1 
70  C CG2 . ILE A 12  ? 0.8146 1.0330 0.8445 -0.1664 0.0198  0.0879  1805 ILE A CG2 
71  C CD1 . ILE A 12  ? 0.8768 1.0407 0.8346 -0.1910 0.0182  0.0827  1805 ILE A CD1 
72  N N   . LEU A 13  ? 0.7173 0.9759 0.8015 -0.1952 0.0283  0.0593  1806 LEU A N   
73  C CA  . LEU A 13  ? 0.6992 0.9448 0.7951 -0.2027 0.0427  0.0502  1806 LEU A CA  
74  C C   . LEU A 13  ? 0.6863 0.9576 0.7999 -0.2208 0.0396  0.0386  1806 LEU A C   
75  O O   . LEU A 13  ? 0.6737 0.9290 0.7857 -0.2343 0.0487  0.0299  1806 LEU A O   
76  C CB  . LEU A 13  ? 0.7015 0.9490 0.8175 -0.1856 0.0519  0.0556  1806 LEU A CB  
77  C CG  . LEU A 13  ? 0.6810 0.9159 0.8076 -0.1928 0.0676  0.0469  1806 LEU A CG  
78  C CD1 . LEU A 13  ? 0.6702 0.8660 0.7707 -0.2030 0.0774  0.0418  1806 LEU A CD1 
79  C CD2 . LEU A 13  ? 0.6838 0.9186 0.8279 -0.1759 0.0780  0.0516  1806 LEU A CD2 
80  N N   . MET A 14  ? 0.6869 0.9988 0.8177 -0.2215 0.0271  0.0385  1807 MET A N   
81  C CA  . MET A 14  ? 0.6648 1.0004 0.8104 -0.2405 0.0246  0.0267  1807 MET A CA  
82  C C   . MET A 14  ? 0.6443 0.9616 0.7683 -0.2591 0.0236  0.0189  1807 MET A C   
83  O O   . MET A 14  ? 0.6167 0.9271 0.7451 -0.2750 0.0304  0.0091  1807 MET A O   
84  C CB  . MET A 14  ? 0.6846 1.0691 0.8507 -0.2382 0.0110  0.0273  1807 MET A CB  
85  C CG  . MET A 14  ? 0.6885 1.0982 0.8672 -0.2599 0.0080  0.0141  1807 MET A CG  
86  S SD  . MET A 14  ? 0.7237 1.1897 0.9157 -0.2605 -0.0106 0.0134  1807 MET A SD  
87  C CE  . MET A 14  ? 0.7477 1.1983 0.9041 -0.2606 -0.0208 0.0191  1807 MET A CE  
88  N N   . GLU A 15  ? 0.6608 0.9693 0.7611 -0.2571 0.0158  0.0233  1808 GLU A N   
89  C CA  . GLU A 15  ? 0.6754 0.9664 0.7553 -0.2747 0.0155  0.0149  1808 GLU A CA  
90  C C   . GLU A 15  ? 0.6705 0.9191 0.7371 -0.2786 0.0295  0.0116  1808 GLU A C   
91  O O   . GLU A 15  ? 0.6765 0.9137 0.7401 -0.2950 0.0340  0.0016  1808 GLU A O   
92  C CB  . GLU A 15  ? 0.7084 1.0009 0.7647 -0.2715 0.0044  0.0207  1808 GLU A CB  
93  C CG  . GLU A 15  ? 0.7212 1.0573 0.7858 -0.2794 -0.0102 0.0174  1808 GLU A CG  
94  C CD  . GLU A 15  ? 0.7637 1.1088 0.8081 -0.2701 -0.0228 0.0279  1808 GLU A CD  
95  O OE1 . GLU A 15  ? 0.7843 1.1044 0.8130 -0.2536 -0.0203 0.0402  1808 GLU A OE1 
96  O OE2 . GLU A 15  ? 0.7796 1.1571 0.8231 -0.2800 -0.0348 0.0239  1808 GLU A OE2 
97  N N   . MET A 16  ? 0.6717 0.8972 0.7313 -0.2636 0.0372  0.0195  1809 MET A N   
98  C CA  . MET A 16  ? 0.6570 0.8463 0.7050 -0.2672 0.0506  0.0157  1809 MET A CA  
99  C C   . MET A 16  ? 0.6242 0.8180 0.6927 -0.2747 0.0593  0.0095  1809 MET A C   
100 O O   . MET A 16  ? 0.6063 0.7802 0.6686 -0.2853 0.0669  0.0030  1809 MET A O   
101 C CB  . MET A 16  ? 0.6638 0.8288 0.6993 -0.2505 0.0579  0.0246  1809 MET A CB  
102 C CG  . MET A 16  ? 0.6894 0.8365 0.6966 -0.2462 0.0534  0.0300  1809 MET A CG  
103 S SD  . MET A 16  ? 0.7167 0.8228 0.7045 -0.2330 0.0675  0.0361  1809 MET A SD  
104 C CE  . MET A 16  ? 0.7269 0.8503 0.7353 -0.2106 0.0672  0.0485  1809 MET A CE  
105 N N   . GLU A 17  ? 0.6348 0.8559 0.7282 -0.2694 0.0582  0.0115  1810 GLU A N   
106 C CA  . GLU A 17  ? 0.6285 0.8547 0.7404 -0.2768 0.0669  0.0064  1810 GLU A CA  
107 C C   . GLU A 17  ? 0.6207 0.8519 0.7365 -0.2960 0.0654  -0.0027 1810 GLU A C   
108 O O   . GLU A 17  ? 0.6126 0.8331 0.7329 -0.3044 0.0743  -0.0064 1810 GLU A O   
109 C CB  . GLU A 17  ? 0.6223 0.8791 0.7604 -0.2681 0.0658  0.0094  1810 GLU A CB  
110 C CG  . GLU A 17  ? 0.6247 0.8715 0.7660 -0.2518 0.0747  0.0155  1810 GLU A CG  
111 C CD  . GLU A 17  ? 0.6310 0.9102 0.7992 -0.2416 0.0725  0.0184  1810 GLU A CD  
112 O OE1 . GLU A 17  ? 0.6393 0.9503 0.8208 -0.2442 0.0614  0.0172  1810 GLU A OE1 
113 O OE2 . GLU A 17  ? 0.6405 0.9145 0.8172 -0.2314 0.0824  0.0207  1810 GLU A OE2 
114 N N   . SER A 18  ? 0.6164 0.8638 0.7302 -0.3035 0.0550  -0.0060 1811 SER A N   
115 C CA  . SER A 18  ? 0.6126 0.8666 0.7325 -0.3224 0.0545  -0.0157 1811 SER A CA  
116 C C   . SER A 18  ? 0.6094 0.8393 0.7079 -0.3325 0.0545  -0.0210 1811 SER A C   
117 O O   . SER A 18  ? 0.6080 0.8418 0.7101 -0.3484 0.0541  -0.0297 1811 SER A O   
118 C CB  . SER A 18  ? 0.6249 0.9188 0.7612 -0.3273 0.0445  -0.0190 1811 SER A CB  
119 O OG  . SER A 18  ? 0.6527 0.9568 0.7759 -0.3225 0.0329  -0.0163 1811 SER A OG  
120 N N   . HIS A 19  ? 0.6141 0.8185 0.6909 -0.3242 0.0558  -0.0168 1812 HIS A N   
121 C CA  . HIS A 19  ? 0.6325 0.8134 0.6895 -0.3339 0.0569  -0.0228 1812 HIS A CA  
122 C C   . HIS A 19  ? 0.6551 0.8140 0.7151 -0.3424 0.0680  -0.0279 1812 HIS A C   
123 O O   . HIS A 19  ? 0.6388 0.7915 0.7063 -0.3364 0.0756  -0.0239 1812 HIS A O   
124 C CB  . HIS A 19  ? 0.6234 0.7836 0.6561 -0.3228 0.0564  -0.0169 1812 HIS A CB  
125 C CG  . HIS A 19  ? 0.6281 0.7678 0.6391 -0.3328 0.0563  -0.0237 1812 HIS A CG  
126 N ND1 . HIS A 19  ? 0.6460 0.7883 0.6383 -0.3321 0.0479  -0.0221 1812 HIS A ND1 
127 C CD2 . HIS A 19  ? 0.6235 0.7404 0.6285 -0.3432 0.0638  -0.0318 1812 HIS A CD2 
128 C CE1 . HIS A 19  ? 0.6515 0.7735 0.6271 -0.3430 0.0508  -0.0303 1812 HIS A CE1 
129 N NE2 . HIS A 19  ? 0.6399 0.7463 0.6241 -0.3495 0.0606  -0.0365 1812 HIS A NE2 
130 N N   . ASP A 20  ? 0.6899 0.8388 0.7446 -0.3565 0.0690  -0.0367 1813 ASP A N   
131 C CA  . ASP A 20  ? 0.7020 0.8300 0.7599 -0.3639 0.0788  -0.0408 1813 ASP A CA  
132 C C   . ASP A 20  ? 0.6939 0.7986 0.7412 -0.3536 0.0862  -0.0359 1813 ASP A C   
133 O O   . ASP A 20  ? 0.6999 0.7996 0.7567 -0.3524 0.0936  -0.0334 1813 ASP A O   
134 C CB  . ASP A 20  ? 0.7468 0.8628 0.7967 -0.3780 0.0793  -0.0511 1813 ASP A CB  
135 C CG  . ASP A 20  ? 0.7773 0.9062 0.8435 -0.3889 0.0789  -0.0581 1813 ASP A CG  
136 O OD1 . ASP A 20  ? 0.7761 0.9206 0.8600 -0.3880 0.0799  -0.0550 1813 ASP A OD1 
137 O OD2 . ASP A 20  ? 0.7931 0.9141 0.8526 -0.3937 0.0778  -0.0667 1813 ASP A OD2 
138 N N   . ALA A 21  ? 0.6857 0.7774 0.7128 -0.3467 0.0847  -0.0345 1814 ALA A N   
139 C CA  . ALA A 21  ? 0.6686 0.7370 0.6831 -0.3395 0.0925  -0.0326 1814 ALA A CA  
140 C C   . ALA A 21  ? 0.6740 0.7465 0.6913 -0.3257 0.0956  -0.0243 1814 ALA A C   
141 O O   . ALA A 21  ? 0.6669 0.7214 0.6713 -0.3194 0.1023  -0.0232 1814 ALA A O   
142 C CB  . ALA A 21  ? 0.6548 0.7046 0.6450 -0.3404 0.0913  -0.0364 1814 ALA A CB  
143 N N   . ALA A 22  ? 0.6772 0.7734 0.7117 -0.3217 0.0921  -0.0196 1815 ALA A N   
144 C CA  . ALA A 22  ? 0.6723 0.7731 0.7116 -0.3088 0.0961  -0.0127 1815 ALA A CA  
145 C C   . ALA A 22  ? 0.6561 0.7558 0.7068 -0.3096 0.1057  -0.0124 1815 ALA A C   
146 O O   . ALA A 22  ? 0.6582 0.7613 0.7134 -0.3004 0.1110  -0.0084 1815 ALA A O   
147 C CB  . ALA A 22  ? 0.6757 0.8045 0.7298 -0.3029 0.0879  -0.0082 1815 ALA A CB  
148 N N   . TRP A 23  ? 0.6475 0.7426 0.7026 -0.3202 0.1085  -0.0163 1816 TRP A N   
149 C CA  . TRP A 23  ? 0.6283 0.7260 0.6943 -0.3216 0.1166  -0.0146 1816 TRP A CA  
150 C C   . TRP A 23  ? 0.6515 0.7369 0.7078 -0.3143 0.1256  -0.0132 1816 TRP A C   
151 O O   . TRP A 23  ? 0.6710 0.7666 0.7376 -0.3124 0.1315  -0.0105 1816 TRP A O   
152 C CB  . TRP A 23  ? 0.6021 0.6929 0.6719 -0.3323 0.1179  -0.0174 1816 TRP A CB  
153 C CG  . TRP A 23  ? 0.6218 0.6894 0.6752 -0.3302 0.1175  -0.0217 1816 TRP A CG  
154 C CD1 . TRP A 23  ? 0.6346 0.6946 0.6806 -0.3358 0.1125  -0.0273 1816 TRP A CD1 
155 C CD2 . TRP A 23  ? 0.6456 0.6971 0.6889 -0.3223 0.1223  -0.0220 1816 TRP A CD2 
156 N NE1 . TRP A 23  ? 0.6541 0.6934 0.6865 -0.3314 0.1145  -0.0311 1816 TRP A NE1 
157 C CE2 . TRP A 23  ? 0.6615 0.6962 0.6925 -0.3232 0.1202  -0.0278 1816 TRP A CE2 
158 C CE3 . TRP A 23  ? 0.6611 0.7133 0.7047 -0.3152 0.1283  -0.0187 1816 TRP A CE3 
159 C CZ2 . TRP A 23  ? 0.6802 0.7001 0.7009 -0.3172 0.1239  -0.0305 1816 TRP A CZ2 
160 C CZ3 . TRP A 23  ? 0.6765 0.7148 0.7088 -0.3098 0.1314  -0.0212 1816 TRP A CZ3 
161 C CH2 . TRP A 23  ? 0.6815 0.7044 0.7032 -0.3109 0.1291  -0.0270 1816 TRP A CH2 
162 N N   . PRO A 24  ? 0.6380 0.7036 0.6752 -0.3112 0.1282  -0.0159 1817 PRO A N   
163 C CA  . PRO A 24  ? 0.6229 0.6791 0.6521 -0.3058 0.1383  -0.0162 1817 PRO A CA  
164 C C   . PRO A 24  ? 0.6439 0.7057 0.6756 -0.2953 0.1415  -0.0127 1817 PRO A C   
165 O O   . PRO A 24  ? 0.6652 0.7218 0.6933 -0.2919 0.1516  -0.0138 1817 PRO A O   
166 C CB  . PRO A 24  ? 0.6123 0.6456 0.6202 -0.3069 0.1401  -0.0214 1817 PRO A CB  
167 C CG  . PRO A 24  ? 0.6294 0.6602 0.6362 -0.3144 0.1316  -0.0241 1817 PRO A CG  
168 C CD  . PRO A 24  ? 0.6295 0.6797 0.6505 -0.3142 0.1234  -0.0201 1817 PRO A CD  
169 N N   . PHE A 25  ? 0.6424 0.7161 0.6813 -0.2901 0.1338  -0.0088 1818 PHE A N   
170 C CA  . PHE A 25  ? 0.6498 0.7255 0.6901 -0.2778 0.1364  -0.0047 1818 PHE A CA  
171 C C   . PHE A 25  ? 0.6523 0.7548 0.7162 -0.2741 0.1331  -0.0009 1818 PHE A C   
172 O O   . PHE A 25  ? 0.6614 0.7688 0.7305 -0.2626 0.1340  0.0032  1818 PHE A O   
173 C CB  . PHE A 25  ? 0.6554 0.7184 0.6789 -0.2716 0.1301  -0.0021 1818 PHE A CB  
174 C CG  . PHE A 25  ? 0.6467 0.6864 0.6482 -0.2781 0.1315  -0.0072 1818 PHE A CG  
175 C CD1 . PHE A 25  ? 0.6247 0.6437 0.6120 -0.2773 0.1431  -0.0110 1818 PHE A CD1 
176 C CD2 . PHE A 25  ? 0.6742 0.7137 0.6697 -0.2861 0.1221  -0.0096 1818 PHE A CD2 
177 C CE1 . PHE A 25  ? 0.5967 0.5960 0.5648 -0.2836 0.1448  -0.0168 1818 PHE A CE1 
178 C CE2 . PHE A 25  ? 0.7042 0.7226 0.6805 -0.2924 0.1242  -0.0155 1818 PHE A CE2 
179 C CZ  . PHE A 25  ? 0.7148 0.7135 0.6777 -0.2908 0.1353  -0.0190 1818 PHE A CZ  
180 N N   . LEU A 26  ? 0.6907 0.7413 0.6647 -0.1314 0.1415  -0.0537 1819 LEU A N   
181 C CA  . LEU A 26  ? 0.7149 0.7252 0.6604 -0.1403 0.1468  -0.0242 1819 LEU A CA  
182 C C   . LEU A 26  ? 0.7882 0.7738 0.7008 -0.1498 0.1515  -0.0013 1819 LEU A C   
183 O O   . LEU A 26  ? 0.8158 0.7812 0.7010 -0.1623 0.1678  0.0232  1819 LEU A O   
184 C CB  . LEU A 26  ? 0.7076 0.6855 0.6605 -0.1289 0.1220  -0.0210 1819 LEU A CB  
185 C CG  . LEU A 26  ? 0.6703 0.6664 0.6524 -0.1199 0.1170  -0.0405 1819 LEU A CG  
186 C CD1 . LEU A 26  ? 0.6851 0.6463 0.6733 -0.1083 0.0906  -0.0373 1819 LEU A CD1 
187 C CD2 . LEU A 26  ? 0.6324 0.6414 0.6086 -0.1319 0.1429  -0.0338 1819 LEU A CD2 
188 N N   . GLU A 27  ? 0.8100 0.7970 0.7247 -0.1438 0.1379  -0.0088 1820 GLU A N   
189 C CA  . GLU A 27  ? 0.8021 0.7671 0.6871 -0.1513 0.1403  0.0104  1820 GLU A CA  
190 C C   . GLU A 27  ? 0.7578 0.7579 0.6472 -0.1551 0.1502  -0.0042 1820 GLU A C   
191 O O   . GLU A 27  ? 0.7618 0.7998 0.6809 -0.1483 0.1479  -0.0307 1820 GLU A O   
192 C CB  . GLU A 27  ? 0.8635 0.7912 0.7433 -0.1403 0.1117  0.0174  1820 GLU A CB  
193 C CG  . GLU A 27  ? 0.9172 0.8131 0.8002 -0.1330 0.0961  0.0258  1820 GLU A CG  
194 C CD  . GLU A 27  ? 0.9847 0.8439 0.8619 -0.1219 0.0681  0.0325  1820 GLU A CD  
195 O OE1 . GLU A 27  ? 1.0094 0.8683 0.9106 -0.1070 0.0453  0.0161  1820 GLU A OE1 
196 O OE2 . GLU A 27  ? 1.0103 0.8414 0.8586 -0.1277 0.0687  0.0537  1820 GLU A OE2 
197 N N   . PRO A 28  ? 0.6996 0.6878 0.5597 -0.1662 0.1617  0.0130  1821 PRO A N   
198 C CA  . PRO A 28  ? 0.6494 0.6676 0.5132 -0.1693 0.1681  -0.0005 1821 PRO A CA  
199 C C   . PRO A 28  ? 0.6475 0.6660 0.5284 -0.1553 0.1405  -0.0160 1821 PRO A C   
200 O O   . PRO A 28  ? 0.6812 0.6651 0.5561 -0.1464 0.1186  -0.0070 1821 PRO A O   
201 C CB  . PRO A 28  ? 0.6464 0.6423 0.4705 -0.1840 0.1846  0.0255  1821 PRO A CB  
202 C CG  . PRO A 28  ? 0.6575 0.6207 0.4597 -0.1901 0.1929  0.0507  1821 PRO A CG  
203 C CD  . PRO A 28  ? 0.6882 0.6363 0.5103 -0.1765 0.1702  0.0452  1821 PRO A CD  
204 N N   . VAL A 29  ? 0.6238 0.6828 0.5266 -0.1528 0.1417  -0.0397 1822 VAL A N   
205 C CA  . VAL A 29  ? 0.6516 0.7159 0.5718 -0.1398 0.1167  -0.0559 1822 VAL A CA  
206 C C   . VAL A 29  ? 0.6942 0.7265 0.5847 -0.1433 0.1094  -0.0375 1822 VAL A C   
207 O O   . VAL A 29  ? 0.6988 0.7302 0.5645 -0.1571 0.1280  -0.0246 1822 VAL A O   
208 C CB  . VAL A 29  ? 0.6406 0.7571 0.5894 -0.1383 0.1223  -0.0841 1822 VAL A CB  
209 C CG1 . VAL A 29  ? 0.6381 0.7600 0.5991 -0.1277 0.0995  -0.0976 1822 VAL A CG1 
210 C CG2 . VAL A 29  ? 0.6048 0.7502 0.5862 -0.1305 0.1233  -0.1046 1822 VAL A CG2 
211 N N   . ASN A 30  ? 0.7352 0.7401 0.6274 -0.1304 0.0821  -0.0359 1823 ASN A N   
212 C CA  . ASN A 30  ? 0.7563 0.7301 0.6222 -0.1314 0.0719  -0.0200 1823 ASN A CA  
213 C C   . ASN A 30  ? 0.7562 0.7595 0.6368 -0.1278 0.0641  -0.0399 1823 ASN A C   
214 O O   . ASN A 30  ? 0.7697 0.7852 0.6774 -0.1129 0.0423  -0.0598 1823 ASN A O   
215 C CB  . ASN A 30  ? 0.7953 0.7269 0.6565 -0.1187 0.0458  -0.0100 1823 ASN A CB  
216 C CG  . ASN A 30  ? 0.8301 0.7244 0.6600 -0.1202 0.0365  0.0101  1823 ASN A CG  
217 O OD1 . ASN A 30  ? 0.8277 0.7299 0.6427 -0.1287 0.0460  0.0130  1823 ASN A OD1 
218 N ND2 . ASN A 30  ? 0.8600 0.7126 0.6796 -0.1118 0.0177  0.0240  1823 ASN A ND2 
219 N N   . PRO A 31  ? 0.7438 0.7588 0.6073 -0.1408 0.0814  -0.0352 1824 PRO A N   
220 C CA  . PRO A 31  ? 0.7365 0.7835 0.6166 -0.1381 0.0750  -0.0557 1824 PRO A CA  
221 C C   . PRO A 31  ? 0.7733 0.7981 0.6506 -0.1265 0.0470  -0.0557 1824 PRO A C   
222 O O   . PRO A 31  ? 0.7927 0.8452 0.6927 -0.1192 0.0349  -0.0770 1824 PRO A O   
223 C CB  . PRO A 31  ? 0.7106 0.7672 0.5666 -0.1565 0.1011  -0.0456 1824 PRO A CB  
224 C CG  . PRO A 31  ? 0.7181 0.7318 0.5362 -0.1655 0.1121  -0.0145 1824 PRO A CG  
225 C CD  . PRO A 31  ? 0.7240 0.7230 0.5521 -0.1582 0.1065  -0.0111 1824 PRO A CD  
226 N N   . ARG A 32  ? 0.7844 0.7607 0.6349 -0.1242 0.0363  -0.0326 1825 ARG A N   
227 C CA  . ARG A 32  ? 0.7878 0.7407 0.6362 -0.1114 0.0083  -0.0327 1825 ARG A CA  
228 C C   . ARG A 32  ? 0.7917 0.7582 0.6764 -0.0928 -0.0157 -0.0556 1825 ARG A C   
229 O O   . ARG A 32  ? 0.8112 0.7742 0.7040 -0.0810 -0.0388 -0.0645 1825 ARG A O   
230 C CB  . ARG A 32  ? 0.8124 0.7095 0.6258 -0.1122 0.0024  -0.0029 1825 ARG A CB  
231 C CG  . ARG A 32  ? 0.8251 0.7022 0.5988 -0.1279 0.0208  0.0209  1825 ARG A CG  
232 C CD  . ARG A 32  ? 0.8819 0.7079 0.6239 -0.1298 0.0206  0.0509  1825 ARG A CD  
233 N NE  . ARG A 32  ? 0.9306 0.7309 0.6328 -0.1411 0.0314  0.0741  1825 ARG A NE  
234 C CZ  . ARG A 32  ? 0.9815 0.7362 0.6512 -0.1439 0.0322  0.1025  1825 ARG A CZ  
235 N NH1 . ARG A 32  ? 0.9888 0.7186 0.6616 -0.1368 0.0229  0.1110  1825 ARG A NH1 
236 N NH2 . ARG A 32  ? 1.0146 0.7483 0.6485 -0.1537 0.0424  0.1221  1825 ARG A NH2 
237 N N   . LEU A 33  ? 0.7778 0.7597 0.6842 -0.0895 -0.0110 -0.0651 1826 LEU A N   
238 C CA  . LEU A 33  ? 0.7898 0.7824 0.7295 -0.0716 -0.0329 -0.0857 1826 LEU A CA  
239 C C   . LEU A 33  ? 0.7823 0.8302 0.7592 -0.0680 -0.0289 -0.1162 1826 LEU A C   
240 O O   . LEU A 33  ? 0.8064 0.8677 0.8123 -0.0519 -0.0486 -0.1362 1826 LEU A O   
241 C CB  . LEU A 33  ? 0.7931 0.7620 0.7323 -0.0686 -0.0332 -0.0762 1826 LEU A CB  
242 C CG  . LEU A 33  ? 0.8126 0.7257 0.7190 -0.0702 -0.0393 -0.0467 1826 LEU A CG  
243 C CD1 . LEU A 33  ? 0.8027 0.7009 0.7085 -0.0723 -0.0316 -0.0370 1826 LEU A CD1 
244 C CD2 . LEU A 33  ? 0.8473 0.7333 0.7546 -0.0541 -0.0703 -0.0478 1826 LEU A CD2 
245 N N   . VAL A 34  ? 0.7463 0.8263 0.7227 -0.0820 -0.0040 -0.1200 1827 VAL A N   
246 C CA  . VAL A 34  ? 0.7124 0.8459 0.7233 -0.0802 0.0034  -0.1475 1827 VAL A CA  
247 C C   . VAL A 34  ? 0.7054 0.8644 0.7148 -0.0878 0.0095  -0.1547 1827 VAL A C   
248 O O   . VAL A 34  ? 0.6926 0.8542 0.6805 -0.1046 0.0324  -0.1428 1827 VAL A O   
249 C CB  . VAL A 34  ? 0.6834 0.8356 0.6984 -0.0900 0.0291  -0.1476 1827 VAL A CB  
250 C CG1 . VAL A 34  ? 0.6603 0.8679 0.7115 -0.0869 0.0357  -0.1766 1827 VAL A CG1 
251 C CG2 . VAL A 34  ? 0.6907 0.8145 0.7046 -0.0835 0.0229  -0.1386 1827 VAL A CG2 
252 N N   . SER A 35  ? 0.7150 0.8934 0.7475 -0.0756 -0.0108 -0.1743 1828 SER A N   
253 C CA  . SER A 35  ? 0.7285 0.9335 0.7631 -0.0819 -0.0071 -0.1834 1828 SER A CA  
254 C C   . SER A 35  ? 0.7193 0.9713 0.7692 -0.0936 0.0190  -0.1966 1828 SER A C   
255 O O   . SER A 35  ? 0.7126 0.9976 0.7939 -0.0866 0.0206  -0.2166 1828 SER A O   
256 C CB  . SER A 35  ? 0.7500 0.9703 0.8113 -0.0649 -0.0349 -0.2041 1828 SER A CB  
257 O OG  . SER A 35  ? 0.7458 1.0036 0.8188 -0.0703 -0.0299 -0.2187 1828 SER A OG  
258 N N   . GLY A 36  ? 0.7325 0.9862 0.7588 -0.1111 0.0396  -0.1849 1829 GLY A N   
259 C CA  . GLY A 36  ? 0.7190 1.0162 0.7569 -0.1231 0.0644  -0.1967 1829 GLY A CA  
260 C C   . GLY A 36  ? 0.7168 1.0130 0.7422 -0.1352 0.0917  -0.1855 1829 GLY A C   
261 O O   . GLY A 36  ? 0.7123 1.0433 0.7451 -0.1459 0.1141  -0.1941 1829 GLY A O   
262 N N   . TYR A 37  ? 0.7557 0.8440 0.6293 -0.1328 0.1050  -0.0453 1830 TYR A N   
263 C CA  . TYR A 37  ? 0.7407 0.8093 0.6176 -0.1287 0.1157  -0.0491 1830 TYR A CA  
264 C C   . TYR A 37  ? 0.7665 0.8396 0.6525 -0.1324 0.1232  -0.0706 1830 TYR A C   
265 O O   . TYR A 37  ? 0.7844 0.8401 0.6872 -0.1273 0.1298  -0.0758 1830 TYR A O   
266 C CB  . TYR A 37  ? 0.7112 0.7776 0.5703 -0.1289 0.1175  -0.0386 1830 TYR A CB  
267 C CG  . TYR A 37  ? 0.6921 0.7384 0.5571 -0.1232 0.1252  -0.0370 1830 TYR A CG  
268 C CD1 . TYR A 37  ? 0.6850 0.7127 0.5557 -0.1180 0.1262  -0.0249 1830 TYR A CD1 
269 C CD2 . TYR A 37  ? 0.6912 0.7394 0.5578 -0.1239 0.1314  -0.0483 1830 TYR A CD2 
270 C CE1 . TYR A 37  ? 0.6823 0.6954 0.5551 -0.1147 0.1316  -0.0231 1830 TYR A CE1 
271 C CE2 . TYR A 37  ? 0.6800 0.7137 0.5533 -0.1184 0.1353  -0.0452 1830 TYR A CE2 
272 C CZ  . TYR A 37  ? 0.6915 0.7084 0.5652 -0.1144 0.1346  -0.0321 1830 TYR A CZ  
273 O OH  . TYR A 37  ? 0.7121 0.7179 0.5890 -0.1109 0.1370  -0.0288 1830 TYR A OH  
274 N N   . ARG A 38  ? 0.7696 0.8654 0.6451 -0.1420 0.1231  -0.0832 1831 ARG A N   
275 C CA  . ARG A 38  ? 0.7869 0.8880 0.6755 -0.1469 0.1330  -0.1067 1831 ARG A CA  
276 C C   . ARG A 38  ? 0.7364 0.8313 0.6488 -0.1455 0.1361  -0.1180 1831 ARG A C   
277 O O   . ARG A 38  ? 0.7224 0.8063 0.6553 -0.1437 0.1466  -0.1314 1831 ARG A O   
278 C CB  . ARG A 38  ? 0.8662 0.9959 0.7373 -0.1613 0.1334  -0.1205 1831 ARG A CB  
279 C CG  . ARG A 38  ? 0.9218 1.0543 0.7900 -0.1658 0.1443  -0.1322 1831 ARG A CG  
280 C CD  . ARG A 38  ? 0.9749 1.1352 0.8323 -0.1836 0.1498  -0.1550 1831 ARG A CD  
281 N NE  . ARG A 38  ? 1.0042 1.1837 0.8245 -0.1943 0.1406  -0.1441 1831 ARG A NE  
282 C CZ  . ARG A 38  ? 1.0244 1.2123 0.8225 -0.2039 0.1463  -0.1464 1831 ARG A CZ  
283 N NH1 . ARG A 38  ? 1.0214 1.2026 0.8352 -0.2035 0.1610  -0.1614 1831 ARG A NH1 
284 N NH2 . ARG A 38  ? 1.0458 1.2489 0.8077 -0.2141 0.1374  -0.1331 1831 ARG A NH2 
285 N N   . ARG A 39  ? 0.7102 0.8111 0.6235 -0.1462 0.1277  -0.1124 1832 ARG A N   
286 C CA  . ARG A 39  ? 0.6911 0.7880 0.6273 -0.1470 0.1318  -0.1251 1832 ARG A CA  
287 C C   . ARG A 39  ? 0.7097 0.7731 0.6613 -0.1367 0.1381  -0.1165 1832 ARG A C   
288 O O   . ARG A 39  ? 0.7159 0.7664 0.6872 -0.1366 0.1480  -0.1287 1832 ARG A O   
289 C CB  . ARG A 39  ? 0.6864 0.8038 0.6215 -0.1512 0.1197  -0.1222 1832 ARG A CB  
290 C CG  . ARG A 39  ? 0.7023 0.8169 0.6626 -0.1526 0.1239  -0.1354 1832 ARG A CG  
291 C CD  . ARG A 39  ? 0.7402 0.8844 0.7023 -0.1584 0.1103  -0.1365 1832 ARG A CD  
292 N NE  . ARG A 39  ? 0.7820 0.9272 0.7357 -0.1512 0.0967  -0.1113 1832 ARG A NE  
293 C CZ  . ARG A 39  ? 0.8173 0.9422 0.7864 -0.1424 0.0972  -0.0988 1832 ARG A CZ  
294 N NH1 . ARG A 39  ? 0.8299 0.9317 0.8181 -0.1406 0.1098  -0.1079 1832 ARG A NH1 
295 N NH2 . ARG A 39  ? 0.8211 0.9476 0.7866 -0.1365 0.0865  -0.0775 1832 ARG A NH2 
296 N N   . ILE A 40  ? 0.7233 0.7721 0.6650 -0.1295 0.1338  -0.0958 1833 ILE A N   
297 C CA  . ILE A 40  ? 0.7323 0.7522 0.6832 -0.1230 0.1387  -0.0865 1833 ILE A CA  
298 C C   . ILE A 40  ? 0.7502 0.7512 0.7000 -0.1174 0.1443  -0.0819 1833 ILE A C   
299 O O   . ILE A 40  ? 0.7804 0.7592 0.7410 -0.1142 0.1507  -0.0811 1833 ILE A O   
300 C CB  . ILE A 40  ? 0.7156 0.7314 0.6597 -0.1205 0.1325  -0.0692 1833 ILE A CB  
301 C CG1 . ILE A 40  ? 0.7111 0.7449 0.6656 -0.1241 0.1259  -0.0732 1833 ILE A CG1 
302 C CG2 . ILE A 40  ? 0.6968 0.6836 0.6444 -0.1168 0.1393  -0.0602 1833 ILE A CG2 
303 C CD1 . ILE A 40  ? 0.6419 0.6726 0.5981 -0.1208 0.1206  -0.0571 1833 ILE A CD1 
304 N N   . ILE A 41  ? 0.7188 0.7284 0.6561 -0.1164 0.1419  -0.0778 1834 ILE A N   
305 C CA  . ILE A 41  ? 0.6922 0.6880 0.6303 -0.1105 0.1446  -0.0717 1834 ILE A CA  
306 C C   . ILE A 41  ? 0.6784 0.6821 0.6314 -0.1110 0.1504  -0.0883 1834 ILE A C   
307 O O   . ILE A 41  ? 0.6802 0.7040 0.6271 -0.1159 0.1508  -0.0971 1834 ILE A O   
308 C CB  . ILE A 41  ? 0.6736 0.6734 0.5931 -0.1095 0.1401  -0.0585 1834 ILE A CB  
309 C CG1 . ILE A 41  ? 0.6674 0.6553 0.5788 -0.1091 0.1378  -0.0439 1834 ILE A CG1 
310 C CG2 . ILE A 41  ? 0.6626 0.6561 0.5858 -0.1046 0.1416  -0.0559 1834 ILE A CG2 
311 C CD1 . ILE A 41  ? 0.6406 0.6045 0.5575 -0.1065 0.1413  -0.0379 1834 ILE A CD1 
312 N N   . LYS A 42  ? 0.6781 0.6649 0.6522 -0.1067 0.1565  -0.0925 1835 LYS A N   
313 C CA  . LYS A 42  ? 0.7043 0.6967 0.7013 -0.1070 0.1647  -0.1104 1835 LYS A CA  
314 C C   . LYS A 42  ? 0.6984 0.6950 0.7006 -0.1018 0.1640  -0.1083 1835 LYS A C   
315 O O   . LYS A 42  ? 0.7009 0.7139 0.7148 -0.1059 0.1702  -0.1258 1835 LYS A O   
316 C CB  . LYS A 42  ? 0.7415 0.7114 0.7634 -0.1032 0.1725  -0.1138 1835 LYS A CB  
317 C CG  . LYS A 42  ? 0.7759 0.7496 0.8048 -0.1116 0.1787  -0.1291 1835 LYS A CG  
318 C CD  . LYS A 42  ? 0.7945 0.8006 0.8092 -0.1226 0.1756  -0.1430 1835 LYS A CD  
319 C CE  . LYS A 42  ? 0.8196 0.8455 0.8474 -0.1296 0.1844  -0.1667 1835 LYS A CE  
320 N NZ  . LYS A 42  ? 0.8293 0.8869 0.8402 -0.1435 0.1815  -0.1806 1835 LYS A NZ  
321 N N   . ASN A 43  ? 0.6986 0.6827 0.6936 -0.0943 0.1573  -0.0893 1836 ASN A N   
322 C CA  . ASN A 43  ? 0.6911 0.6799 0.6959 -0.0883 0.1553  -0.0867 1836 ASN A CA  
323 C C   . ASN A 43  ? 0.6820 0.6774 0.6600 -0.0898 0.1479  -0.0733 1836 ASN A C   
324 O O   . ASN A 43  ? 0.6796 0.6625 0.6493 -0.0855 0.1418  -0.0564 1836 ASN A O   
325 C CB  . ASN A 43  ? 0.6964 0.6647 0.7241 -0.0776 0.1535  -0.0765 1836 ASN A CB  
326 C CG  . ASN A 43  ? 0.7091 0.6683 0.7690 -0.0757 0.1635  -0.0902 1836 ASN A CG  
327 O OD1 . ASN A 43  ? 0.7228 0.6603 0.7871 -0.0738 0.1656  -0.0837 1836 ASN A OD1 
328 N ND2 . ASN A 43  ? 0.7072 0.6824 0.7911 -0.0777 0.1719  -0.1112 1836 ASN A ND2 
329 N N   . PRO A 44  ? 0.6703 0.6848 0.6330 -0.0973 0.1493  -0.0804 1837 PRO A N   
330 C CA  . PRO A 44  ? 0.6528 0.6716 0.5927 -0.0992 0.1448  -0.0685 1837 PRO A CA  
331 C C   . PRO A 44  ? 0.6477 0.6687 0.5981 -0.0936 0.1425  -0.0650 1837 PRO A C   
332 O O   . PRO A 44  ? 0.6570 0.6835 0.6334 -0.0893 0.1450  -0.0754 1837 PRO A O   
333 C CB  . PRO A 44  ? 0.6468 0.6849 0.5712 -0.1089 0.1483  -0.0780 1837 PRO A CB  
334 C CG  . PRO A 44  ? 0.6520 0.7006 0.5951 -0.1121 0.1554  -0.0989 1837 PRO A CG  
335 C CD  . PRO A 44  ? 0.6584 0.6910 0.6221 -0.1061 0.1559  -0.0998 1837 PRO A CD  
336 N N   . MET A 45  ? 0.6499 0.6679 0.5833 -0.0941 0.1381  -0.0515 1838 MET A N   
337 C CA  . MET A 45  ? 0.6505 0.6744 0.5917 -0.0903 0.1342  -0.0478 1838 MET A CA  
338 C C   . MET A 45  ? 0.6617 0.6891 0.5789 -0.0968 0.1344  -0.0400 1838 MET A C   
339 O O   . MET A 45  ? 0.6846 0.7017 0.5832 -0.1008 0.1353  -0.0315 1838 MET A O   
340 C CB  . MET A 45  ? 0.6543 0.6642 0.6078 -0.0820 0.1266  -0.0362 1838 MET A CB  
341 C CG  . MET A 45  ? 0.6662 0.6866 0.6324 -0.0771 0.1191  -0.0320 1838 MET A CG  
342 S SD  . MET A 45  ? 0.6680 0.7129 0.6646 -0.0748 0.1237  -0.0516 1838 MET A SD  
343 C CE  . MET A 45  ? 0.6609 0.6973 0.6907 -0.0678 0.1287  -0.0623 1838 MET A CE  
344 N N   . ASP A 46  ? 0.6679 0.7100 0.5898 -0.0979 0.1349  -0.0446 1839 ASP A N   
345 C CA  . ASP A 46  ? 0.6959 0.7418 0.5985 -0.1052 0.1377  -0.0399 1839 ASP A CA  
346 C C   . ASP A 46  ? 0.7150 0.7763 0.6305 -0.1041 0.1347  -0.0437 1839 ASP A C   
347 O O   . ASP A 46  ? 0.7294 0.7997 0.6709 -0.0969 0.1303  -0.0499 1839 ASP A O   
348 C CB  . ASP A 46  ? 0.7104 0.7614 0.5977 -0.1132 0.1466  -0.0452 1839 ASP A CB  
349 C CG  . ASP A 46  ? 0.7367 0.8052 0.6350 -0.1158 0.1524  -0.0613 1839 ASP A CG  
350 O OD1 . ASP A 46  ? 0.7535 0.8259 0.6668 -0.1132 0.1532  -0.0717 1839 ASP A OD1 
351 O OD2 . ASP A 46  ? 0.7548 0.8331 0.6481 -0.1219 0.1582  -0.0653 1839 ASP A OD2 
352 N N   . PHE A 47  ? 0.7057 0.7710 0.6062 -0.1114 0.1379  -0.0408 1840 PHE A N   
353 C CA  . PHE A 47  ? 0.6870 0.7694 0.5986 -0.1121 0.1340  -0.0442 1840 PHE A CA  
354 C C   . PHE A 47  ? 0.6621 0.7643 0.5950 -0.1117 0.1386  -0.0608 1840 PHE A C   
355 O O   . PHE A 47  ? 0.6568 0.7753 0.6149 -0.1062 0.1314  -0.0657 1840 PHE A O   
356 C CB  . PHE A 47  ? 0.6861 0.7687 0.5776 -0.1229 0.1399  -0.0409 1840 PHE A CB  
357 C CG  . PHE A 47  ? 0.6941 0.7612 0.5695 -0.1253 0.1362  -0.0278 1840 PHE A CG  
358 C CD1 . PHE A 47  ? 0.7058 0.7640 0.5851 -0.1180 0.1250  -0.0186 1840 PHE A CD1 
359 C CD2 . PHE A 47  ? 0.6997 0.7600 0.5571 -0.1360 0.1457  -0.0256 1840 PHE A CD2 
360 C CE1 . PHE A 47  ? 0.7134 0.7570 0.5755 -0.1229 0.1237  -0.0079 1840 PHE A CE1 
361 C CE2 . PHE A 47  ? 0.7085 0.7553 0.5528 -0.1406 0.1450  -0.0167 1840 PHE A CE2 
362 C CZ  . PHE A 47  ? 0.7188 0.7577 0.5635 -0.1347 0.1340  -0.0082 1840 PHE A CZ  
363 N N   . SER A 48  ? 0.6591 0.7615 0.5830 -0.1179 0.1505  -0.0697 1841 SER A N   
364 C CA  . SER A 48  ? 0.6761 0.7972 0.6178 -0.1209 0.1583  -0.0879 1841 SER A CA  
365 C C   . SER A 48  ? 0.6624 0.7894 0.6364 -0.1117 0.1546  -0.0976 1841 SER A C   
366 O O   . SER A 48  ? 0.6775 0.8228 0.6809 -0.1100 0.1566  -0.1122 1841 SER A O   
367 C CB  . SER A 48  ? 0.7109 0.8293 0.6289 -0.1324 0.1724  -0.0932 1841 SER A CB  
368 O OG  . SER A 48  ? 0.7487 0.8542 0.6535 -0.1316 0.1718  -0.0881 1841 SER A OG  
369 N N   . THR A 49  ? 0.6357 0.7475 0.6084 -0.1061 0.1507  -0.0914 1842 THR A N   
370 C CA  . THR A 49  ? 0.6473 0.7619 0.6552 -0.0968 0.1482  -0.0999 1842 THR A CA  
371 C C   . THR A 49  ? 0.6409 0.7597 0.6766 -0.0849 0.1345  -0.0914 1842 THR A C   
372 O O   . THR A 49  ? 0.6379 0.7686 0.7138 -0.0773 0.1332  -0.1016 1842 THR A O   
373 C CB  . THR A 49  ? 0.6575 0.7541 0.6577 -0.0947 0.1482  -0.0955 1842 THR A CB  
374 O OG1 . THR A 49  ? 0.6704 0.7653 0.6404 -0.1060 0.1569  -0.0990 1842 THR A OG1 
375 C CG2 . THR A 49  ? 0.6475 0.7470 0.6860 -0.0882 0.1513  -0.1094 1842 THR A CG2 
376 N N   . MET A 50  ? 0.6465 0.7567 0.6624 -0.0838 0.1241  -0.0728 1843 MET A N   
377 C CA  . MET A 50  ? 0.6425 0.7597 0.6778 -0.0748 0.1088  -0.0621 1843 MET A CA  
378 C C   . MET A 50  ? 0.6460 0.7913 0.7016 -0.0765 0.1079  -0.0734 1843 MET A C   
379 O O   . MET A 50  ? 0.6572 0.8167 0.7496 -0.0663 0.0971  -0.0733 1843 MET A O   
380 C CB  . MET A 50  ? 0.6449 0.7481 0.6476 -0.0779 0.1005  -0.0419 1843 MET A CB  
381 C CG  . MET A 50  ? 0.6646 0.7414 0.6569 -0.0740 0.0986  -0.0297 1843 MET A CG  
382 S SD  . MET A 50  ? 0.6996 0.7582 0.6481 -0.0837 0.0977  -0.0133 1843 MET A SD  
383 C CE  . MET A 50  ? 0.7081 0.7798 0.6568 -0.0831 0.0811  -0.0001 1843 MET A CE  
384 N N   . ARG A 51  ? 0.6429 0.7962 0.6775 -0.0892 0.1193  -0.0829 1844 ARG A N   
385 C CA  . ARG A 51  ? 0.6586 0.8389 0.7132 -0.0930 0.1219  -0.0975 1844 ARG A CA  
386 C C   . ARG A 51  ? 0.6745 0.8689 0.7711 -0.0882 0.1285  -0.1174 1844 ARG A C   
387 O O   . ARG A 51  ? 0.6597 0.8775 0.7946 -0.0828 0.1227  -0.1260 1844 ARG A O   
388 C CB  . ARG A 51  ? 0.6690 0.8502 0.6918 -0.1088 0.1368  -0.1040 1844 ARG A CB  
389 C CG  . ARG A 51  ? 0.6913 0.8990 0.7334 -0.1157 0.1446  -0.1231 1844 ARG A CG  
390 C CD  . ARG A 51  ? 0.7079 0.9386 0.7718 -0.1114 0.1289  -0.1204 1844 ARG A CD  
391 N NE  . ARG A 51  ? 0.6321 0.8580 0.6632 -0.1197 0.1254  -0.1079 1844 ARG A NE  
392 C CZ  . ARG A 51  ? 0.6369 0.8799 0.6741 -0.1185 0.1097  -0.1009 1844 ARG A CZ  
393 N NH1 . ARG A 51  ? 0.6403 0.9063 0.7168 -0.1073 0.0935  -0.1021 1844 ARG A NH1 
394 N NH2 . ARG A 51  ? 0.7967 1.0345 0.8018 -0.1292 0.1101  -0.0927 1844 ARG A NH2 
395 N N   . HIS A 52  ? 0.7172 0.8993 0.8090 -0.0910 0.1410  -0.1262 1845 HIS A N   
396 C CA  . HIS A 52  ? 0.7461 0.9410 0.8771 -0.0895 0.1511  -0.1487 1845 HIS A CA  
397 C C   . HIS A 52  ? 0.7104 0.9067 0.8901 -0.0723 0.1391  -0.1453 1845 HIS A C   
398 O O   . HIS A 52  ? 0.6908 0.9070 0.9194 -0.0669 0.1405  -0.1608 1845 HIS A O   
399 C CB  . HIS A 52  ? 0.8163 0.9991 0.9248 -0.0998 0.1674  -0.1591 1845 HIS A CB  
400 C CG  . HIS A 52  ? 0.8780 1.0614 0.9453 -0.1166 0.1804  -0.1635 1845 HIS A CG  
401 N ND1 . HIS A 52  ? 0.8875 1.0803 0.9433 -0.1227 0.1813  -0.1618 1845 HIS A ND1 
402 C CD2 . HIS A 52  ? 0.8963 1.0718 0.9315 -0.1292 0.1931  -0.1685 1845 HIS A CD2 
403 C CE1 . HIS A 52  ? 0.8954 1.0829 0.9150 -0.1375 0.1950  -0.1645 1845 HIS A CE1 
404 N NE2 . HIS A 52  ? 0.8983 1.0759 0.9037 -0.1413 0.2010  -0.1672 1845 HIS A NE2 
405 N N   . ARG A 53  ? 0.6997 0.8744 0.8700 -0.0634 0.1278  -0.1249 1846 ARG A N   
406 C CA  . ARG A 53  ? 0.7006 0.8726 0.9161 -0.0464 0.1160  -0.1173 1846 ARG A CA  
407 C C   . ARG A 53  ? 0.6905 0.8823 0.9314 -0.0372 0.0974  -0.1068 1846 ARG A C   
408 O O   . ARG A 53  ? 0.6981 0.9035 0.9945 -0.0248 0.0915  -0.1118 1846 ARG A O   
409 C CB  . ARG A 53  ? 0.7109 0.8533 0.9053 -0.0411 0.1094  -0.0966 1846 ARG A CB  
410 C CG  . ARG A 53  ? 0.7452 0.8797 0.9812 -0.0234 0.0958  -0.0825 1846 ARG A CG  
411 C CD  . ARG A 53  ? 0.7843 0.8891 1.0154 -0.0202 0.1004  -0.0755 1846 ARG A CD  
412 N NE  . ARG A 53  ? 0.8219 0.9148 1.0886 -0.0036 0.0870  -0.0571 1846 ARG A NE  
413 C CZ  . ARG A 53  ? 0.8365 0.9011 1.0883 0.0004  0.0826  -0.0379 1846 ARG A CZ  
414 N NH1 . ARG A 53  ? 0.8359 0.8833 1.0411 -0.0107 0.0905  -0.0367 1846 ARG A NH1 
415 N NH2 . ARG A 53  ? 0.8487 0.9017 1.1340 0.0156  0.0706  -0.0194 1846 ARG A NH2 
416 N N   . LEU A 54  ? 0.6649 0.8603 0.8680 -0.0436 0.0880  -0.0930 1847 LEU A N   
417 C CA  . LEU A 54  ? 0.6564 0.8759 0.8780 -0.0384 0.0698  -0.0845 1847 LEU A CA  
418 C C   . LEU A 54  ? 0.6508 0.9028 0.9125 -0.0403 0.0766  -0.1094 1847 LEU A C   
419 O O   . LEU A 54  ? 0.6570 0.9310 0.9681 -0.0283 0.0627  -0.1091 1847 LEU A O   
420 C CB  . LEU A 54  ? 0.6564 0.8737 0.8255 -0.0497 0.0637  -0.0704 1847 LEU A CB  
421 C CG  . LEU A 54  ? 0.6855 0.9245 0.8579 -0.0475 0.0417  -0.0561 1847 LEU A CG  
422 C CD1 . LEU A 54  ? 0.6847 0.9178 0.8834 -0.0302 0.0201  -0.0334 1847 LEU A CD1 
423 C CD2 . LEU A 54  ? 0.6678 0.8991 0.7838 -0.0625 0.0422  -0.0459 1847 LEU A CD2 
424 N N   . SER A 55  ? 0.6459 0.9013 0.8884 -0.0555 0.0980  -0.1308 1848 SER A N   
425 C CA  . SER A 55  ? 0.6623 0.9467 0.9401 -0.0605 0.1088  -0.1574 1848 SER A CA  
426 C C   . SER A 55  ? 0.7074 1.0008 1.0501 -0.0484 0.1117  -0.1725 1848 SER A C   
427 O O   . SER A 55  ? 0.7178 1.0404 1.1100 -0.0450 0.1109  -0.1886 1848 SER A O   
428 C CB  . SER A 55  ? 0.6502 0.9294 0.8910 -0.0800 0.1337  -0.1753 1848 SER A CB  
429 O OG  . SER A 55  ? 0.6600 0.9369 0.8542 -0.0914 0.1332  -0.1657 1848 SER A OG  
430 N N   . ARG A 56  ? 0.7371 1.0066 1.0841 -0.0425 0.1166  -0.1694 1849 ARG A N   
431 C CA  . ARG A 56  ? 0.7522 1.0255 1.1616 -0.0324 0.1237  -0.1856 1849 ARG A CA  
432 C C   . ARG A 56  ? 0.7771 1.0504 1.2345 -0.0098 0.1006  -0.1648 1849 ARG A C   
433 O O   . ARG A 56  ? 0.7924 1.0702 1.3130 0.0013  0.1048  -0.1767 1849 ARG A O   
434 C CB  . ARG A 56  ? 0.7578 1.0063 1.1475 -0.0397 0.1427  -0.1951 1849 ARG A CB  
435 C CG  . ARG A 56  ? 0.7794 1.0351 1.2231 -0.0403 0.1624  -0.2254 1849 ARG A CG  
436 C CD  . ARG A 56  ? 0.8120 1.0483 1.2192 -0.0546 0.1823  -0.2370 1849 ARG A CD  
437 N NE  . ARG A 56  ? 0.8560 1.0891 1.3142 -0.0515 0.1971  -0.2580 1849 ARG A NE  
438 C CZ  . ARG A 56  ? 0.8979 1.1189 1.3355 -0.0644 0.2153  -0.2728 1849 ARG A CZ  
439 N NH1 . ARG A 56  ? 0.9120 1.1233 1.2797 -0.0794 0.2183  -0.2663 1849 ARG A NH1 
440 N NH2 . ARG A 56  ? 0.9155 1.1352 1.4043 -0.0626 0.2305  -0.2945 1849 ARG A NH2 
441 N N   . GLY A 57  ? 0.7917 1.0599 1.2217 -0.0036 0.0769  -0.1340 1850 GLY A N   
442 C CA  . GLY A 57  ? 0.8112 1.0768 1.2777 0.0167  0.0529  -0.1087 1850 GLY A CA  
443 C C   . GLY A 57  ? 0.8221 1.0508 1.2816 0.0249  0.0530  -0.0915 1850 GLY A C   
444 O O   . GLY A 57  ? 0.8525 1.0745 1.3459 0.0424  0.0351  -0.0695 1850 GLY A O   
445 N N   . GLY A 58  ? 0.7902 0.9952 1.2069 0.0124  0.0719  -0.0997 1851 GLY A N   
446 C CA  . GLY A 58  ? 0.7786 0.9502 1.1911 0.0174  0.0767  -0.0901 1851 GLY A CA  
447 C C   . GLY A 58  ? 0.7758 0.9246 1.1571 0.0242  0.0571  -0.0541 1851 GLY A C   
448 O O   . GLY A 58  ? 0.7874 0.9070 1.1672 0.0283  0.0614  -0.0455 1851 GLY A O   
449 N N   . TYR A 59  ? 0.7623 0.9237 1.1176 0.0234  0.0371  -0.0345 1852 TYR A N   
450 C CA  . TYR A 59  ? 0.7771 0.9191 1.1022 0.0279  0.0180  -0.0002 1852 TYR A CA  
451 C C   . TYR A 59  ? 0.8217 0.9756 1.1970 0.0466  -0.0060 0.0200  1852 TYR A C   
452 O O   . TYR A 59  ? 0.8361 1.0227 1.2259 0.0483  -0.0213 0.0211  1852 TYR A O   
453 C CB  . TYR A 59  ? 0.7466 0.8946 1.0079 0.0123  0.0120  0.0084  1852 TYR A CB  
454 C CG  . TYR A 59  ? 0.7148 0.8462 0.9267 -0.0040 0.0326  -0.0044 1852 TYR A CG  
455 C CD1 . TYR A 59  ? 0.7144 0.8128 0.9039 -0.0054 0.0405  0.0032  1852 TYR A CD1 
456 C CD2 . TYR A 59  ? 0.6906 0.8399 0.8809 -0.0180 0.0438  -0.0235 1852 TYR A CD2 
457 C CE1 . TYR A 59  ? 0.6968 0.7832 0.8457 -0.0192 0.0568  -0.0075 1852 TYR A CE1 
458 C CE2 . TYR A 59  ? 0.6761 0.8107 0.8244 -0.0315 0.0605  -0.0319 1852 TYR A CE2 
459 C CZ  . TYR A 59  ? 0.6799 0.7843 0.8086 -0.0314 0.0659  -0.0236 1852 TYR A CZ  
460 O OH  . TYR A 59  ? 0.6686 0.7612 0.7598 -0.0438 0.0803  -0.0310 1852 TYR A OH  
461 N N   . THR A 60  ? 0.8407 0.9686 1.2444 0.0607  -0.0092 0.0363  1853 THR A N   
462 C CA  . THR A 60  ? 0.8540 0.9896 1.3095 0.0807  -0.0329 0.0597  1853 THR A CA  
463 C C   . THR A 60  ? 0.8974 1.0306 1.3093 0.0801  -0.0604 0.0976  1853 THR A C   
464 O O   . THR A 60  ? 0.9285 1.0863 1.3679 0.0907  -0.0861 0.1155  1853 THR A O   
465 C CB  . THR A 60  ? 0.8416 0.9477 1.3486 0.0960  -0.0241 0.0633  1853 THR A CB  
466 O OG1 . THR A 60  ? 0.8494 0.9161 1.3124 0.0933  -0.0244 0.0875  1853 THR A OG1 
467 C CG2 . THR A 60  ? 0.8099 0.9147 1.3451 0.0903  0.0075  0.0231  1853 THR A CG2 
468 N N   . SER A 61  ? 0.8975 1.0034 1.2427 0.0668  -0.0556 0.1096  1854 SER A N   
469 C CA  . SER A 61  ? 0.9157 1.0167 1.2119 0.0616  -0.0777 0.1430  1854 SER A CA  
470 C C   . SER A 61  ? 0.9036 1.0083 1.1291 0.0381  -0.0687 0.1332  1854 SER A C   
471 O O   . SER A 61  ? 0.8582 0.9609 1.0707 0.0278  -0.0455 0.1056  1854 SER A O   
472 C CB  . SER A 61  ? 0.9382 0.9962 1.2251 0.0682  -0.0801 0.1716  1854 SER A CB  
473 O OG  . SER A 61  ? 0.9224 0.9507 1.1563 0.0526  -0.0596 0.1645  1854 SER A OG  
474 N N   . SER A 62  ? 0.9516 1.0620 1.1318 0.0290  -0.0873 0.1566  1855 SER A N   
475 C CA  . SER A 62  ? 0.9568 1.0689 1.0728 0.0059  -0.0778 0.1480  1855 SER A CA  
476 C C   . SER A 62  ? 0.9465 1.0178 1.0246 -0.0032 -0.0570 0.1467  1855 SER A C   
477 O O   . SER A 62  ? 0.9191 0.9886 0.9614 -0.0192 -0.0401 0.1292  1855 SER A O   
478 C CB  . SER A 62  ? 1.0095 1.1394 1.0880 -0.0038 -0.1017 0.1715  1855 SER A CB  
479 O OG  . SER A 62  ? 1.0170 1.1458 1.0361 -0.0273 -0.0898 0.1622  1855 SER A OG  
480 N N   . GLU A 63  ? 0.9649 1.0032 1.0537 0.0067  -0.0574 0.1645  1856 GLU A N   
481 C CA  . GLU A 63  ? 0.9628 0.9636 1.0179 -0.0023 -0.0384 0.1632  1856 GLU A CA  
482 C C   . GLU A 63  ? 0.9123 0.9068 0.9870 -0.0020 -0.0133 0.1324  1856 GLU A C   
483 O O   . GLU A 63  ? 0.9009 0.8764 0.9429 -0.0139 0.0034  0.1234  1856 GLU A O   
484 C CB  . GLU A 63  ? 1.0167 0.9833 1.0779 0.0071  -0.0452 0.1915  1856 GLU A CB  
485 C CG  . GLU A 63  ? 1.0816 1.0507 1.1131 0.0040  -0.0704 0.2262  1856 GLU A CG  
486 C CD  . GLU A 63  ? 1.1264 1.1149 1.2080 0.0240  -0.0957 0.2453  1856 GLU A CD  
487 O OE1 . GLU A 63  ? 1.1297 1.1583 1.2177 0.0233  -0.1121 0.2426  1856 GLU A OE1 
488 O OE2 . GLU A 63  ? 1.1595 1.1235 1.2773 0.0405  -0.0990 0.2628  1856 GLU A OE2 
489 N N   . GLU A 64  ? 0.8997 0.9110 1.0280 0.0104  -0.0105 0.1155  1857 GLU A N   
490 C CA  . GLU A 64  ? 0.8832 0.8936 1.0252 0.0075  0.0129  0.0849  1857 GLU A CA  
491 C C   . GLU A 64  ? 0.8395 0.8664 0.9431 -0.0091 0.0222  0.0673  1857 GLU A C   
492 O O   . GLU A 64  ? 0.8334 0.8483 0.9169 -0.0181 0.0397  0.0528  1857 GLU A O   
493 C CB  . GLU A 64  ? 0.9060 0.9340 1.1127 0.0213  0.0150  0.0684  1857 GLU A CB  
494 C CG  . GLU A 64  ? 0.9503 0.9539 1.2025 0.0355  0.0204  0.0724  1857 GLU A CG  
495 C CD  . GLU A 64  ? 0.9783 1.0019 1.3016 0.0508  0.0184  0.0609  1857 GLU A CD  
496 O OE1 . GLU A 64  ? 0.9678 1.0231 1.3041 0.0472  0.0210  0.0398  1857 GLU A OE1 
497 O OE2 . GLU A 64  ? 1.0097 1.0166 1.3789 0.0660  0.0156  0.0724  1857 GLU A OE2 
498 N N   . PHE A 65  ? 0.8032 0.8584 0.8983 -0.0134 0.0105  0.0686  1858 PHE A N   
499 C CA  . PHE A 65  ? 0.7521 0.8210 0.8126 -0.0294 0.0204  0.0535  1858 PHE A CA  
500 C C   . PHE A 65  ? 0.7411 0.7867 0.7496 -0.0432 0.0271  0.0619  1858 PHE A C   
501 O O   . PHE A 65  ? 0.7221 0.7640 0.7090 -0.0537 0.0428  0.0475  1858 PHE A O   
502 C CB  . PHE A 65  ? 0.7486 0.8515 0.8110 -0.0326 0.0065  0.0541  1858 PHE A CB  
503 C CG  . PHE A 65  ? 0.7438 0.8588 0.7710 -0.0500 0.0173  0.0402  1858 PHE A CG  
504 C CD1 . PHE A 65  ? 0.7326 0.8431 0.7145 -0.0641 0.0145  0.0513  1858 PHE A CD1 
505 C CD2 . PHE A 65  ? 0.7282 0.8581 0.7685 -0.0535 0.0319  0.0158  1858 PHE A CD2 
506 C CE1 . PHE A 65  ? 0.7192 0.8387 0.6743 -0.0799 0.0266  0.0379  1858 PHE A CE1 
507 C CE2 . PHE A 65  ? 0.7108 0.8486 0.7210 -0.0691 0.0429  0.0050  1858 PHE A CE2 
508 C CZ  . PHE A 65  ? 0.7092 0.8416 0.6793 -0.0816 0.0404  0.0159  1858 PHE A CZ  
509 N N   . ALA A 66  ? 0.7717 0.8011 0.7607 -0.0436 0.0157  0.0857  1859 ALA A N   
510 C CA  . ALA A 66  ? 0.7931 0.7999 0.7356 -0.0580 0.0238  0.0921  1859 ALA A CA  
511 C C   . ALA A 66  ? 0.7774 0.7563 0.7224 -0.0565 0.0405  0.0844  1859 ALA A C   
512 O O   . ALA A 66  ? 0.7558 0.7233 0.6721 -0.0685 0.0533  0.0779  1859 ALA A O   
513 C CB  . ALA A 66  ? 0.8498 0.8467 0.7683 -0.0611 0.0081  0.1193  1859 ALA A CB  
514 N N   . ALA A 67  ? 0.7831 0.7521 0.7653 -0.0425 0.0410  0.0840  1860 ALA A N   
515 C CA  . ALA A 67  ? 0.7797 0.7261 0.7671 -0.0422 0.0574  0.0736  1860 ALA A CA  
516 C C   . ALA A 67  ? 0.7660 0.7255 0.7504 -0.0490 0.0717  0.0490  1860 ALA A C   
517 O O   . ALA A 67  ? 0.7783 0.7245 0.7434 -0.0571 0.0833  0.0427  1860 ALA A O   
518 C CB  . ALA A 67  ? 0.7884 0.7246 0.8216 -0.0270 0.0571  0.0745  1860 ALA A CB  
519 N N   . ASP A 68  ? 0.7479 0.7337 0.7513 -0.0463 0.0708  0.0357  1861 ASP A N   
520 C CA  . ASP A 68  ? 0.7224 0.7203 0.7180 -0.0541 0.0837  0.0154  1861 ASP A CA  
521 C C   . ASP A 68  ? 0.7007 0.6985 0.6558 -0.0674 0.0864  0.0187  1861 ASP A C   
522 O O   . ASP A 68  ? 0.6760 0.6701 0.6166 -0.0745 0.0976  0.0095  1861 ASP A O   
523 C CB  . ASP A 68  ? 0.7250 0.7504 0.7482 -0.0504 0.0833  0.0007  1861 ASP A CB  
524 C CG  . ASP A 68  ? 0.7419 0.7683 0.8023 -0.0435 0.0923  -0.0160 1861 ASP A CG  
525 O OD1 . ASP A 68  ? 0.7510 0.7608 0.8089 -0.0451 0.1015  -0.0207 1861 ASP A OD1 
526 O OD2 . ASP A 68  ? 0.7445 0.7902 0.8387 -0.0377 0.0912  -0.0265 1861 ASP A OD2 
527 N N   . ALA A 69  ? 0.7117 0.7145 0.6499 -0.0716 0.0766  0.0316  1862 ALA A N   
528 C CA  . ALA A 69  ? 0.7184 0.7216 0.6223 -0.0858 0.0818  0.0321  1862 ALA A CA  
529 C C   . ALA A 69  ? 0.7303 0.7074 0.6127 -0.0922 0.0898  0.0375  1862 ALA A C   
530 O O   . ALA A 69  ? 0.7163 0.6900 0.5852 -0.1001 0.1010  0.0299  1862 ALA A O   
531 C CB  . ALA A 69  ? 0.7320 0.7489 0.6229 -0.0910 0.0700  0.0425  1862 ALA A CB  
532 N N   . LEU A 70  ? 0.7538 0.7118 0.6349 -0.0887 0.0846  0.0508  1863 LEU A N   
533 C CA  . LEU A 70  ? 0.7558 0.6890 0.6184 -0.0960 0.0935  0.0542  1863 LEU A CA  
534 C C   . LEU A 70  ? 0.7430 0.6700 0.6201 -0.0928 0.1047  0.0405  1863 LEU A C   
535 O O   . LEU A 70  ? 0.7285 0.6438 0.5931 -0.1003 0.1142  0.0371  1863 LEU A O   
536 C CB  . LEU A 70  ? 0.7599 0.6727 0.6183 -0.0937 0.0866  0.0719  1863 LEU A CB  
537 C CG  . LEU A 70  ? 0.7818 0.6996 0.6153 -0.1014 0.0751  0.0880  1863 LEU A CG  
538 C CD1 . LEU A 70  ? 0.8152 0.7153 0.6491 -0.0957 0.0643  0.1093  1863 LEU A CD1 
539 C CD2 . LEU A 70  ? 0.7794 0.6919 0.5781 -0.1202 0.0853  0.0854  1863 LEU A CD2 
540 N N   . LEU A 71  ? 0.7488 0.6857 0.6533 -0.0828 0.1038  0.0312  1864 LEU A N   
541 C CA  . LEU A 71  ? 0.7545 0.6905 0.6705 -0.0820 0.1134  0.0168  1864 LEU A CA  
542 C C   . LEU A 71  ? 0.7492 0.6969 0.6502 -0.0899 0.1196  0.0084  1864 LEU A C   
543 O O   . LEU A 71  ? 0.7624 0.7040 0.6596 -0.0936 0.1264  0.0032  1864 LEU A O   
544 C CB  . LEU A 71  ? 0.7425 0.6886 0.6908 -0.0721 0.1126  0.0067  1864 LEU A CB  
545 C CG  . LEU A 71  ? 0.7398 0.6832 0.7060 -0.0707 0.1219  -0.0085 1864 LEU A CG  
546 C CD1 . LEU A 71  ? 0.7385 0.6926 0.7393 -0.0626 0.1227  -0.0196 1864 LEU A CD1 
547 C CD2 . LEU A 71  ? 0.7416 0.6964 0.6926 -0.0791 0.1283  -0.0198 1864 LEU A CD2 
548 N N   . VAL A 72  ? 0.7126 0.6769 0.6067 -0.0926 0.1174  0.0077  1865 VAL A N   
549 C CA  . VAL A 72  ? 0.6801 0.6522 0.5607 -0.1001 0.1241  0.0026  1865 VAL A CA  
550 C C   . VAL A 72  ? 0.7059 0.6622 0.5703 -0.1076 0.1296  0.0083  1865 VAL A C   
551 O O   . VAL A 72  ? 0.7104 0.6662 0.5733 -0.1104 0.1355  0.0044  1865 VAL A O   
552 C CB  . VAL A 72  ? 0.6484 0.6372 0.5239 -0.1035 0.1225  0.0019  1865 VAL A CB  
553 C CG1 . VAL A 72  ? 0.6397 0.6334 0.5037 -0.1109 0.1313  -0.0023 1865 VAL A CG1 
554 C CG2 . VAL A 72  ? 0.6471 0.6529 0.5440 -0.0961 0.1176  -0.0053 1865 VAL A CG2 
555 N N   . PHE A 73  ? 0.7228 0.6670 0.5764 -0.1117 0.1279  0.0175  1866 PHE A N   
556 C CA  . PHE A 73  ? 0.7223 0.6522 0.5619 -0.1214 0.1358  0.0203  1866 PHE A CA  
557 C C   . PHE A 73  ? 0.7208 0.6333 0.5667 -0.1200 0.1394  0.0197  1866 PHE A C   
558 O O   . PHE A 73  ? 0.7182 0.6238 0.5637 -0.1253 0.1474  0.0165  1866 PHE A O   
559 C CB  . PHE A 73  ? 0.7248 0.6515 0.5453 -0.1306 0.1345  0.0282  1866 PHE A CB  
560 C CG  . PHE A 73  ? 0.7169 0.6638 0.5338 -0.1324 0.1299  0.0271  1866 PHE A CG  
561 C CD1 . PHE A 73  ? 0.6994 0.6586 0.5203 -0.1341 0.1363  0.0189  1866 PHE A CD1 
562 C CD2 . PHE A 73  ? 0.7229 0.6773 0.5337 -0.1325 0.1189  0.0348  1866 PHE A CD2 
563 C CE1 . PHE A 73  ? 0.6801 0.6580 0.4994 -0.1370 0.1342  0.0157  1866 PHE A CE1 
564 C CE2 . PHE A 73  ? 0.7067 0.6833 0.5176 -0.1346 0.1145  0.0316  1866 PHE A CE2 
565 C CZ  . PHE A 73  ? 0.6791 0.6671 0.4945 -0.1374 0.1233  0.0207  1866 PHE A CZ  
566 N N   . ASP A 74  ? 0.7292 0.6349 0.5850 -0.1127 0.1346  0.0218  1867 ASP A N   
567 C CA  . ASP A 74  ? 0.7396 0.6305 0.6051 -0.1118 0.1398  0.0180  1867 ASP A CA  
568 C C   . ASP A 74  ? 0.7008 0.6036 0.5795 -0.1096 0.1429  0.0058  1867 ASP A C   
569 O O   . ASP A 74  ? 0.7014 0.5982 0.5835 -0.1135 0.1487  0.0014  1867 ASP A O   
570 C CB  . ASP A 74  ? 0.7618 0.6427 0.6396 -0.1040 0.1355  0.0220  1867 ASP A CB  
571 C CG  . ASP A 74  ? 0.7935 0.6587 0.6553 -0.1071 0.1314  0.0381  1867 ASP A CG  
572 O OD1 . ASP A 74  ? 0.8025 0.6597 0.6421 -0.1185 0.1357  0.0428  1867 ASP A OD1 
573 O OD2 . ASP A 74  ? 0.8106 0.6720 0.6829 -0.0989 0.1239  0.0461  1867 ASP A OD2 
574 N N   . ASN A 75  ? 0.6644 0.5857 0.5511 -0.1042 0.1388  -0.0002 1868 ASN A N   
575 C CA  . ASN A 75  ? 0.6541 0.5901 0.5457 -0.1046 0.1403  -0.0093 1868 ASN A CA  
576 C C   . ASN A 75  ? 0.6531 0.5890 0.5354 -0.1105 0.1434  -0.0052 1868 ASN A C   
577 O O   . ASN A 75  ? 0.6522 0.5897 0.5409 -0.1119 0.1450  -0.0085 1868 ASN A O   
578 C CB  . ASN A 75  ? 0.6667 0.6221 0.5609 -0.1017 0.1372  -0.0148 1868 ASN A CB  
579 C CG  . ASN A 75  ? 0.7047 0.6640 0.6170 -0.0963 0.1368  -0.0246 1868 ASN A CG  
580 O OD1 . ASN A 75  ? 0.7312 0.6776 0.6549 -0.0941 0.1386  -0.0261 1868 ASN A OD1 
581 N ND2 . ASN A 75  ? 0.7223 0.6991 0.6395 -0.0954 0.1364  -0.0326 1868 ASN A ND2 
582 N N   . CYS A 76  ? 0.6584 0.5938 0.5286 -0.1141 0.1446  0.0014  1869 CYS A N   
583 C CA  . CYS A 76  ? 0.6616 0.5967 0.5277 -0.1197 0.1499  0.0045  1869 CYS A CA  
584 C C   . CYS A 76  ? 0.6637 0.5841 0.5355 -0.1240 0.1560  0.0045  1869 CYS A C   
585 O O   . CYS A 76  ? 0.6520 0.5750 0.5339 -0.1246 0.1584  0.0039  1869 CYS A O   
586 C CB  . CYS A 76  ? 0.6679 0.6038 0.5215 -0.1249 0.1526  0.0086  1869 CYS A CB  
587 S SG  . CYS A 76  ? 0.6848 0.6189 0.5387 -0.1323 0.1627  0.0107  1869 CYS A SG  
588 N N   . GLN A 77  ? 0.6819 0.5873 0.5490 -0.1274 0.1585  0.0057  1870 GLN A N   
589 C CA  . GLN A 77  ? 0.6993 0.5897 0.5721 -0.1334 0.1666  0.0034  1870 GLN A CA  
590 C C   . GLN A 77  ? 0.7159 0.6086 0.6067 -0.1286 0.1650  -0.0039 1870 GLN A C   
591 O O   . GLN A 77  ? 0.7167 0.6061 0.6208 -0.1319 0.1705  -0.0082 1870 GLN A O   
592 C CB  . GLN A 77  ? 0.7182 0.5906 0.5756 -0.1407 0.1706  0.0077  1870 GLN A CB  
593 C CG  . GLN A 77  ? 0.7235 0.5951 0.5625 -0.1503 0.1744  0.0123  1870 GLN A CG  
594 C CD  . GLN A 77  ? 0.7446 0.6058 0.5625 -0.1556 0.1715  0.0203  1870 GLN A CD  
595 O OE1 . GLN A 77  ? 0.7523 0.6202 0.5664 -0.1481 0.1604  0.0265  1870 GLN A OE1 
596 N NE2 . GLN A 77  ? 0.7568 0.6018 0.5616 -0.1689 0.1816  0.0205  1870 GLN A NE2 
597 N N   . THR A 78  ? 0.7242 0.6240 0.6186 -0.1217 0.1584  -0.0070 1871 THR A N   
598 C CA  . THR A 78  ? 0.7184 0.6235 0.6296 -0.1193 0.1576  -0.0168 1871 THR A CA  
599 C C   . THR A 78  ? 0.7099 0.6342 0.6307 -0.1182 0.1536  -0.0195 1871 THR A C   
600 O O   . THR A 78  ? 0.7178 0.6451 0.6542 -0.1197 0.1546  -0.0257 1871 THR A O   
601 C CB  . THR A 78  ? 0.7212 0.6315 0.6363 -0.1137 0.1536  -0.0220 1871 THR A CB  
602 O OG1 . THR A 78  ? 0.7591 0.6516 0.6681 -0.1129 0.1553  -0.0154 1871 THR A OG1 
603 C CG2 . THR A 78  ? 0.6888 0.6040 0.6216 -0.1139 0.1555  -0.0350 1871 THR A CG2 
604 N N   . PHE A 79  ? 0.6898 0.6273 0.6021 -0.1159 0.1485  -0.0142 1872 PHE A N   
605 C CA  . PHE A 79  ? 0.6851 0.6411 0.6031 -0.1145 0.1424  -0.0133 1872 PHE A CA  
606 C C   . PHE A 79  ? 0.6908 0.6434 0.6141 -0.1158 0.1452  -0.0044 1872 PHE A C   
607 O O   . PHE A 79  ? 0.6846 0.6482 0.6216 -0.1141 0.1403  -0.0024 1872 PHE A O   
608 C CB  . PHE A 79  ? 0.6943 0.6660 0.5995 -0.1126 0.1367  -0.0128 1872 PHE A CB  
609 C CG  . PHE A 79  ? 0.7056 0.6980 0.6117 -0.1126 0.1289  -0.0120 1872 PHE A CG  
610 C CD1 . PHE A 79  ? 0.7001 0.7081 0.6110 -0.1140 0.1240  -0.0230 1872 PHE A CD1 
611 C CD2 . PHE A 79  ? 0.7164 0.7128 0.6183 -0.1122 0.1265  0.0003  1872 PHE A CD2 
612 C CE1 . PHE A 79  ? 0.7164 0.7461 0.6239 -0.1159 0.1149  -0.0211 1872 PHE A CE1 
613 C CE2 . PHE A 79  ? 0.7225 0.7376 0.6226 -0.1125 0.1171  0.0049  1872 PHE A CE2 
614 C CZ  . PHE A 79  ? 0.7258 0.7592 0.6269 -0.1147 0.1103  -0.0055 1872 PHE A CZ  
615 N N   . ASN A 80  ? 0.8265 0.8627 0.6852 -0.1158 0.0465  -0.2334 1873 ASN A N   
616 C CA  . ASN A 80  ? 0.8485 0.8628 0.6798 -0.1020 0.0345  -0.2121 1873 ASN A CA  
617 C C   . ASN A 80  ? 0.8165 0.8309 0.6917 -0.0948 0.0371  -0.2112 1873 ASN A C   
618 O O   . ASN A 80  ? 0.7729 0.7862 0.6821 -0.1042 0.0544  -0.2149 1873 ASN A O   
619 C CB  . ASN A 80  ? 0.8723 0.8502 0.6589 -0.1096 0.0473  -0.1899 1873 ASN A CB  
620 C CG  . ASN A 80  ? 0.9278 0.8983 0.6655 -0.1168 0.0478  -0.1901 1873 ASN A CG  
621 O OD1 . ASN A 80  ? 1.0033 0.9594 0.6923 -0.1072 0.0344  -0.1820 1873 ASN A OD1 
622 N ND2 . ASN A 80  ? 0.8983 0.8768 0.6480 -0.1326 0.0653  -0.1984 1873 ASN A ND2 
623 N N   . GLU A 81  ? 0.8479 0.8619 0.7210 -0.0769 0.0213  -0.2052 1874 GLU A N   
624 C CA  . GLU A 81  ? 0.8373 0.8440 0.7477 -0.0702 0.0276  -0.2033 1874 GLU A CA  
625 C C   . GLU A 81  ? 0.8108 0.7756 0.7008 -0.0815 0.0487  -0.1845 1874 GLU A C   
626 O O   . GLU A 81  ? 0.8402 0.7802 0.6822 -0.0884 0.0535  -0.1691 1874 GLU A O   
627 C CB  . GLU A 81  ? 0.9084 0.9198 0.8187 -0.0455 0.0089  -0.1960 1874 GLU A CB  
628 C CG  . GLU A 81  ? 0.9765 1.0381 0.8997 -0.0341 -0.0187 -0.2123 1874 GLU A CG  
629 C CD  . GLU A 81  ? 0.9991 1.1026 0.9928 -0.0262 -0.0255 -0.2336 1874 GLU A CD  
630 O OE1 . GLU A 81  ? 0.9785 1.0726 1.0133 -0.0368 -0.0036 -0.2429 1874 GLU A OE1 
631 O OE2 . GLU A 81  ? 1.0343 1.1823 1.0419 -0.0102 -0.0527 -0.2414 1874 GLU A OE2 
632 N N   . ASP A 82  ? 0.7602 0.7180 0.6851 -0.0863 0.0625  -0.1880 1875 ASP A N   
633 C CA  . ASP A 82  ? 0.7386 0.6618 0.6429 -0.1007 0.0812  -0.1728 1875 ASP A CA  
634 C C   . ASP A 82  ? 0.7833 0.6684 0.6449 -0.0959 0.0844  -0.1548 1875 ASP A C   
635 O O   . ASP A 82  ? 0.7985 0.6562 0.6260 -0.1128 0.0985  -0.1428 1875 ASP A O   
636 C CB  . ASP A 82  ? 0.7026 0.6219 0.6463 -0.1070 0.0959  -0.1809 1875 ASP A CB  
637 C CG  . ASP A 82  ? 0.6622 0.6064 0.6408 -0.1138 0.1013  -0.1953 1875 ASP A CG  
638 O OD1 . ASP A 82  ? 0.6855 0.6377 0.6501 -0.1217 0.1026  -0.1904 1875 ASP A OD1 
639 O OD2 . ASP A 82  ? 0.6504 0.6039 0.6721 -0.1114 0.1075  -0.2119 1875 ASP A OD2 
640 N N   . ASP A 83  ? 0.8136 0.6974 0.6766 -0.0733 0.0727  -0.1525 1876 ASP A N   
641 C CA  . ASP A 83  ? 0.8784 0.7179 0.7017 -0.0643 0.0807  -0.1334 1876 ASP A CA  
642 C C   . ASP A 83  ? 0.9276 0.7572 0.6991 -0.0535 0.0688  -0.1204 1876 ASP A C   
643 O O   . ASP A 83  ? 0.9974 0.7869 0.7331 -0.0404 0.0756  -0.1028 1876 ASP A O   
644 C CB  . ASP A 83  ? 0.8954 0.7322 0.7560 -0.0419 0.0807  -0.1342 1876 ASP A CB  
645 C CG  . ASP A 83  ? 0.9213 0.8053 0.8139 -0.0151 0.0519  -0.1419 1876 ASP A CG  
646 O OD1 . ASP A 83  ? 0.9149 0.8378 0.8108 -0.0199 0.0345  -0.1542 1876 ASP A OD1 
647 O OD2 . ASP A 83  ? 0.9469 0.8318 0.8633 0.0104  0.0474  -0.1364 1876 ASP A OD2 
648 N N   . SER A 84  ? 0.8885 0.7477 0.6516 -0.0590 0.0553  -0.1284 1877 SER A N   
649 C CA  . SER A 84  ? 0.9124 0.7559 0.6173 -0.0541 0.0483  -0.1170 1877 SER A CA  
650 C C   . SER A 84  ? 0.9218 0.7266 0.5801 -0.0783 0.0720  -0.1074 1877 SER A C   
651 O O   . SER A 84  ? 0.9005 0.7070 0.5761 -0.1005 0.0870  -0.1123 1877 SER A O   
652 C CB  . SER A 84  ? 0.8821 0.7694 0.5936 -0.0551 0.0292  -0.1326 1877 SER A CB  
653 O OG  . SER A 84  ? 0.8424 0.7444 0.5710 -0.0796 0.0416  -0.1449 1877 SER A OG  
654 N N   . GLU A 85  ? 0.9837 0.7551 0.5806 -0.0745 0.0750  -0.0939 1878 GLU A N   
655 C CA  . GLU A 85  ? 1.0380 0.7732 0.5902 -0.0999 0.1001  -0.0879 1878 GLU A CA  
656 C C   . GLU A 85  ? 1.0088 0.7804 0.5826 -0.1253 0.1032  -0.1025 1878 GLU A C   
657 O O   . GLU A 85  ? 1.0202 0.7903 0.5999 -0.1493 0.1202  -0.1039 1878 GLU A O   
658 C CB  . GLU A 85  ? 1.1410 0.8318 0.6215 -0.0912 0.1050  -0.0728 1878 GLU A CB  
659 C CG  . GLU A 85  ? 1.2506 0.8869 0.6995 -0.0697 0.1153  -0.0522 1878 GLU A CG  
660 C CD  . GLU A 85  ? 1.3110 0.9047 0.7507 -0.0926 0.1493  -0.0500 1878 GLU A CD  
661 O OE1 . GLU A 85  ? 1.3210 0.9104 0.7439 -0.1263 0.1680  -0.0582 1878 GLU A OE1 
662 O OE2 . GLU A 85  ? 1.3430 0.9100 0.7942 -0.0784 0.1583  -0.0417 1878 GLU A OE2 
663 N N   . VAL A 86  ? 0.9690 0.7757 0.5557 -0.1203 0.0875  -0.1135 1879 VAL A N   
664 C CA  . VAL A 86  ? 0.9271 0.7678 0.5424 -0.1397 0.0934  -0.1264 1879 VAL A CA  
665 C C   . VAL A 86  ? 0.8881 0.7583 0.5645 -0.1438 0.0936  -0.1330 1879 VAL A C   
666 O O   . VAL A 86  ? 0.8712 0.7553 0.5654 -0.1614 0.1053  -0.1332 1879 VAL A O   
667 C CB  . VAL A 86  ? 0.9272 0.7919 0.5403 -0.1346 0.0816  -0.1390 1879 VAL A CB  
668 C CG1 . VAL A 86  ? 0.8418 0.7451 0.5048 -0.1475 0.0887  -0.1539 1879 VAL A CG1 
669 C CG2 . VAL A 86  ? 0.9471 0.7796 0.4925 -0.1395 0.0886  -0.1327 1879 VAL A CG2 
670 N N   . GLY A 87  ? 0.8840 0.7653 0.5933 -0.1270 0.0812  -0.1379 1880 GLY A N   
671 C CA  . GLY A 87  ? 0.8561 0.7568 0.6172 -0.1310 0.0849  -0.1441 1880 GLY A CA  
672 C C   . GLY A 87  ? 0.8773 0.7555 0.6286 -0.1464 0.1001  -0.1330 1880 GLY A C   
673 O O   . GLY A 87  ? 0.8800 0.7751 0.6526 -0.1604 0.1073  -0.1329 1880 GLY A O   
674 N N   . LYS A 88  ? 0.8982 0.7376 0.6144 -0.1441 0.1062  -0.1229 1881 LYS A N   
675 C CA  . LYS A 88  ? 0.9021 0.7163 0.6022 -0.1641 0.1242  -0.1160 1881 LYS A CA  
676 C C   . LYS A 88  ? 0.9132 0.7380 0.5940 -0.1901 0.1337  -0.1139 1881 LYS A C   
677 O O   . LYS A 88  ? 0.9303 0.7615 0.6153 -0.2109 0.1422  -0.1125 1881 LYS A O   
678 C CB  . LYS A 88  ? 0.9329 0.6956 0.5945 -0.1574 0.1356  -0.1065 1881 LYS A CB  
679 C CG  . LYS A 88  ? 0.9225 0.6774 0.6126 -0.1323 0.1297  -0.1072 1881 LYS A CG  
680 C CD  . LYS A 88  ? 0.9836 0.6823 0.6374 -0.1247 0.1472  -0.0946 1881 LYS A CD  
681 C CE  . LYS A 88  ? 1.0293 0.7103 0.6458 -0.1014 0.1385  -0.0825 1881 LYS A CE  
682 N NZ  . LYS A 88  ? 1.0776 0.7217 0.6900 -0.0730 0.1441  -0.0695 1881 LYS A NZ  
683 N N   . ALA A 89  ? 0.9020 0.7315 0.5617 -0.1905 0.1323  -0.1144 1882 ALA A N   
684 C CA  . ALA A 89  ? 0.8769 0.7234 0.5275 -0.2150 0.1424  -0.1147 1882 ALA A CA  
685 C C   . ALA A 89  ? 0.8228 0.7219 0.5248 -0.2158 0.1348  -0.1189 1882 ALA A C   
686 O O   . ALA A 89  ? 0.8136 0.7392 0.5274 -0.2345 0.1400  -0.1163 1882 ALA A O   
687 C CB  . ALA A 89  ? 0.9033 0.7303 0.5116 -0.2167 0.1492  -0.1149 1882 ALA A CB  
688 N N   . GLY A 90  ? 0.7804 0.6963 0.5144 -0.1957 0.1236  -0.1253 1883 GLY A N   
689 C CA  . GLY A 90  ? 0.7401 0.6964 0.5229 -0.1937 0.1222  -0.1283 1883 GLY A CA  
690 C C   . GLY A 90  ? 0.7387 0.7060 0.5470 -0.1978 0.1222  -0.1214 1883 GLY A C   
691 O O   . GLY A 90  ? 0.7224 0.7214 0.5592 -0.2015 0.1240  -0.1157 1883 GLY A O   
692 N N   . HIS A 91  ? 0.7655 0.7053 0.5626 -0.1963 0.1215  -0.1208 1884 HIS A N   
693 C CA  . HIS A 91  ? 0.7732 0.7157 0.5841 -0.2037 0.1242  -0.1149 1884 HIS A CA  
694 C C   . HIS A 91  ? 0.8127 0.7637 0.5990 -0.2293 0.1289  -0.1057 1884 HIS A C   
695 O O   . HIS A 91  ? 0.8242 0.8018 0.6262 -0.2367 0.1267  -0.0975 1884 HIS A O   
696 C CB  . HIS A 91  ? 0.7046 0.6126 0.5105 -0.1973 0.1267  -0.1194 1884 HIS A CB  
697 C CG  . HIS A 91  ? 0.6859 0.5993 0.5302 -0.1762 0.1219  -0.1306 1884 HIS A CG  
698 N ND1 . HIS A 91  ? 0.6616 0.5973 0.5440 -0.1707 0.1233  -0.1337 1884 HIS A ND1 
699 C CD2 . HIS A 91  ? 0.6923 0.5941 0.5440 -0.1599 0.1167  -0.1404 1884 HIS A CD2 
700 C CE1 . HIS A 91  ? 0.6532 0.5893 0.5641 -0.1561 0.1216  -0.1485 1884 HIS A CE1 
701 N NE2 . HIS A 91  ? 0.6694 0.5908 0.5648 -0.1493 0.1150  -0.1530 1884 HIS A NE2 
702 N N   . ILE A 92  ? 0.8206 0.7500 0.5662 -0.2439 0.1361  -0.1070 1885 ILE A N   
703 C CA  . ILE A 92  ? 0.8159 0.7583 0.5381 -0.2739 0.1427  -0.1036 1885 ILE A CA  
704 C C   . ILE A 92  ? 0.7907 0.7898 0.5436 -0.2770 0.1360  -0.0996 1885 ILE A C   
705 O O   . ILE A 92  ? 0.8033 0.8397 0.5661 -0.2924 0.1315  -0.0926 1885 ILE A O   
706 C CB  . ILE A 92  ? 0.8380 0.7397 0.5106 -0.2887 0.1579  -0.1084 1885 ILE A CB  
707 C CG1 . ILE A 92  ? 0.8550 0.7005 0.5023 -0.2833 0.1677  -0.1092 1885 ILE A CG1 
708 C CG2 . ILE A 92  ? 0.8425 0.7641 0.4946 -0.3245 0.1673  -0.1104 1885 ILE A CG2 
709 C CD1 . ILE A 92  ? 0.8884 0.6828 0.4846 -0.2926 0.1872  -0.1105 1885 ILE A CD1 
710 N N   . MET A 93  ? 0.7535 0.7615 0.5225 -0.2617 0.1353  -0.1036 1886 MET A N   
711 C CA  . MET A 93  ? 0.7454 0.8048 0.5494 -0.2624 0.1339  -0.1006 1886 MET A CA  
712 C C   . MET A 93  ? 0.7257 0.8191 0.5776 -0.2457 0.1252  -0.0900 1886 MET A C   
713 O O   . MET A 93  ? 0.7286 0.8709 0.6091 -0.2495 0.1214  -0.0800 1886 MET A O   
714 C CB  . MET A 93  ? 0.7513 0.8033 0.5563 -0.2520 0.1403  -0.1096 1886 MET A CB  
715 C CG  . MET A 93  ? 0.8114 0.8360 0.5687 -0.2705 0.1527  -0.1168 1886 MET A CG  
716 S SD  . MET A 93  ? 0.8648 0.9234 0.6154 -0.3070 0.1611  -0.1167 1886 MET A SD  
717 C CE  . MET A 93  ? 0.8412 0.9760 0.6618 -0.2994 0.1564  -0.1122 1886 MET A CE  
718 N N   . ARG A 94  ? 0.7144 0.7830 0.5769 -0.2264 0.1232  -0.0916 1887 ARG A N   
719 C CA  . ARG A 94  ? 0.6796 0.7690 0.5836 -0.2094 0.1212  -0.0819 1887 ARG A CA  
720 C C   . ARG A 94  ? 0.6877 0.7926 0.5851 -0.2205 0.1145  -0.0666 1887 ARG A C   
721 O O   . ARG A 94  ? 0.6484 0.7916 0.5749 -0.2128 0.1102  -0.0506 1887 ARG A O   
722 C CB  . ARG A 94  ? 0.6488 0.7061 0.5644 -0.1909 0.1247  -0.0922 1887 ARG A CB  
723 C CG  . ARG A 94  ? 0.6263 0.6944 0.5826 -0.1731 0.1302  -0.0849 1887 ARG A CG  
724 C CD  . ARG A 94  ? 0.6219 0.6590 0.5892 -0.1611 0.1366  -0.1005 1887 ARG A CD  
725 N NE  . ARG A 94  ? 0.6822 0.6892 0.6207 -0.1696 0.1320  -0.1074 1887 ARG A NE  
726 C CZ  . ARG A 94  ? 0.6947 0.6875 0.6182 -0.1783 0.1325  -0.0988 1887 ARG A CZ  
727 N NH1 . ARG A 94  ? 0.6444 0.6524 0.5738 -0.1795 0.1336  -0.0812 1887 ARG A NH1 
728 N NH2 . ARG A 94  ? 0.6509 0.6132 0.5522 -0.1851 0.1331  -0.1072 1887 ARG A NH2 
729 N N   . ARG A 95  ? 0.7115 0.7859 0.5693 -0.2379 0.1144  -0.0701 1888 ARG A N   
730 C CA  . ARG A 95  ? 0.7351 0.8230 0.5756 -0.2553 0.1089  -0.0581 1888 ARG A CA  
731 C C   . ARG A 95  ? 0.6955 0.8374 0.5350 -0.2753 0.1008  -0.0509 1888 ARG A C   
732 O O   . ARG A 95  ? 0.7003 0.8843 0.5511 -0.2774 0.0895  -0.0343 1888 ARG A O   
733 C CB  . ARG A 95  ? 0.7115 0.7505 0.5078 -0.2738 0.1165  -0.0672 1888 ARG A CB  
734 C CG  . ARG A 95  ? 0.7062 0.7023 0.5111 -0.2558 0.1238  -0.0730 1888 ARG A CG  
735 C CD  . ARG A 95  ? 0.7339 0.6840 0.5006 -0.2742 0.1347  -0.0805 1888 ARG A CD  
736 N NE  . ARG A 95  ? 0.7492 0.6714 0.4899 -0.2827 0.1427  -0.0914 1888 ARG A NE  
737 C CZ  . ARG A 95  ? 0.7548 0.6419 0.5006 -0.2655 0.1487  -0.1008 1888 ARG A CZ  
738 N NH1 . ARG A 95  ? 0.7428 0.6239 0.5226 -0.2428 0.1473  -0.1052 1888 ARG A NH1 
739 N NH2 . ARG A 95  ? 0.7718 0.6310 0.4890 -0.2706 0.1567  -0.1057 1888 ARG A NH2 
740 N N   . PHE A 96  ? 0.7008 0.8446 0.5277 -0.2898 0.1066  -0.0629 1889 PHE A N   
741 C CA  . PHE A 96  ? 0.7081 0.9084 0.5410 -0.3113 0.1018  -0.0610 1889 PHE A CA  
742 C C   . PHE A 96  ? 0.6858 0.9470 0.5768 -0.2892 0.0922  -0.0458 1889 PHE A C   
743 O O   . PHE A 96  ? 0.6910 1.0128 0.5988 -0.2978 0.0789  -0.0327 1889 PHE A O   
744 C CB  . PHE A 96  ? 0.7214 0.9031 0.5319 -0.3281 0.1161  -0.0784 1889 PHE A CB  
745 C CG  . PHE A 96  ? 0.7304 0.9704 0.5512 -0.3538 0.1157  -0.0818 1889 PHE A CG  
746 C CD1 . PHE A 96  ? 0.7587 1.0152 0.5479 -0.3919 0.1155  -0.0874 1889 PHE A CD1 
747 C CD2 . PHE A 96  ? 0.7141 0.9936 0.5776 -0.3426 0.1181  -0.0823 1889 PHE A CD2 
748 C CE1 . PHE A 96  ? 0.7684 1.0864 0.5717 -0.4190 0.1152  -0.0941 1889 PHE A CE1 
749 C CE2 . PHE A 96  ? 0.7225 1.0610 0.6032 -0.3671 0.1193  -0.0877 1889 PHE A CE2 
750 C CZ  . PHE A 96  ? 0.7485 1.1097 0.6006 -0.4056 0.1167  -0.0941 1889 PHE A CZ  
751 N N   . PHE A 97  ? 0.7725 1.0206 0.6961 -0.2602 0.0997  -0.0471 1890 PHE A N   
752 C CA  . PHE A 97  ? 0.7522 1.0500 0.7340 -0.2368 0.0976  -0.0327 1890 PHE A CA  
753 C C   . PHE A 97  ? 0.7703 1.0867 0.7691 -0.2195 0.0862  -0.0084 1890 PHE A C   
754 O O   . PHE A 97  ? 0.7877 1.1656 0.8200 -0.2128 0.0754  0.0111  1890 PHE A O   
755 C CB  . PHE A 97  ? 0.7186 0.9891 0.7253 -0.2130 0.1133  -0.0424 1890 PHE A CB  
756 C CG  . PHE A 97  ? 0.6236 0.9317 0.6909 -0.1857 0.1182  -0.0274 1890 PHE A CG  
757 C CD1 . PHE A 97  ? 0.6217 0.9878 0.7283 -0.1869 0.1197  -0.0223 1890 PHE A CD1 
758 C CD2 . PHE A 97  ? 0.6514 0.9370 0.7391 -0.1590 0.1242  -0.0177 1890 PHE A CD2 
759 C CE1 . PHE A 97  ? 0.6164 1.0165 0.7838 -0.1583 0.1272  -0.0060 1890 PHE A CE1 
760 C CE2 . PHE A 97  ? 0.6186 0.9319 0.7612 -0.1321 0.1339  -0.0016 1890 PHE A CE2 
761 C CZ  . PHE A 97  ? 0.6167 0.9874 0.8005 -0.1298 0.1351  0.0056  1890 PHE A CZ  
762 N N   . GLU A 98  ? 0.7693 1.0334 0.7465 -0.2110 0.0897  -0.0087 1891 GLU A N   
763 C CA  . GLU A 98  ? 0.7673 1.0367 0.7514 -0.1954 0.0833  0.0145  1891 GLU A CA  
764 C C   . GLU A 98  ? 0.7698 1.0766 0.7244 -0.2193 0.0643  0.0279  1891 GLU A C   
765 O O   . GLU A 98  ? 0.7536 1.1039 0.7259 -0.2064 0.0514  0.0543  1891 GLU A O   
766 C CB  . GLU A 98  ? 0.7880 0.9905 0.7537 -0.1868 0.0952  0.0062  1891 GLU A CB  
767 C CG  . GLU A 98  ? 0.7931 0.9686 0.7934 -0.1620 0.1129  -0.0053 1891 GLU A CG  
768 C CD  . GLU A 98  ? 0.8171 0.9371 0.8079 -0.1541 0.1250  -0.0141 1891 GLU A CD  
769 O OE1 . GLU A 98  ? 0.8374 0.9339 0.7924 -0.1687 0.1212  -0.0133 1891 GLU A OE1 
770 O OE2 . GLU A 98  ? 0.8078 0.9083 0.8277 -0.1361 0.1409  -0.0242 1891 GLU A OE2 
771 N N   . SER A 99  ? 0.8040 1.0948 0.7115 -0.2545 0.0630  0.0107  1892 SER A N   
772 C CA  . SER A 99  ? 0.8520 1.1772 0.7250 -0.2848 0.0475  0.0180  1892 SER A CA  
773 C C   . SER A 99  ? 0.8481 1.2636 0.7557 -0.2890 0.0298  0.0303  1892 SER A C   
774 O O   . SER A 99  ? 0.8744 1.3411 0.7750 -0.2969 0.0094  0.0493  1892 SER A O   
775 C CB  . SER A 99  ? 0.8965 1.1821 0.7151 -0.3238 0.0574  -0.0069 1892 SER A CB  
776 O OG  . SER A 99  ? 0.9519 1.2845 0.7430 -0.3609 0.0451  -0.0069 1892 SER A OG  
777 N N   . ARG A 100 ? 0.8162 1.2556 0.7626 -0.2835 0.0373  0.0200  1893 ARG A N   
778 C CA  . ARG A 100 ? 0.8214 1.3510 0.8086 -0.2894 0.0235  0.0278  1893 ARG A CA  
779 C C   . ARG A 100 ? 0.8049 1.3779 0.8589 -0.2447 0.0181  0.0556  1893 ARG A C   
780 O O   . ARG A 100 ? 0.8188 1.4745 0.9078 -0.2404 -0.0016 0.0754  1893 ARG A O   
781 C CB  . ARG A 100 ? 0.8189 1.3516 0.8100 -0.3123 0.0387  0.0004  1893 ARG A CB  
782 C CG  . ARG A 100 ? 0.8413 1.4702 0.8756 -0.3259 0.0274  0.0022  1893 ARG A CG  
783 C CD  . ARG A 100 ? 0.8956 1.5508 0.8864 -0.3796 0.0225  -0.0169 1893 ARG A CD  
784 N NE  . ARG A 100 ? 0.9292 1.5239 0.8794 -0.4085 0.0493  -0.0483 1893 ARG A NE  
785 C CZ  . ARG A 100 ? 0.9759 1.5766 0.8851 -0.4574 0.0560  -0.0701 1893 ARG A CZ  
786 N NH1 . ARG A 100 ? 1.0079 1.6778 0.9116 -0.4859 0.0353  -0.0669 1893 ARG A NH1 
787 N NH2 . ARG A 100 ? 0.9908 1.5269 0.8615 -0.4783 0.0845  -0.0950 1893 ARG A NH2 
788 N N   . TRP A 101 ? 0.7855 1.3054 0.8594 -0.2112 0.0361  0.0579  1894 TRP A N   
789 C CA  . TRP A 101 ? 0.7846 1.3312 0.9170 -0.1678 0.0378  0.0853  1894 TRP A CA  
790 C C   . TRP A 101 ? 0.8281 1.4002 0.9502 -0.1548 0.0168  0.1193  1894 TRP A C   
791 O O   . TRP A 101 ? 0.8318 1.4655 1.0021 -0.1271 0.0060  0.1491  1894 TRP A O   
792 C CB  . TRP A 101 ? 0.7582 1.2321 0.9020 -0.1415 0.0651  0.0765  1894 TRP A CB  
793 C CG  . TRP A 101 ? 0.7529 1.2412 0.9537 -0.0978 0.0751  0.1030  1894 TRP A CG  
794 C CD1 . TRP A 101 ? 0.7757 1.2398 0.9740 -0.0709 0.0769  0.1292  1894 TRP A CD1 
795 C CD2 . TRP A 101 ? 0.7349 1.2570 1.0019 -0.0755 0.0908  0.1059  1894 TRP A CD2 
796 N NE1 . TRP A 101 ? 0.7774 1.2561 1.0364 -0.0317 0.0933  0.1496  1894 TRP A NE1 
797 C CE2 . TRP A 101 ? 0.7513 1.2669 1.0555 -0.0338 0.1024  0.1352  1894 TRP A CE2 
798 C CE3 . TRP A 101 ? 0.7135 1.2658 1.0106 -0.0874 0.1001  0.0859  1894 TRP A CE3 
799 C CZ2 . TRP A 101 ? 0.7457 1.2847 1.1193 -0.0029 0.1237  0.1451  1894 TRP A CZ2 
800 C CZ3 . TRP A 101 ? 0.7099 1.2876 1.0754 -0.0589 0.1203  0.0942  1894 TRP A CZ3 
801 C CH2 . TRP A 101 ? 0.7259 1.2972 1.1309 -0.0165 0.1322  0.1236  1894 TRP A CH2 
802 N N   . GLU A 102 ? 0.8703 1.3934 0.9295 -0.1723 0.0126  0.1168  1895 GLU A N   
803 C CA  . GLU A 102 ? 0.9233 1.4645 0.9588 -0.1644 -0.0066 0.1486  1895 GLU A CA  
804 C C   . GLU A 102 ? 0.9271 1.5581 0.9536 -0.1917 -0.0386 0.1575  1895 GLU A C   
805 O O   . GLU A 102 ? 0.9546 1.6376 0.9863 -0.1755 -0.0614 0.1921  1895 GLU A O   
806 C CB  . GLU A 102 ? 0.9731 1.4319 0.9428 -0.1786 0.0028  0.1400  1895 GLU A CB  
807 C CG  . GLU A 102 ? 0.9850 1.3592 0.9611 -0.1620 0.0335  0.1213  1895 GLU A CG  
808 C CD  . GLU A 102 ? 1.0213 1.3598 1.0141 -0.1227 0.0477  0.1453  1895 GLU A CD  
809 O OE1 . GLU A 102 ? 1.0083 1.2900 1.0182 -0.1077 0.0740  0.1292  1895 GLU A OE1 
810 O OE2 . GLU A 102 ? 1.0633 1.4299 1.0496 -0.1077 0.0335  0.1800  1895 GLU A OE2 
811 N N   . GLU A 103 ? 0.9047 1.5565 0.9168 -0.2335 -0.0399 0.1270  1896 GLU A N   
812 C CA  . GLU A 103 ? 0.9209 1.6634 0.9274 -0.2664 -0.0674 0.1282  1896 GLU A CA  
813 C C   . GLU A 103 ? 0.9101 1.7559 0.9963 -0.2403 -0.0841 0.1500  1896 GLU A C   
814 O O   . GLU A 103 ? 0.9372 1.8759 1.0293 -0.2589 -0.1136 0.1598  1896 GLU A O   
815 C CB  . GLU A 103 ? 0.9213 1.6492 0.8936 -0.3184 -0.0555 0.0866  1896 GLU A CB  
816 C CG  . GLU A 103 ? 0.9694 1.7772 0.9186 -0.3665 -0.0782 0.0780  1896 GLU A CG  
817 C CD  . GLU A 103 ? 1.0368 1.8704 0.9411 -0.3741 -0.1058 0.1025  1896 GLU A CD  
818 O OE1 . GLU A 103 ? 1.0584 1.9969 0.9841 -0.3806 -0.1377 0.1193  1896 GLU A OE1 
819 O OE2 . GLU A 103 ? 1.0628 1.8141 0.9103 -0.3745 -0.0956 0.1046  1896 GLU A OE2 
820 N N   . PHE A 104 ? 0.8740 1.7097 1.0240 -0.1988 -0.0654 0.1574  1897 PHE A N   
821 C CA  . PHE A 104 ? 0.8640 1.7907 1.0966 -0.1640 -0.0773 0.1848  1897 PHE A CA  
822 C C   . PHE A 104 ? 0.8890 1.8048 1.1438 -0.1088 -0.0797 0.2297  1897 PHE A C   
823 O O   . PHE A 104 ? 0.9204 1.9219 1.2178 -0.0832 -0.1043 0.2654  1897 PHE A O   
824 C CB  . PHE A 104 ? 0.8167 1.7452 1.1120 -0.1547 -0.0499 0.1636  1897 PHE A CB  
825 C CG  . PHE A 104 ? 0.7943 1.7252 1.0688 -0.2051 -0.0411 0.1207  1897 PHE A CG  
826 C CD1 . PHE A 104 ? 0.7973 1.8249 1.0896 -0.2381 -0.0610 0.1120  1897 PHE A CD1 
827 C CD2 . PHE A 104 ? 0.7730 1.6111 1.0121 -0.2183 -0.0113 0.0895  1897 PHE A CD2 
828 C CE1 . PHE A 104 ? 0.7860 1.8077 1.0568 -0.2856 -0.0465 0.0717  1897 PHE A CE1 
829 C CE2 . PHE A 104 ? 0.7626 1.5944 0.9774 -0.2616 0.0001  0.0537  1897 PHE A CE2 
830 C CZ  . PHE A 104 ? 0.7707 1.6895 1.0003 -0.2956 -0.0146 0.0443  1897 PHE A CZ  
831 N N   . TYR A 105 ? 0.8741 1.6872 1.1021 -0.0893 -0.0533 0.2291  1898 TYR A N   
832 C CA  . TYR A 105 ? 0.8730 1.6604 1.1236 -0.0364 -0.0445 0.2683  1898 TYR A CA  
833 C C   . TYR A 105 ? 0.8851 1.6092 1.0594 -0.0398 -0.0495 0.2826  1898 TYR A C   
834 O O   . TYR A 105 ? 0.9060 1.6760 1.0453 -0.0486 -0.0813 0.3065  1898 TYR A O   
835 C CB  . TYR A 105 ? 0.8456 1.5662 1.1378 -0.0084 -0.0022 0.2551  1898 TYR A CB  
836 C CG  . TYR A 105 ? 0.8143 1.5889 1.1813 -0.0024 0.0089  0.2423  1898 TYR A CG  
837 C CD1 . TYR A 105 ? 0.8246 1.6393 1.2701 0.0449  0.0196  0.2720  1898 TYR A CD1 
838 C CD2 . TYR A 105 ? 0.7806 1.5609 1.1390 -0.0434 0.0127  0.2009  1898 TYR A CD2 
839 C CE1 . TYR A 105 ? 0.7949 1.6573 1.3113 0.0489  0.0339  0.2584  1898 TYR A CE1 
840 C CE2 . TYR A 105 ? 0.7572 1.5821 1.1802 -0.0406 0.0265  0.1877  1898 TYR A CE2 
841 C CZ  . TYR A 105 ? 0.7571 1.6242 1.2603 0.0045  0.0373  0.2152  1898 TYR A CZ  
842 O OH  . TYR A 105 ? 0.7288 1.6379 1.2980 0.0059  0.0552  0.2000  1898 TYR A OH  
# 
